data_1D1T
#
_entry.id   1D1T
#
_cell.length_a   85.9
_cell.length_b   90.5
_cell.length_c   119.8
_cell.angle_alpha   90.
_cell.angle_beta   99.3
_cell.angle_gamma   90.
#
_symmetry.space_group_name_H-M   'P 1 21 1'
#
loop_
_entity.id
_entity.type
_entity.pdbx_description
1 polymer 'ALCOHOL DEHYDROGENASE CLASS IV SIGMA CHAIN'
2 non-polymer 'ZINC ION'
3 non-polymer 'ACETATE ION'
4 non-polymer 'CACODYLATE ION'
5 non-polymer NICOTINAMIDE-ADENINE-DINUCLEOTIDE
6 water water
#
_entity_poly.entity_id   1
_entity_poly.type   'polypeptide(L)'
_entity_poly.pdbx_seq_one_letter_code
;GTAGKVIKCKAAVLWEQKQPFSIEEIEVAPPKTKEVRIKILATGICRTDDHVIKGTMVSKFPVIVGHEATGIVESIGEGV
TTVKPGDKVIPLFLPQCRECNACRNPDGNLCIRSDITGRGVLADGTTRFTCKGKPVHHFLNTSTFTEYTVVDESSVAKID
DAAPPEKVCLIGCGFSTGYGAAVKTGKVKPGSTCVVFGLGGVGLSVIMGCKSAGASRIIGIDLNKDKFEKAMAVGATECI
SPKDSTKPISEVLSEMTGNNVGYTFEVIGHLETMIDALASCHMNYGTSVVVGVPPSAKMLTYDPMLLFTGRTWKGCVFGG
LKSRDDVPKLVTEFLAKKFDLDQLITHVLPFKKISEGFELLNSGQSIRTVLTF
;
_entity_poly.pdbx_strand_id   A,B,C,D
#
# COMPACT_ATOMS: atom_id res chain seq x y z
N GLY A 1 -35.70 -71.22 -12.30
CA GLY A 1 -35.21 -70.24 -11.31
C GLY A 1 -35.96 -68.94 -11.50
N THR A 2 -35.61 -67.91 -10.72
CA THR A 2 -36.24 -66.60 -10.79
C THR A 2 -35.48 -65.61 -11.67
N ALA A 3 -34.22 -65.93 -11.96
CA ALA A 3 -33.38 -65.06 -12.80
C ALA A 3 -34.01 -64.73 -14.14
N GLY A 4 -34.12 -63.44 -14.44
CA GLY A 4 -34.70 -63.00 -15.70
C GLY A 4 -36.21 -62.97 -15.74
N LYS A 5 -36.84 -63.40 -14.66
CA LYS A 5 -38.28 -63.41 -14.60
C LYS A 5 -38.73 -62.30 -13.67
N VAL A 6 -39.91 -61.76 -13.91
CA VAL A 6 -40.45 -60.72 -13.05
C VAL A 6 -40.84 -61.44 -11.77
N ILE A 7 -40.31 -60.98 -10.63
CA ILE A 7 -40.62 -61.61 -9.35
C ILE A 7 -41.82 -60.95 -8.69
N LYS A 8 -42.77 -61.78 -8.26
CA LYS A 8 -43.97 -61.30 -7.57
C LYS A 8 -43.71 -61.51 -6.09
N CYS A 9 -43.85 -60.47 -5.29
CA CYS A 9 -43.62 -60.60 -3.87
C CYS A 9 -44.40 -59.54 -3.15
N LYS A 10 -44.10 -59.36 -1.87
CA LYS A 10 -44.79 -58.37 -1.08
C LYS A 10 -43.87 -57.18 -0.80
N ALA A 11 -44.47 -56.09 -0.33
CA ALA A 11 -43.73 -54.87 -0.01
C ALA A 11 -44.69 -53.97 0.76
N ALA A 12 -44.14 -53.06 1.56
CA ALA A 12 -44.96 -52.12 2.34
C ALA A 12 -45.02 -50.88 1.47
N VAL A 13 -46.22 -50.52 1.02
CA VAL A 13 -46.38 -49.37 0.15
C VAL A 13 -47.14 -48.18 0.74
N LEU A 14 -46.73 -46.99 0.33
CA LEU A 14 -47.40 -45.76 0.75
C LEU A 14 -48.12 -45.31 -0.51
N TRP A 15 -49.44 -45.16 -0.43
CA TRP A 15 -50.22 -44.74 -1.58
C TRP A 15 -50.27 -43.23 -1.69
N GLU A 16 -49.91 -42.57 -0.59
CA GLU A 16 -49.89 -41.13 -0.49
C GLU A 16 -49.27 -40.79 0.86
N GLN A 17 -48.96 -39.52 1.07
CA GLN A 17 -48.36 -39.08 2.32
C GLN A 17 -49.39 -39.08 3.43
N LYS A 18 -48.91 -38.98 4.67
CA LYS A 18 -49.76 -38.95 5.86
C LYS A 18 -50.68 -40.16 5.89
N GLN A 19 -50.18 -41.26 5.34
CA GLN A 19 -50.93 -42.50 5.27
C GLN A 19 -50.03 -43.62 5.73
N PRO A 20 -50.58 -44.58 6.51
CA PRO A 20 -49.85 -45.73 7.02
C PRO A 20 -49.56 -46.68 5.87
N PHE A 21 -48.55 -47.51 6.03
CA PHE A 21 -48.17 -48.47 5.01
C PHE A 21 -49.30 -49.42 4.63
N SER A 22 -49.15 -50.09 3.50
CA SER A 22 -50.13 -51.05 3.04
C SER A 22 -49.34 -52.18 2.38
N ILE A 23 -49.26 -53.32 3.06
CA ILE A 23 -48.54 -54.47 2.54
C ILE A 23 -49.29 -55.03 1.33
N GLU A 24 -48.69 -54.86 0.16
CA GLU A 24 -49.28 -55.30 -1.08
C GLU A 24 -48.43 -56.35 -1.78
N GLU A 25 -48.96 -56.87 -2.89
CA GLU A 25 -48.28 -57.84 -3.72
C GLU A 25 -47.75 -56.95 -4.84
N ILE A 26 -46.48 -57.10 -5.17
CA ILE A 26 -45.87 -56.28 -6.20
C ILE A 26 -45.07 -57.15 -7.19
N GLU A 27 -44.73 -56.55 -8.33
CA GLU A 27 -43.96 -57.23 -9.35
C GLU A 27 -42.65 -56.44 -9.43
N VAL A 28 -41.54 -57.17 -9.35
CA VAL A 28 -40.23 -56.57 -9.41
C VAL A 28 -39.59 -57.03 -10.71
N ALA A 29 -39.53 -56.12 -11.67
CA ALA A 29 -38.94 -56.40 -12.98
C ALA A 29 -37.48 -56.87 -12.84
N PRO A 30 -37.00 -57.69 -13.79
CA PRO A 30 -35.61 -58.18 -13.72
C PRO A 30 -34.64 -57.02 -13.82
N PRO A 31 -33.36 -57.26 -13.47
CA PRO A 31 -32.35 -56.21 -13.54
C PRO A 31 -31.88 -55.92 -14.95
N LYS A 32 -32.01 -54.66 -15.37
CA LYS A 32 -31.55 -54.27 -16.70
C LYS A 32 -30.02 -54.20 -16.72
N THR A 33 -29.44 -53.44 -17.64
CA THR A 33 -27.98 -53.35 -17.69
C THR A 33 -27.38 -52.73 -16.44
N LYS A 34 -26.31 -53.36 -15.96
CA LYS A 34 -25.59 -52.92 -14.78
C LYS A 34 -26.40 -52.69 -13.51
N GLU A 35 -27.51 -53.42 -13.37
CA GLU A 35 -28.36 -53.34 -12.18
C GLU A 35 -28.21 -54.69 -11.44
N VAL A 36 -28.78 -54.75 -10.24
CA VAL A 36 -28.72 -55.95 -9.40
C VAL A 36 -30.01 -56.07 -8.61
N ARG A 37 -30.60 -57.26 -8.63
CA ARG A 37 -31.82 -57.51 -7.88
C ARG A 37 -31.33 -58.15 -6.60
N ILE A 38 -31.91 -57.74 -5.49
CA ILE A 38 -31.48 -58.23 -4.19
C ILE A 38 -32.66 -58.70 -3.34
N LYS A 39 -32.39 -59.72 -2.53
CA LYS A 39 -33.37 -60.27 -1.62
C LYS A 39 -33.06 -59.58 -0.30
N ILE A 40 -34.06 -58.95 0.30
CA ILE A 40 -33.86 -58.26 1.57
C ILE A 40 -34.02 -59.17 2.79
N LEU A 41 -32.93 -59.41 3.49
CA LEU A 41 -32.97 -60.27 4.67
C LEU A 41 -33.40 -59.48 5.90
N ALA A 42 -32.81 -58.30 6.08
CA ALA A 42 -33.10 -57.44 7.22
C ALA A 42 -32.93 -55.98 6.82
N THR A 43 -33.83 -55.14 7.32
CA THR A 43 -33.84 -53.73 7.01
C THR A 43 -34.24 -52.96 8.27
N GLY A 44 -33.58 -51.82 8.50
CA GLY A 44 -33.86 -51.01 9.69
C GLY A 44 -34.79 -49.86 9.41
N ILE A 45 -35.43 -49.35 10.46
CA ILE A 45 -36.36 -48.24 10.35
C ILE A 45 -35.71 -46.92 10.79
N CYS A 46 -35.24 -46.15 9.80
CA CYS A 46 -34.60 -44.86 10.01
C CYS A 46 -35.62 -43.71 10.03
N ARG A 47 -35.37 -42.68 10.84
CA ARG A 47 -36.29 -41.55 10.94
C ARG A 47 -36.57 -40.92 9.60
N THR A 48 -35.60 -40.95 8.70
CA THR A 48 -35.82 -40.38 7.37
C THR A 48 -37.01 -41.03 6.67
N ASP A 49 -37.17 -42.35 6.82
CA ASP A 49 -38.31 -43.07 6.21
C ASP A 49 -39.62 -42.45 6.71
N ASP A 50 -39.65 -42.08 7.98
CA ASP A 50 -40.84 -41.47 8.55
C ASP A 50 -41.07 -40.07 8.03
N HIS A 51 -40.02 -39.40 7.55
CA HIS A 51 -40.18 -38.04 7.03
C HIS A 51 -41.12 -38.09 5.83
N VAL A 52 -41.00 -39.15 5.03
CA VAL A 52 -41.86 -39.32 3.87
C VAL A 52 -43.32 -39.45 4.30
N ILE A 53 -43.59 -40.23 5.34
CA ILE A 53 -44.94 -40.41 5.83
C ILE A 53 -45.48 -39.06 6.33
N LYS A 54 -44.69 -38.38 7.15
CA LYS A 54 -45.10 -37.07 7.70
C LYS A 54 -45.29 -35.99 6.66
N GLY A 55 -44.63 -36.16 5.51
CA GLY A 55 -44.74 -35.20 4.42
C GLY A 55 -43.61 -34.19 4.39
N THR A 56 -42.68 -34.28 5.34
CA THR A 56 -41.58 -33.34 5.40
C THR A 56 -40.40 -33.69 4.49
N MET A 57 -40.47 -34.86 3.85
CA MET A 57 -39.44 -35.28 2.92
C MET A 57 -40.10 -35.37 1.56
N VAL A 58 -39.37 -35.00 0.51
CA VAL A 58 -39.91 -35.02 -0.85
C VAL A 58 -39.89 -36.41 -1.47
N SER A 59 -41.01 -36.81 -2.07
CA SER A 59 -41.12 -38.12 -2.72
C SER A 59 -42.39 -38.21 -3.56
N LYS A 60 -42.32 -38.99 -4.63
CA LYS A 60 -43.46 -39.22 -5.51
C LYS A 60 -44.29 -40.36 -4.93
N PHE A 61 -45.54 -40.49 -5.33
CA PHE A 61 -46.39 -41.55 -4.83
C PHE A 61 -47.01 -42.34 -6.00
N PRO A 62 -47.18 -43.67 -5.83
CA PRO A 62 -46.82 -44.42 -4.61
C PRO A 62 -45.31 -44.66 -4.52
N VAL A 63 -44.88 -45.17 -3.37
CA VAL A 63 -43.46 -45.43 -3.16
C VAL A 63 -43.20 -46.48 -2.08
N ILE A 64 -42.06 -47.14 -2.23
CA ILE A 64 -41.59 -48.13 -1.29
C ILE A 64 -40.32 -47.53 -0.68
N VAL A 65 -40.43 -47.11 0.58
CA VAL A 65 -39.32 -46.51 1.28
C VAL A 65 -38.36 -47.55 1.85
N GLY A 66 -37.67 -47.19 2.91
CA GLY A 66 -36.70 -48.09 3.51
C GLY A 66 -35.44 -47.89 2.71
N HIS A 67 -34.27 -47.90 3.37
CA HIS A 67 -33.01 -47.69 2.67
C HIS A 67 -31.83 -48.26 3.42
N GLU A 68 -32.10 -48.69 4.63
CA GLU A 68 -31.11 -49.26 5.53
C GLU A 68 -31.32 -50.78 5.54
N ALA A 69 -30.45 -51.55 4.88
CA ALA A 69 -30.64 -52.99 4.86
C ALA A 69 -29.44 -53.81 4.43
N THR A 70 -29.56 -55.12 4.63
CA THR A 70 -28.57 -56.12 4.21
C THR A 70 -29.40 -57.09 3.35
N GLY A 71 -28.79 -57.67 2.34
CA GLY A 71 -29.52 -58.60 1.48
C GLY A 71 -28.59 -59.54 0.74
N ILE A 72 -29.17 -60.37 -0.11
CA ILE A 72 -28.39 -61.33 -0.89
C ILE A 72 -28.74 -61.12 -2.36
N VAL A 73 -27.72 -61.14 -3.19
CA VAL A 73 -27.91 -60.92 -4.61
C VAL A 73 -28.65 -62.11 -5.25
N GLU A 74 -29.83 -61.83 -5.75
CA GLU A 74 -30.65 -62.84 -6.40
C GLU A 74 -30.11 -62.99 -7.84
N SER A 75 -30.19 -61.92 -8.61
CA SER A 75 -29.70 -61.95 -9.99
C SER A 75 -29.06 -60.61 -10.37
N ILE A 76 -28.00 -60.68 -11.18
CA ILE A 76 -27.28 -59.50 -11.65
C ILE A 76 -27.66 -59.25 -13.10
N GLY A 77 -27.75 -57.98 -13.48
CA GLY A 77 -28.08 -57.60 -14.85
C GLY A 77 -26.88 -57.75 -15.77
N GLU A 78 -27.08 -57.41 -17.05
CA GLU A 78 -26.02 -57.53 -18.03
C GLU A 78 -24.89 -56.54 -17.77
N GLY A 79 -23.66 -57.07 -17.76
CA GLY A 79 -22.50 -56.21 -17.55
C GLY A 79 -22.00 -56.05 -16.13
N VAL A 80 -22.78 -56.49 -15.15
CA VAL A 80 -22.38 -56.38 -13.75
C VAL A 80 -21.10 -57.19 -13.55
N THR A 81 -20.18 -56.67 -12.74
CA THR A 81 -18.91 -57.33 -12.49
C THR A 81 -18.46 -57.31 -11.03
N THR A 82 -19.13 -56.51 -10.20
CA THR A 82 -18.76 -56.38 -8.80
C THR A 82 -19.38 -57.44 -7.87
N VAL A 83 -20.61 -57.85 -8.18
CA VAL A 83 -21.30 -58.85 -7.38
C VAL A 83 -21.88 -59.95 -8.27
N LYS A 84 -22.14 -61.11 -7.67
CA LYS A 84 -22.71 -62.28 -8.33
C LYS A 84 -23.85 -62.81 -7.46
N PRO A 85 -24.76 -63.61 -8.05
CA PRO A 85 -25.88 -64.16 -7.28
C PRO A 85 -25.38 -64.96 -6.06
N GLY A 86 -25.98 -64.72 -4.90
CA GLY A 86 -25.55 -65.41 -3.70
C GLY A 86 -24.69 -64.55 -2.82
N ASP A 87 -24.08 -63.52 -3.42
CA ASP A 87 -23.21 -62.57 -2.70
C ASP A 87 -24.00 -61.75 -1.70
N LYS A 88 -23.45 -61.60 -0.49
CA LYS A 88 -24.10 -60.81 0.55
C LYS A 88 -23.73 -59.35 0.29
N VAL A 89 -24.73 -58.47 0.31
CA VAL A 89 -24.52 -57.05 0.06
C VAL A 89 -25.36 -56.13 0.92
N ILE A 90 -25.10 -54.84 0.77
CA ILE A 90 -25.82 -53.76 1.44
C ILE A 90 -26.11 -52.74 0.34
N PRO A 91 -27.40 -52.46 0.09
CA PRO A 91 -27.74 -51.49 -0.94
C PRO A 91 -27.32 -50.09 -0.46
N LEU A 92 -26.82 -49.26 -1.37
CA LEU A 92 -26.35 -47.92 -1.03
C LEU A 92 -27.27 -46.80 -1.44
N PHE A 93 -27.88 -46.11 -0.47
CA PHE A 93 -28.75 -44.99 -0.79
C PHE A 93 -27.90 -43.82 -1.35
N LEU A 94 -26.62 -43.84 -0.98
CA LEU A 94 -25.61 -42.88 -1.43
C LEU A 94 -24.73 -43.74 -2.31
N PRO A 95 -24.75 -43.49 -3.63
CA PRO A 95 -23.94 -44.24 -4.61
C PRO A 95 -22.49 -43.83 -4.60
N GLN A 96 -21.72 -44.55 -5.40
CA GLN A 96 -20.31 -44.27 -5.64
C GLN A 96 -19.98 -44.77 -7.04
N CYS A 97 -20.34 -43.97 -8.04
CA CYS A 97 -20.09 -44.30 -9.45
C CYS A 97 -18.61 -44.38 -9.75
N ARG A 98 -17.81 -43.67 -8.97
CA ARG A 98 -16.36 -43.63 -9.14
C ARG A 98 -15.86 -42.81 -10.33
N GLU A 99 -16.76 -42.08 -10.99
CA GLU A 99 -16.38 -41.29 -12.15
C GLU A 99 -16.79 -39.83 -12.09
N CYS A 100 -17.51 -39.41 -11.06
CA CYS A 100 -17.89 -38.00 -10.99
C CYS A 100 -16.86 -37.27 -10.13
N ASN A 101 -16.95 -35.93 -10.10
CA ASN A 101 -16.00 -35.12 -9.32
C ASN A 101 -15.91 -35.57 -7.87
N ALA A 102 -17.06 -35.63 -7.18
CA ALA A 102 -17.10 -36.05 -5.79
C ALA A 102 -16.40 -37.39 -5.60
N CYS A 103 -16.80 -38.37 -6.40
CA CYS A 103 -16.23 -39.71 -6.34
C CYS A 103 -14.73 -39.76 -6.54
N ARG A 104 -14.19 -38.88 -7.37
CA ARG A 104 -12.76 -38.89 -7.64
C ARG A 104 -11.98 -38.08 -6.65
N ASN A 105 -12.67 -37.12 -6.03
CA ASN A 105 -12.07 -36.24 -5.03
C ASN A 105 -12.06 -36.95 -3.69
N PRO A 106 -10.87 -37.06 -3.06
CA PRO A 106 -10.79 -37.75 -1.76
C PRO A 106 -11.70 -37.18 -0.66
N ASP A 107 -11.98 -35.89 -0.73
CA ASP A 107 -12.81 -35.23 0.26
C ASP A 107 -14.32 -35.25 -0.08
N GLY A 108 -14.69 -35.91 -1.16
CA GLY A 108 -16.09 -35.96 -1.55
C GLY A 108 -16.76 -37.31 -1.38
N ASN A 109 -18.07 -37.32 -1.31
CA ASN A 109 -18.80 -38.56 -1.16
C ASN A 109 -20.21 -38.50 -1.74
N LEU A 110 -20.71 -37.30 -1.97
CA LEU A 110 -22.05 -37.18 -2.53
C LEU A 110 -21.92 -37.40 -4.04
N CYS A 111 -21.98 -38.67 -4.44
CA CYS A 111 -21.89 -39.02 -5.84
C CYS A 111 -22.96 -38.35 -6.69
N ILE A 112 -22.65 -38.09 -7.96
CA ILE A 112 -23.58 -37.44 -8.86
C ILE A 112 -24.94 -38.16 -8.99
N ARG A 113 -24.90 -39.48 -8.83
CA ARG A 113 -26.11 -40.29 -8.95
C ARG A 113 -27.07 -40.23 -7.77
N SER A 114 -26.62 -39.65 -6.67
CA SER A 114 -27.45 -39.55 -5.49
C SER A 114 -28.80 -38.95 -5.81
N ASP A 115 -29.85 -39.53 -5.27
CA ASP A 115 -31.21 -39.03 -5.48
C ASP A 115 -31.45 -37.95 -4.44
N ILE A 116 -30.90 -36.79 -4.70
CA ILE A 116 -31.03 -35.65 -3.80
C ILE A 116 -32.29 -34.85 -4.12
N THR A 117 -32.93 -35.13 -5.25
CA THR A 117 -34.07 -34.42 -5.68
C THR A 117 -35.47 -35.02 -5.48
N GLY A 118 -35.51 -36.27 -5.04
CA GLY A 118 -36.80 -36.94 -4.87
C GLY A 118 -37.37 -37.57 -6.12
N ARG A 119 -36.48 -38.07 -6.98
CA ARG A 119 -36.89 -38.72 -8.24
C ARG A 119 -37.50 -40.12 -8.08
N GLY A 120 -36.93 -40.93 -7.19
CA GLY A 120 -37.45 -42.26 -6.95
C GLY A 120 -37.41 -43.20 -8.15
N VAL A 121 -36.31 -43.12 -8.89
CA VAL A 121 -36.11 -43.95 -10.08
C VAL A 121 -34.67 -44.43 -10.02
N LEU A 122 -34.27 -45.21 -11.01
CA LEU A 122 -32.90 -45.70 -11.09
C LEU A 122 -32.12 -44.81 -12.06
N ALA A 123 -30.87 -45.17 -12.34
CA ALA A 123 -30.03 -44.38 -13.24
C ALA A 123 -30.66 -44.11 -14.61
N ASP A 124 -31.22 -45.15 -15.23
CA ASP A 124 -31.82 -44.99 -16.56
C ASP A 124 -33.16 -44.26 -16.56
N GLY A 125 -33.55 -43.76 -15.39
CA GLY A 125 -34.80 -43.02 -15.28
C GLY A 125 -36.10 -43.78 -15.08
N THR A 126 -36.05 -45.12 -15.00
CA THR A 126 -37.29 -45.88 -14.83
C THR A 126 -37.43 -46.64 -13.51
N THR A 127 -38.65 -47.10 -13.24
CA THR A 127 -38.95 -47.88 -12.03
C THR A 127 -38.81 -49.36 -12.37
N ARG A 128 -38.91 -50.20 -11.34
CA ARG A 128 -38.79 -51.65 -11.50
C ARG A 128 -39.92 -52.32 -10.75
N PHE A 129 -40.64 -51.53 -9.96
CA PHE A 129 -41.73 -52.05 -9.16
C PHE A 129 -43.06 -51.71 -9.78
N THR A 130 -44.02 -52.61 -9.61
CA THR A 130 -45.37 -52.44 -10.12
C THR A 130 -46.33 -53.04 -9.08
N CYS A 131 -47.50 -52.44 -8.93
CA CYS A 131 -48.50 -52.91 -7.98
C CYS A 131 -49.88 -52.41 -8.43
N LYS A 132 -50.82 -53.34 -8.62
CA LYS A 132 -52.17 -53.01 -9.08
C LYS A 132 -52.08 -52.27 -10.43
N GLY A 133 -51.19 -52.73 -11.30
CA GLY A 133 -51.02 -52.11 -12.60
C GLY A 133 -50.09 -50.92 -12.56
N LYS A 134 -50.40 -49.96 -11.67
CA LYS A 134 -49.62 -48.75 -11.51
C LYS A 134 -48.21 -49.03 -11.00
N PRO A 135 -47.20 -48.28 -11.50
CA PRO A 135 -45.83 -48.49 -11.04
C PRO A 135 -45.59 -47.69 -9.75
N VAL A 136 -44.88 -48.29 -8.81
CA VAL A 136 -44.57 -47.62 -7.55
C VAL A 136 -43.11 -47.18 -7.64
N HIS A 137 -42.82 -46.02 -7.05
CA HIS A 137 -41.48 -45.44 -7.10
C HIS A 137 -40.50 -45.95 -6.06
N HIS A 138 -39.20 -45.83 -6.39
CA HIS A 138 -38.11 -46.24 -5.51
C HIS A 138 -37.86 -45.13 -4.49
N PHE A 139 -36.97 -45.38 -3.54
CA PHE A 139 -36.66 -44.35 -2.55
C PHE A 139 -35.17 -44.34 -2.28
N LEU A 140 -34.57 -43.16 -2.40
CA LEU A 140 -33.14 -42.96 -2.19
C LEU A 140 -32.27 -44.04 -2.83
N ASN A 141 -32.51 -44.32 -4.11
CA ASN A 141 -31.72 -45.32 -4.84
C ASN A 141 -31.74 -46.72 -4.24
N THR A 142 -32.63 -46.98 -3.30
CA THR A 142 -32.67 -48.27 -2.65
C THR A 142 -34.02 -48.97 -2.64
N SER A 143 -34.90 -48.56 -1.73
CA SER A 143 -36.22 -49.19 -1.55
C SER A 143 -35.96 -50.54 -0.91
N THR A 144 -36.14 -50.64 0.40
CA THR A 144 -35.84 -51.90 1.06
C THR A 144 -36.96 -52.51 1.90
N PHE A 145 -38.07 -51.81 2.01
CA PHE A 145 -39.21 -52.33 2.74
C PHE A 145 -40.00 -53.16 1.73
N THR A 146 -39.30 -54.11 1.13
CA THR A 146 -39.82 -55.01 0.12
C THR A 146 -38.95 -56.26 0.18
N GLU A 147 -39.51 -57.40 -0.20
CA GLU A 147 -38.75 -58.64 -0.18
C GLU A 147 -37.65 -58.59 -1.23
N TYR A 148 -37.92 -57.90 -2.33
CA TYR A 148 -36.96 -57.79 -3.42
C TYR A 148 -36.87 -56.36 -3.93
N THR A 149 -35.68 -55.96 -4.38
CA THR A 149 -35.46 -54.63 -4.93
C THR A 149 -34.36 -54.66 -6.00
N VAL A 150 -34.34 -53.64 -6.86
CA VAL A 150 -33.35 -53.55 -7.92
C VAL A 150 -32.61 -52.20 -7.80
N VAL A 151 -31.31 -52.28 -7.54
CA VAL A 151 -30.47 -51.11 -7.40
C VAL A 151 -29.43 -51.13 -8.51
N ASP A 152 -28.82 -49.98 -8.78
CA ASP A 152 -27.77 -49.92 -9.80
C ASP A 152 -26.50 -50.51 -9.20
N GLU A 153 -25.62 -51.01 -10.03
CA GLU A 153 -24.39 -51.60 -9.55
C GLU A 153 -23.57 -50.62 -8.71
N SER A 154 -23.73 -49.33 -8.99
CA SER A 154 -23.01 -48.30 -8.26
C SER A 154 -23.51 -48.21 -6.82
N SER A 155 -24.77 -48.60 -6.60
CA SER A 155 -25.39 -48.60 -5.29
C SER A 155 -25.38 -50.01 -4.65
N VAL A 156 -24.29 -50.72 -4.81
CA VAL A 156 -24.18 -52.07 -4.29
C VAL A 156 -22.82 -52.30 -3.66
N ALA A 157 -22.83 -52.55 -2.37
CA ALA A 157 -21.60 -52.82 -1.66
C ALA A 157 -21.59 -54.30 -1.27
N LYS A 158 -20.58 -55.02 -1.74
CA LYS A 158 -20.41 -56.42 -1.41
C LYS A 158 -19.74 -56.45 -0.05
N ILE A 159 -20.31 -57.18 0.91
CA ILE A 159 -19.74 -57.26 2.24
C ILE A 159 -19.33 -58.69 2.61
N ASP A 160 -18.77 -58.86 3.81
CA ASP A 160 -18.32 -60.16 4.28
C ASP A 160 -19.51 -61.16 4.42
N ASP A 161 -19.38 -62.34 3.83
CA ASP A 161 -20.42 -63.38 3.88
C ASP A 161 -20.85 -63.68 5.31
N ALA A 162 -19.89 -63.67 6.23
CA ALA A 162 -20.13 -64.01 7.61
C ALA A 162 -20.75 -62.93 8.47
N ALA A 163 -21.28 -61.90 7.84
CA ALA A 163 -21.87 -60.78 8.56
C ALA A 163 -23.35 -60.96 8.90
N PRO A 164 -23.71 -60.76 10.18
CA PRO A 164 -25.07 -60.86 10.71
C PRO A 164 -25.95 -59.86 10.02
N PRO A 165 -26.67 -60.28 8.98
CA PRO A 165 -27.55 -59.34 8.26
C PRO A 165 -28.49 -58.46 9.09
N GLU A 166 -28.91 -58.93 10.26
CA GLU A 166 -29.84 -58.17 11.10
C GLU A 166 -29.16 -57.11 11.99
N LYS A 167 -27.82 -57.11 11.94
CA LYS A 167 -27.02 -56.18 12.70
C LYS A 167 -26.24 -55.25 11.75
N VAL A 168 -25.59 -55.83 10.74
CA VAL A 168 -24.82 -55.04 9.80
C VAL A 168 -25.65 -54.12 8.92
N CYS A 169 -26.96 -54.29 8.92
CA CYS A 169 -27.82 -53.43 8.10
C CYS A 169 -27.82 -51.99 8.63
N LEU A 170 -27.36 -51.79 9.86
CA LEU A 170 -27.30 -50.45 10.43
C LEU A 170 -26.21 -49.69 9.68
N ILE A 171 -25.26 -50.46 9.14
CA ILE A 171 -24.15 -49.94 8.35
C ILE A 171 -24.65 -49.53 6.96
N GLY A 172 -25.97 -49.48 6.78
CA GLY A 172 -26.57 -49.08 5.52
C GLY A 172 -27.12 -47.67 5.61
N CYS A 173 -27.15 -47.15 6.83
CA CYS A 173 -27.58 -45.77 7.09
C CYS A 173 -27.16 -45.32 8.48
N GLY A 174 -28.07 -45.40 9.43
CA GLY A 174 -27.79 -44.98 10.79
C GLY A 174 -26.37 -45.00 11.34
N PHE A 175 -25.86 -46.20 11.65
CA PHE A 175 -24.53 -46.30 12.23
C PHE A 175 -23.45 -45.59 11.44
N SER A 176 -23.35 -45.93 10.15
CA SER A 176 -22.36 -45.30 9.28
C SER A 176 -22.50 -43.78 9.29
N THR A 177 -23.73 -43.30 9.36
CA THR A 177 -23.98 -41.87 9.37
C THR A 177 -23.36 -41.20 10.60
N GLY A 178 -23.79 -41.61 11.78
CA GLY A 178 -23.29 -41.03 13.01
C GLY A 178 -21.84 -41.35 13.31
N TYR A 179 -21.43 -42.58 13.06
CA TYR A 179 -20.07 -42.97 13.33
C TYR A 179 -19.14 -42.08 12.49
N GLY A 180 -19.36 -42.09 11.17
CA GLY A 180 -18.56 -41.27 10.28
C GLY A 180 -18.69 -39.77 10.54
N ALA A 181 -19.83 -39.36 11.07
CA ALA A 181 -20.09 -37.95 11.36
C ALA A 181 -19.06 -37.41 12.34
N ALA A 182 -18.56 -38.28 13.20
CA ALA A 182 -17.59 -37.90 14.20
C ALA A 182 -16.17 -38.09 13.72
N VAL A 183 -15.89 -39.30 13.25
CA VAL A 183 -14.59 -39.69 12.77
C VAL A 183 -14.15 -39.14 11.42
N LYS A 184 -15.08 -39.01 10.48
CA LYS A 184 -14.73 -38.53 9.14
C LYS A 184 -15.13 -37.10 8.80
N THR A 185 -16.37 -36.72 9.04
CA THR A 185 -16.80 -35.36 8.72
C THR A 185 -16.30 -34.36 9.76
N GLY A 186 -16.48 -34.70 11.04
CA GLY A 186 -16.07 -33.83 12.14
C GLY A 186 -14.63 -33.98 12.57
N LYS A 187 -14.01 -35.09 12.22
CA LYS A 187 -12.62 -35.37 12.55
C LYS A 187 -12.27 -35.05 14.00
N VAL A 188 -13.21 -35.39 14.88
CA VAL A 188 -13.10 -35.18 16.31
C VAL A 188 -11.73 -35.55 16.80
N LYS A 189 -11.13 -34.67 17.60
CA LYS A 189 -9.78 -34.89 18.13
C LYS A 189 -9.77 -35.51 19.51
N PRO A 190 -8.67 -36.20 19.86
CA PRO A 190 -8.58 -36.81 21.19
C PRO A 190 -8.62 -35.74 22.26
N GLY A 191 -9.23 -36.08 23.41
CA GLY A 191 -9.31 -35.16 24.52
C GLY A 191 -10.30 -34.03 24.38
N SER A 192 -10.94 -33.93 23.22
CA SER A 192 -11.90 -32.87 22.98
C SER A 192 -13.21 -33.09 23.70
N THR A 193 -14.11 -32.13 23.57
CA THR A 193 -15.42 -32.18 24.20
C THR A 193 -16.46 -32.09 23.12
N CYS A 194 -17.30 -33.11 23.01
CA CYS A 194 -18.35 -33.11 22.00
C CYS A 194 -19.73 -33.04 22.66
N VAL A 195 -20.70 -32.55 21.93
CA VAL A 195 -22.06 -32.45 22.41
C VAL A 195 -22.90 -33.03 21.28
N VAL A 196 -23.78 -33.97 21.63
CA VAL A 196 -24.62 -34.59 20.61
C VAL A 196 -26.08 -34.24 20.85
N PHE A 197 -26.66 -33.53 19.89
CA PHE A 197 -28.04 -33.12 19.94
C PHE A 197 -28.87 -34.22 19.28
N GLY A 198 -29.58 -35.01 20.09
CA GLY A 198 -30.40 -36.08 19.54
C GLY A 198 -29.85 -37.42 19.92
N LEU A 199 -30.52 -38.08 20.86
CA LEU A 199 -30.06 -39.37 21.33
C LEU A 199 -30.71 -40.58 20.66
N GLY A 200 -31.09 -40.42 19.40
CA GLY A 200 -31.71 -41.50 18.65
C GLY A 200 -30.71 -42.47 18.06
N GLY A 201 -31.10 -43.14 17.00
CA GLY A 201 -30.22 -44.12 16.39
C GLY A 201 -28.94 -43.51 15.82
N VAL A 202 -29.06 -42.38 15.13
CA VAL A 202 -27.89 -41.74 14.55
C VAL A 202 -27.02 -41.04 15.60
N GLY A 203 -27.66 -40.42 16.57
CA GLY A 203 -26.95 -39.74 17.65
C GLY A 203 -26.08 -40.72 18.40
N LEU A 204 -26.65 -41.83 18.84
CA LEU A 204 -25.90 -42.81 19.59
C LEU A 204 -24.70 -43.29 18.80
N SER A 205 -24.82 -43.35 17.48
CA SER A 205 -23.69 -43.76 16.60
C SER A 205 -22.62 -42.65 16.57
N VAL A 206 -23.05 -41.39 16.57
CA VAL A 206 -22.12 -40.24 16.63
C VAL A 206 -21.33 -40.37 17.92
N ILE A 207 -22.04 -40.64 19.02
CA ILE A 207 -21.41 -40.82 20.33
C ILE A 207 -20.38 -41.93 20.30
N MET A 208 -20.70 -43.03 19.61
CA MET A 208 -19.76 -44.13 19.49
C MET A 208 -18.56 -43.67 18.68
N GLY A 209 -18.82 -42.82 17.68
CA GLY A 209 -17.75 -42.28 16.85
C GLY A 209 -16.86 -41.31 17.62
N CYS A 210 -17.45 -40.49 18.49
CA CYS A 210 -16.69 -39.54 19.30
C CYS A 210 -15.88 -40.32 20.32
N LYS A 211 -16.47 -41.42 20.81
CA LYS A 211 -15.80 -42.26 21.79
C LYS A 211 -14.63 -42.98 21.16
N SER A 212 -14.72 -43.33 19.88
CA SER A 212 -13.56 -44.00 19.28
C SER A 212 -12.48 -42.95 18.93
N ALA A 213 -12.91 -41.69 18.73
CA ALA A 213 -11.98 -40.61 18.40
C ALA A 213 -11.17 -40.23 19.65
N GLY A 214 -11.60 -40.72 20.81
CA GLY A 214 -10.91 -40.44 22.05
C GLY A 214 -11.40 -39.21 22.78
N ALA A 215 -12.60 -38.73 22.43
CA ALA A 215 -13.16 -37.56 23.09
C ALA A 215 -13.05 -37.71 24.59
N SER A 216 -12.97 -36.60 25.31
CA SER A 216 -12.84 -36.63 26.75
C SER A 216 -14.21 -36.48 27.37
N ARG A 217 -15.04 -35.67 26.74
CA ARG A 217 -16.38 -35.42 27.20
C ARG A 217 -17.28 -35.54 26.00
N ILE A 218 -18.45 -36.15 26.22
CA ILE A 218 -19.46 -36.30 25.19
C ILE A 218 -20.72 -36.08 25.97
N ILE A 219 -21.37 -34.96 25.69
CA ILE A 219 -22.59 -34.60 26.39
C ILE A 219 -23.73 -34.82 25.43
N GLY A 220 -24.70 -35.68 25.83
CA GLY A 220 -25.84 -35.98 25.00
C GLY A 220 -27.00 -35.09 25.36
N ILE A 221 -27.85 -34.79 24.38
CA ILE A 221 -28.96 -33.89 24.64
C ILE A 221 -30.20 -34.41 23.95
N ASP A 222 -31.28 -34.51 24.71
CA ASP A 222 -32.53 -34.97 24.15
C ASP A 222 -33.63 -34.47 25.06
N LEU A 223 -34.82 -34.34 24.50
CA LEU A 223 -35.98 -33.92 25.27
C LEU A 223 -36.47 -35.13 26.06
N ASN A 224 -36.27 -36.33 25.47
CA ASN A 224 -36.70 -37.56 26.11
C ASN A 224 -35.60 -38.19 26.95
N LYS A 225 -35.71 -38.01 28.25
CA LYS A 225 -34.74 -38.53 29.22
C LYS A 225 -34.58 -40.05 29.27
N ASP A 226 -35.53 -40.79 28.73
CA ASP A 226 -35.46 -42.27 28.75
C ASP A 226 -34.33 -42.73 27.86
N LYS A 227 -33.91 -41.82 26.97
CA LYS A 227 -32.81 -42.04 26.03
C LYS A 227 -31.42 -41.90 26.67
N PHE A 228 -31.37 -41.30 27.86
CA PHE A 228 -30.11 -41.05 28.57
C PHE A 228 -29.32 -42.27 28.97
N GLU A 229 -30.00 -43.26 29.56
CA GLU A 229 -29.35 -44.48 30.02
C GLU A 229 -28.58 -45.14 28.88
N LYS A 230 -29.20 -45.20 27.71
CA LYS A 230 -28.55 -45.81 26.53
C LYS A 230 -27.35 -44.95 26.10
N ALA A 231 -27.54 -43.62 26.05
CA ALA A 231 -26.47 -42.69 25.66
C ALA A 231 -25.28 -42.89 26.58
N MET A 232 -25.53 -43.00 27.87
CA MET A 232 -24.44 -43.23 28.82
C MET A 232 -23.74 -44.54 28.55
N ALA A 233 -24.50 -45.53 28.07
CA ALA A 233 -23.98 -46.87 27.79
C ALA A 233 -23.10 -46.95 26.56
N VAL A 234 -23.47 -46.22 25.51
CA VAL A 234 -22.66 -46.23 24.28
C VAL A 234 -21.42 -45.35 24.43
N GLY A 235 -21.38 -44.47 25.43
CA GLY A 235 -20.20 -43.66 25.62
C GLY A 235 -20.35 -42.25 26.16
N ALA A 236 -21.58 -41.76 26.27
CA ALA A 236 -21.80 -40.41 26.78
C ALA A 236 -21.21 -40.27 28.18
N THR A 237 -20.75 -39.05 28.52
CA THR A 237 -20.17 -38.80 29.83
C THR A 237 -21.25 -38.22 30.72
N GLU A 238 -22.25 -37.59 30.13
CA GLU A 238 -23.38 -37.05 30.86
C GLU A 238 -24.41 -36.62 29.82
N CYS A 239 -25.66 -36.44 30.25
CA CYS A 239 -26.74 -36.05 29.33
C CYS A 239 -27.59 -35.01 30.00
N ILE A 240 -28.22 -34.16 29.21
CA ILE A 240 -29.07 -33.13 29.77
C ILE A 240 -30.18 -32.86 28.80
N SER A 241 -31.15 -32.07 29.25
CA SER A 241 -32.26 -31.74 28.42
C SER A 241 -32.37 -30.24 28.37
N PRO A 242 -32.75 -29.71 27.21
CA PRO A 242 -32.91 -28.26 27.02
C PRO A 242 -33.85 -27.66 28.07
N LYS A 243 -34.84 -28.44 28.51
CA LYS A 243 -35.81 -27.94 29.50
C LYS A 243 -35.33 -27.92 30.93
N ASP A 244 -34.16 -28.47 31.20
CA ASP A 244 -33.62 -28.49 32.57
C ASP A 244 -33.29 -27.10 33.08
N SER A 245 -33.29 -26.10 32.20
CA SER A 245 -32.95 -24.74 32.59
C SER A 245 -33.57 -23.77 31.61
N THR A 246 -33.75 -22.52 32.02
CA THR A 246 -34.32 -21.52 31.11
C THR A 246 -33.27 -20.78 30.28
N LYS A 247 -32.05 -20.69 30.79
CA LYS A 247 -30.98 -20.01 30.06
C LYS A 247 -30.68 -20.81 28.81
N PRO A 248 -30.39 -20.11 27.69
CA PRO A 248 -30.07 -20.75 26.41
C PRO A 248 -29.16 -21.96 26.58
N ILE A 249 -29.41 -22.99 25.78
CA ILE A 249 -28.63 -24.21 25.84
C ILE A 249 -27.15 -23.93 25.60
N SER A 250 -26.85 -23.00 24.70
CA SER A 250 -25.47 -22.62 24.39
C SER A 250 -24.73 -22.14 25.63
N GLU A 251 -25.40 -21.34 26.45
CA GLU A 251 -24.81 -20.84 27.70
C GLU A 251 -24.58 -22.00 28.64
N VAL A 252 -25.61 -22.83 28.78
CA VAL A 252 -25.53 -23.98 29.69
C VAL A 252 -24.33 -24.82 29.35
N LEU A 253 -24.21 -25.20 28.08
CA LEU A 253 -23.07 -26.00 27.63
C LEU A 253 -21.74 -25.29 27.87
N SER A 254 -21.69 -23.99 27.60
CA SER A 254 -20.46 -23.24 27.84
C SER A 254 -20.07 -23.31 29.30
N GLU A 255 -21.00 -23.00 30.19
CA GLU A 255 -20.73 -23.04 31.63
C GLU A 255 -20.27 -24.43 32.05
N MET A 256 -20.96 -25.46 31.56
CA MET A 256 -20.62 -26.86 31.86
C MET A 256 -19.17 -27.24 31.54
N THR A 257 -18.69 -26.77 30.38
CA THR A 257 -17.35 -27.08 29.88
C THR A 257 -16.28 -26.01 30.07
N GLY A 258 -16.67 -24.87 30.61
CA GLY A 258 -15.70 -23.79 30.78
C GLY A 258 -15.35 -23.20 29.44
N ASN A 259 -16.37 -23.00 28.61
CA ASN A 259 -16.30 -22.46 27.26
C ASN A 259 -15.28 -23.23 26.43
N ASN A 260 -15.51 -24.54 26.33
CA ASN A 260 -14.62 -25.42 25.57
C ASN A 260 -15.35 -26.51 24.78
N VAL A 261 -16.44 -26.14 24.11
CA VAL A 261 -17.17 -27.12 23.31
C VAL A 261 -16.52 -27.14 21.94
N GLY A 262 -15.67 -28.14 21.72
CA GLY A 262 -14.99 -28.25 20.44
C GLY A 262 -15.86 -28.69 19.28
N TYR A 263 -16.76 -29.66 19.52
CA TYR A 263 -17.64 -30.17 18.46
C TYR A 263 -19.11 -30.29 18.87
N THR A 264 -20.02 -29.99 17.94
CA THR A 264 -21.44 -30.14 18.20
C THR A 264 -22.03 -30.84 16.97
N PHE A 265 -22.97 -31.78 17.21
CA PHE A 265 -23.61 -32.48 16.10
C PHE A 265 -25.11 -32.38 16.23
N GLU A 266 -25.76 -31.98 15.17
CA GLU A 266 -27.22 -31.88 15.19
C GLU A 266 -27.72 -33.17 14.54
N VAL A 267 -28.34 -34.03 15.35
CA VAL A 267 -28.85 -35.32 14.86
C VAL A 267 -30.30 -35.43 15.29
N ILE A 268 -31.12 -34.49 14.83
CA ILE A 268 -32.52 -34.40 15.15
C ILE A 268 -33.28 -34.07 13.89
N GLY A 269 -32.97 -32.91 13.31
CA GLY A 269 -33.64 -32.51 12.09
C GLY A 269 -34.45 -31.24 12.18
N HIS A 270 -34.19 -30.41 13.19
CA HIS A 270 -34.91 -29.15 13.31
C HIS A 270 -33.92 -28.02 13.00
N LEU A 271 -34.41 -26.98 12.32
CA LEU A 271 -33.58 -25.82 11.98
C LEU A 271 -33.14 -25.13 13.28
N GLU A 272 -34.07 -25.04 14.23
CA GLU A 272 -33.85 -24.41 15.53
C GLU A 272 -32.67 -25.05 16.28
N THR A 273 -32.61 -26.37 16.25
CA THR A 273 -31.54 -27.04 16.96
C THR A 273 -30.25 -26.97 16.15
N MET A 274 -30.36 -26.80 14.84
CA MET A 274 -29.14 -26.68 14.04
C MET A 274 -28.43 -25.40 14.49
N ILE A 275 -29.22 -24.35 14.70
CA ILE A 275 -28.71 -23.06 15.18
C ILE A 275 -28.18 -23.24 16.61
N ASP A 276 -29.00 -23.90 17.45
CA ASP A 276 -28.63 -24.15 18.84
C ASP A 276 -27.33 -24.93 18.90
N ALA A 277 -27.09 -25.78 17.91
CA ALA A 277 -25.88 -26.58 17.88
C ALA A 277 -24.70 -25.71 17.47
N LEU A 278 -24.93 -24.82 16.50
CA LEU A 278 -23.90 -23.90 16.02
C LEU A 278 -23.43 -23.03 17.19
N ALA A 279 -24.35 -22.23 17.71
CA ALA A 279 -24.06 -21.33 18.82
C ALA A 279 -23.50 -22.06 20.03
N SER A 280 -23.65 -23.37 20.09
CA SER A 280 -23.14 -24.12 21.22
C SER A 280 -21.66 -24.51 21.11
N CYS A 281 -21.11 -24.54 19.89
CA CYS A 281 -19.68 -24.87 19.77
C CYS A 281 -18.89 -23.58 20.05
N HIS A 282 -17.64 -23.71 20.49
CA HIS A 282 -16.79 -22.54 20.80
C HIS A 282 -16.80 -21.59 19.61
N MET A 283 -17.18 -20.33 19.86
CA MET A 283 -17.28 -19.30 18.81
C MET A 283 -16.12 -19.17 17.83
N ASN A 284 -14.92 -19.52 18.25
CA ASN A 284 -13.79 -19.37 17.38
C ASN A 284 -13.26 -20.67 16.81
N TYR A 285 -12.91 -21.63 17.68
CA TYR A 285 -12.41 -22.92 17.20
C TYR A 285 -13.40 -24.09 17.20
N GLY A 286 -14.68 -23.81 17.45
CA GLY A 286 -15.65 -24.89 17.46
C GLY A 286 -16.12 -25.32 16.10
N THR A 287 -16.55 -26.59 15.99
CA THR A 287 -17.08 -27.15 14.74
C THR A 287 -18.48 -27.73 14.99
N SER A 288 -19.45 -27.39 14.12
CA SER A 288 -20.81 -27.89 14.24
C SER A 288 -21.16 -28.68 13.00
N VAL A 289 -21.37 -29.98 13.16
CA VAL A 289 -21.71 -30.86 12.03
C VAL A 289 -23.21 -31.07 11.96
N VAL A 290 -23.82 -30.73 10.84
CA VAL A 290 -25.24 -30.91 10.64
C VAL A 290 -25.46 -32.32 10.06
N VAL A 291 -26.14 -33.18 10.84
CA VAL A 291 -26.42 -34.55 10.40
C VAL A 291 -27.92 -34.74 10.12
N GLY A 292 -28.75 -34.15 10.97
CA GLY A 292 -30.18 -34.24 10.81
C GLY A 292 -30.60 -33.61 9.51
N VAL A 293 -31.55 -34.22 8.83
CA VAL A 293 -32.03 -33.69 7.56
C VAL A 293 -33.09 -32.64 7.85
N PRO A 294 -32.85 -31.42 7.38
CA PRO A 294 -33.81 -30.31 7.59
C PRO A 294 -35.07 -30.50 6.76
N PRO A 295 -36.21 -30.07 7.31
CA PRO A 295 -37.50 -30.19 6.61
C PRO A 295 -37.44 -29.42 5.30
N SER A 296 -37.91 -30.03 4.22
CA SER A 296 -37.87 -29.40 2.91
C SER A 296 -38.52 -28.00 2.82
N ALA A 297 -37.98 -27.23 1.89
CA ALA A 297 -38.44 -25.87 1.60
C ALA A 297 -38.50 -24.91 2.79
N LYS A 298 -37.64 -25.11 3.77
CA LYS A 298 -37.61 -24.25 4.94
C LYS A 298 -36.29 -23.50 4.98
N MET A 299 -36.39 -22.18 4.99
CA MET A 299 -35.21 -21.32 5.02
C MET A 299 -34.68 -21.16 6.43
N LEU A 300 -33.36 -21.13 6.55
CA LEU A 300 -32.73 -20.98 7.87
C LEU A 300 -32.21 -19.56 8.08
N THR A 301 -32.66 -18.96 9.16
CA THR A 301 -32.28 -17.60 9.53
C THR A 301 -31.44 -17.64 10.79
N TYR A 302 -30.22 -17.12 10.71
CA TYR A 302 -29.35 -17.12 11.87
C TYR A 302 -28.53 -15.84 11.97
N ASP A 303 -27.75 -15.71 13.03
CA ASP A 303 -26.90 -14.54 13.22
C ASP A 303 -25.57 -14.90 12.60
N PRO A 304 -25.21 -14.23 11.50
CA PRO A 304 -23.96 -14.47 10.78
C PRO A 304 -22.70 -14.24 11.61
N MET A 305 -22.84 -13.48 12.69
CA MET A 305 -21.72 -13.23 13.61
C MET A 305 -21.29 -14.48 14.35
N LEU A 306 -22.16 -15.49 14.39
CA LEU A 306 -21.85 -16.76 15.05
C LEU A 306 -20.83 -17.49 14.18
N LEU A 307 -20.95 -17.32 12.87
CA LEU A 307 -20.03 -17.96 11.96
C LEU A 307 -18.76 -17.13 11.87
N PHE A 308 -18.92 -15.82 11.64
CA PHE A 308 -17.80 -14.90 11.49
C PHE A 308 -16.65 -15.09 12.45
N THR A 309 -16.93 -15.13 13.75
CA THR A 309 -15.87 -15.28 14.73
C THR A 309 -14.96 -16.50 14.59
N GLY A 310 -15.25 -17.37 13.62
CA GLY A 310 -14.41 -18.54 13.41
C GLY A 310 -14.99 -19.95 13.47
N ARG A 311 -16.26 -20.10 13.82
CA ARG A 311 -16.87 -21.42 13.89
C ARG A 311 -16.88 -22.12 12.53
N THR A 312 -16.63 -23.43 12.52
CA THR A 312 -16.71 -24.19 11.27
C THR A 312 -18.08 -24.89 11.30
N TRP A 313 -18.85 -24.71 10.24
CA TRP A 313 -20.20 -25.27 10.13
C TRP A 313 -20.21 -26.11 8.86
N LYS A 314 -20.53 -27.39 8.96
CA LYS A 314 -20.56 -28.24 7.77
C LYS A 314 -21.65 -29.31 7.78
N GLY A 315 -22.07 -29.74 6.58
CA GLY A 315 -23.09 -30.76 6.42
C GLY A 315 -22.53 -32.18 6.45
N CYS A 316 -23.42 -33.16 6.42
CA CYS A 316 -22.99 -34.56 6.48
C CYS A 316 -23.92 -35.49 5.74
N VAL A 317 -23.40 -36.17 4.75
CA VAL A 317 -24.18 -37.12 4.02
C VAL A 317 -23.52 -38.47 4.28
N PHE A 318 -24.29 -39.40 4.85
CA PHE A 318 -23.80 -40.76 5.15
C PHE A 318 -22.51 -40.71 5.94
N GLY A 319 -22.47 -39.87 6.98
CA GLY A 319 -21.28 -39.75 7.79
C GLY A 319 -19.99 -39.62 7.00
N GLY A 320 -20.09 -38.98 5.83
CA GLY A 320 -18.92 -38.78 4.99
C GLY A 320 -18.25 -39.97 4.33
N LEU A 321 -18.96 -41.09 4.18
CA LEU A 321 -18.32 -42.25 3.55
C LEU A 321 -18.49 -42.35 2.03
N LYS A 322 -17.47 -42.89 1.39
CA LYS A 322 -17.52 -43.15 -0.04
C LYS A 322 -18.06 -44.58 0.02
N SER A 323 -19.37 -44.68 -0.07
CA SER A 323 -20.12 -45.92 0.07
C SER A 323 -19.51 -47.25 -0.37
N ARG A 324 -19.11 -47.38 -1.63
CA ARG A 324 -18.54 -48.64 -2.09
C ARG A 324 -17.17 -49.00 -1.54
N ASP A 325 -16.47 -48.03 -0.99
CA ASP A 325 -15.14 -48.31 -0.44
C ASP A 325 -15.24 -48.56 1.05
N ASP A 326 -16.02 -47.71 1.71
CA ASP A 326 -16.16 -47.74 3.17
C ASP A 326 -17.10 -48.75 3.81
N VAL A 327 -18.28 -48.96 3.24
CA VAL A 327 -19.22 -49.92 3.82
C VAL A 327 -18.57 -51.27 4.09
N PRO A 328 -17.83 -51.82 3.11
CA PRO A 328 -17.19 -53.11 3.33
C PRO A 328 -16.21 -53.07 4.50
N LYS A 329 -15.59 -51.93 4.71
CA LYS A 329 -14.62 -51.77 5.78
C LYS A 329 -15.32 -51.69 7.12
N LEU A 330 -16.42 -50.94 7.18
CA LEU A 330 -17.15 -50.86 8.42
C LEU A 330 -17.64 -52.25 8.87
N VAL A 331 -18.08 -53.07 7.90
CA VAL A 331 -18.54 -54.43 8.17
C VAL A 331 -17.37 -55.24 8.72
N THR A 332 -16.24 -55.19 8.01
CA THR A 332 -15.02 -55.88 8.43
C THR A 332 -14.58 -55.45 9.82
N GLU A 333 -14.72 -54.16 10.11
CA GLU A 333 -14.34 -53.66 11.42
C GLU A 333 -15.32 -54.19 12.45
N PHE A 334 -16.59 -54.33 12.06
CA PHE A 334 -17.61 -54.86 12.97
C PHE A 334 -17.21 -56.27 13.37
N LEU A 335 -16.86 -57.09 12.37
CA LEU A 335 -16.44 -58.46 12.61
C LEU A 335 -15.08 -58.51 13.30
N ALA A 336 -14.42 -57.35 13.42
CA ALA A 336 -13.13 -57.28 14.11
C ALA A 336 -13.40 -56.84 15.56
N LYS A 337 -14.68 -56.71 15.89
CA LYS A 337 -15.16 -56.37 17.23
C LYS A 337 -14.83 -54.95 17.72
N LYS A 338 -14.59 -54.07 16.76
CA LYS A 338 -14.23 -52.68 17.03
C LYS A 338 -15.36 -51.93 17.74
N PHE A 339 -16.61 -52.23 17.37
CA PHE A 339 -17.75 -51.58 17.98
C PHE A 339 -18.89 -52.58 18.14
N ASP A 340 -19.88 -52.25 18.96
CA ASP A 340 -21.01 -53.14 19.18
C ASP A 340 -22.30 -52.51 18.72
N LEU A 341 -22.93 -53.12 17.71
CA LEU A 341 -24.18 -52.60 17.16
C LEU A 341 -25.42 -53.03 17.93
N ASP A 342 -25.35 -54.15 18.65
CA ASP A 342 -26.49 -54.67 19.42
C ASP A 342 -27.19 -53.61 20.26
N GLN A 343 -26.40 -52.72 20.85
CA GLN A 343 -26.93 -51.66 21.71
C GLN A 343 -27.93 -50.77 20.96
N LEU A 344 -27.72 -50.60 19.66
CA LEU A 344 -28.58 -49.74 18.86
C LEU A 344 -29.90 -50.37 18.45
N ILE A 345 -29.96 -51.69 18.49
CA ILE A 345 -31.15 -52.41 18.11
C ILE A 345 -31.93 -52.77 19.36
N THR A 346 -33.05 -52.06 19.58
CA THR A 346 -33.88 -52.30 20.75
C THR A 346 -34.93 -53.35 20.45
N HIS A 347 -35.30 -53.47 19.18
CA HIS A 347 -36.34 -54.40 18.74
C HIS A 347 -36.03 -55.04 17.41
N VAL A 348 -36.38 -56.32 17.29
CA VAL A 348 -36.20 -57.09 16.06
C VAL A 348 -37.60 -57.68 15.85
N LEU A 349 -38.25 -57.31 14.75
CA LEU A 349 -39.60 -57.77 14.45
C LEU A 349 -39.72 -58.31 13.01
N PRO A 350 -40.75 -59.15 12.76
CA PRO A 350 -40.89 -59.67 11.40
C PRO A 350 -41.47 -58.55 10.55
N PHE A 351 -41.04 -58.48 9.30
CA PHE A 351 -41.50 -57.47 8.38
C PHE A 351 -42.97 -57.04 8.47
N LYS A 352 -43.88 -57.98 8.78
CA LYS A 352 -45.30 -57.65 8.85
C LYS A 352 -45.63 -56.64 9.93
N LYS A 353 -44.82 -56.65 10.99
CA LYS A 353 -45.01 -55.74 12.12
C LYS A 353 -44.41 -54.35 11.90
N ILE A 354 -44.17 -53.98 10.65
CA ILE A 354 -43.60 -52.69 10.30
C ILE A 354 -44.26 -51.51 11.02
N SER A 355 -45.58 -51.49 11.04
CA SER A 355 -46.34 -50.43 11.69
C SER A 355 -45.98 -50.31 13.16
N GLU A 356 -45.73 -51.44 13.83
CA GLU A 356 -45.37 -51.39 15.24
C GLU A 356 -44.02 -50.68 15.35
N GLY A 357 -43.07 -51.08 14.50
CA GLY A 357 -41.74 -50.48 14.49
C GLY A 357 -41.82 -48.95 14.40
N PHE A 358 -42.69 -48.47 13.52
CA PHE A 358 -42.89 -47.04 13.35
C PHE A 358 -43.63 -46.43 14.53
N GLU A 359 -44.41 -47.22 15.26
CA GLU A 359 -45.12 -46.69 16.42
C GLU A 359 -44.11 -46.44 17.54
N LEU A 360 -43.21 -47.40 17.72
CA LEU A 360 -42.18 -47.35 18.75
C LEU A 360 -41.18 -46.21 18.52
N LEU A 361 -40.83 -45.99 17.26
CA LEU A 361 -39.92 -44.92 16.87
C LEU A 361 -40.56 -43.58 17.25
N ASN A 362 -41.78 -43.35 16.77
CA ASN A 362 -42.51 -42.13 17.04
C ASN A 362 -42.96 -41.88 18.47
N SER A 363 -42.79 -42.87 19.34
CA SER A 363 -43.20 -42.71 20.74
C SER A 363 -42.00 -42.67 21.67
N GLY A 364 -40.81 -42.79 21.10
CA GLY A 364 -39.60 -42.76 21.90
C GLY A 364 -39.34 -44.03 22.67
N GLN A 365 -39.95 -45.13 22.25
CA GLN A 365 -39.76 -46.40 22.94
C GLN A 365 -38.75 -47.30 22.23
N SER A 366 -38.11 -46.79 21.18
CA SER A 366 -37.12 -47.57 20.47
C SER A 366 -36.00 -46.71 19.89
N ILE A 367 -34.84 -47.33 19.72
CA ILE A 367 -33.70 -46.68 19.10
C ILE A 367 -33.89 -47.26 17.71
N ARG A 368 -33.11 -48.27 17.35
CA ARG A 368 -33.27 -48.88 16.03
C ARG A 368 -34.14 -50.13 16.11
N THR A 369 -35.07 -50.24 15.17
CA THR A 369 -35.96 -51.39 15.08
C THR A 369 -35.64 -52.06 13.74
N VAL A 370 -35.31 -53.35 13.80
CA VAL A 370 -34.99 -54.10 12.60
C VAL A 370 -36.17 -54.96 12.20
N LEU A 371 -36.49 -54.98 10.92
CA LEU A 371 -37.57 -55.76 10.38
C LEU A 371 -36.86 -56.90 9.66
N THR A 372 -37.30 -58.13 9.90
CA THR A 372 -36.70 -59.28 9.27
C THR A 372 -37.62 -60.01 8.28
N PHE A 373 -37.03 -60.74 7.36
CA PHE A 373 -37.78 -61.47 6.33
C PHE A 373 -37.67 -62.98 6.46
N GLY B 1 10.74 14.25 30.41
CA GLY B 1 10.20 13.65 29.16
C GLY B 1 8.69 13.48 29.25
N THR B 2 8.12 12.68 28.34
CA THR B 2 6.68 12.41 28.32
C THR B 2 6.23 11.24 29.21
N ALA B 3 7.16 10.33 29.53
CA ALA B 3 6.84 9.19 30.38
C ALA B 3 6.13 9.64 31.66
N GLY B 4 5.12 8.89 32.08
CA GLY B 4 4.37 9.21 33.28
C GLY B 4 3.63 10.53 33.20
N LYS B 5 3.46 11.04 31.98
CA LYS B 5 2.79 12.31 31.78
C LYS B 5 1.71 12.22 30.70
N VAL B 6 0.71 13.10 30.81
CA VAL B 6 -0.37 13.12 29.85
C VAL B 6 0.12 13.80 28.59
N ILE B 7 0.07 13.09 27.48
CA ILE B 7 0.50 13.65 26.21
C ILE B 7 -0.66 14.42 25.62
N LYS B 8 -0.36 15.49 24.88
CA LYS B 8 -1.37 16.27 24.20
C LYS B 8 -1.00 16.15 22.73
N CYS B 9 -1.94 15.69 21.92
CA CYS B 9 -1.64 15.52 20.51
C CYS B 9 -2.90 15.65 19.75
N LYS B 10 -2.84 15.35 18.47
CA LYS B 10 -4.00 15.42 17.60
C LYS B 10 -4.44 14.01 17.26
N ALA B 11 -5.73 13.84 17.00
CA ALA B 11 -6.32 12.55 16.67
C ALA B 11 -7.57 12.78 15.84
N ALA B 12 -7.82 11.91 14.87
CA ALA B 12 -9.04 12.04 14.09
C ALA B 12 -10.15 11.33 14.90
N VAL B 13 -11.10 12.12 15.36
CA VAL B 13 -12.22 11.65 16.16
C VAL B 13 -13.51 11.62 15.35
N LEU B 14 -14.41 10.72 15.74
CA LEU B 14 -15.74 10.61 15.15
C LEU B 14 -16.60 10.85 16.40
N TRP B 15 -17.42 11.90 16.37
CA TRP B 15 -18.25 12.23 17.52
C TRP B 15 -19.53 11.40 17.58
N GLU B 16 -20.03 11.00 16.41
CA GLU B 16 -21.23 10.19 16.33
C GLU B 16 -21.09 9.44 15.02
N GLN B 17 -22.01 8.51 14.76
CA GLN B 17 -21.95 7.74 13.52
C GLN B 17 -22.48 8.60 12.37
N LYS B 18 -22.11 8.25 11.14
CA LYS B 18 -22.55 9.00 9.97
C LYS B 18 -22.12 10.48 10.02
N GLN B 19 -20.86 10.68 10.39
CA GLN B 19 -20.25 12.02 10.50
C GLN B 19 -18.80 11.97 10.00
N PRO B 20 -18.29 13.10 9.47
CA PRO B 20 -16.90 13.11 8.99
C PRO B 20 -15.95 13.13 10.17
N PHE B 21 -14.67 12.88 9.90
CA PHE B 21 -13.66 12.96 10.96
C PHE B 21 -13.48 14.43 11.36
N SER B 22 -13.07 14.64 12.59
CA SER B 22 -12.83 15.98 13.08
C SER B 22 -11.54 15.78 13.84
N ILE B 23 -10.45 16.30 13.28
CA ILE B 23 -9.15 16.18 13.94
C ILE B 23 -9.21 17.13 15.12
N GLU B 24 -9.08 16.55 16.30
CA GLU B 24 -9.15 17.29 17.55
C GLU B 24 -7.88 17.18 18.37
N GLU B 25 -7.76 18.06 19.36
CA GLU B 25 -6.63 18.06 20.27
C GLU B 25 -7.13 17.11 21.34
N ILE B 26 -6.37 16.06 21.62
CA ILE B 26 -6.80 15.10 22.62
C ILE B 26 -5.69 14.89 23.62
N GLU B 27 -6.00 14.34 24.78
CA GLU B 27 -4.99 14.03 25.77
C GLU B 27 -4.93 12.49 25.81
N VAL B 28 -3.75 11.93 25.99
CA VAL B 28 -3.56 10.50 26.05
C VAL B 28 -2.87 10.27 27.37
N ALA B 29 -3.57 9.61 28.29
CA ALA B 29 -3.04 9.30 29.62
C ALA B 29 -1.87 8.33 29.53
N PRO B 30 -1.01 8.32 30.55
CA PRO B 30 0.13 7.41 30.55
C PRO B 30 -0.33 5.96 30.76
N PRO B 31 0.49 4.99 30.31
CA PRO B 31 0.10 3.59 30.50
C PRO B 31 0.04 3.13 31.94
N LYS B 32 -1.00 2.37 32.27
CA LYS B 32 -1.16 1.83 33.62
C LYS B 32 -0.49 0.45 33.58
N THR B 33 -0.67 -0.35 34.63
CA THR B 33 -0.05 -1.66 34.68
C THR B 33 -0.27 -2.45 33.39
N LYS B 34 0.80 -3.07 32.93
CA LYS B 34 0.83 -3.89 31.74
C LYS B 34 0.26 -3.28 30.48
N GLU B 35 0.36 -1.96 30.36
CA GLU B 35 -0.10 -1.28 29.16
C GLU B 35 1.13 -0.66 28.49
N VAL B 36 0.96 -0.20 27.26
CA VAL B 36 2.07 0.38 26.51
C VAL B 36 1.62 1.60 25.72
N ARG B 37 2.33 2.74 25.85
CA ARG B 37 1.98 3.91 25.05
C ARG B 37 2.85 3.93 23.79
N ILE B 38 2.20 4.04 22.64
CA ILE B 38 2.85 3.98 21.35
C ILE B 38 2.63 5.24 20.52
N LYS B 39 3.70 5.65 19.83
CA LYS B 39 3.67 6.78 18.92
C LYS B 39 3.42 6.14 17.57
N ILE B 40 2.42 6.62 16.83
CA ILE B 40 2.09 6.04 15.53
C ILE B 40 2.91 6.65 14.40
N LEU B 41 3.54 5.80 13.59
CA LEU B 41 4.35 6.26 12.49
C LEU B 41 3.57 6.21 11.20
N ALA B 42 2.86 5.11 10.97
CA ALA B 42 2.05 4.95 9.77
C ALA B 42 0.86 4.05 10.10
N THR B 43 -0.24 4.24 9.38
CA THR B 43 -1.45 3.48 9.60
C THR B 43 -2.27 3.37 8.32
N GLY B 44 -2.75 2.16 8.01
CA GLY B 44 -3.54 1.96 6.81
C GLY B 44 -5.01 2.29 7.00
N ILE B 45 -5.70 2.49 5.89
CA ILE B 45 -7.13 2.76 5.96
C ILE B 45 -7.85 1.48 5.58
N CYS B 46 -8.40 0.79 6.59
CA CYS B 46 -9.15 -0.46 6.39
C CYS B 46 -10.63 -0.19 6.27
N ARG B 47 -11.30 -0.98 5.43
CA ARG B 47 -12.76 -0.88 5.22
C ARG B 47 -13.59 -1.01 6.50
N THR B 48 -13.04 -1.71 7.49
CA THR B 48 -13.71 -1.87 8.76
C THR B 48 -13.87 -0.50 9.43
N ASP B 49 -12.84 0.33 9.33
CA ASP B 49 -12.85 1.69 9.92
C ASP B 49 -14.00 2.49 9.31
N ASP B 50 -14.24 2.28 8.03
CA ASP B 50 -15.30 2.99 7.34
C ASP B 50 -16.67 2.47 7.81
N HIS B 51 -16.74 1.21 8.23
CA HIS B 51 -18.00 0.62 8.71
C HIS B 51 -18.47 1.41 9.92
N VAL B 52 -17.54 1.79 10.80
CA VAL B 52 -17.94 2.54 11.98
C VAL B 52 -18.64 3.81 11.55
N ILE B 53 -18.04 4.50 10.58
CA ILE B 53 -18.60 5.73 10.04
C ILE B 53 -19.99 5.43 9.54
N LYS B 54 -20.10 4.44 8.64
CA LYS B 54 -21.38 4.05 8.05
C LYS B 54 -22.45 3.59 9.05
N GLY B 55 -22.03 3.20 10.24
CA GLY B 55 -22.97 2.74 11.25
C GLY B 55 -23.18 1.24 11.28
N THR B 56 -22.52 0.52 10.38
CA THR B 56 -22.64 -0.93 10.24
C THR B 56 -21.59 -1.74 11.03
N MET B 57 -20.96 -1.08 12.00
CA MET B 57 -19.96 -1.71 12.84
C MET B 57 -20.25 -1.04 14.16
N VAL B 58 -20.44 -1.87 15.18
CA VAL B 58 -20.77 -1.37 16.50
C VAL B 58 -19.62 -0.65 17.19
N SER B 59 -19.95 0.48 17.83
CA SER B 59 -18.97 1.28 18.56
C SER B 59 -19.67 2.29 19.46
N LYS B 60 -19.01 2.62 20.56
CA LYS B 60 -19.50 3.63 21.46
C LYS B 60 -18.85 4.94 20.93
N PHE B 61 -19.50 6.09 21.15
CA PHE B 61 -18.96 7.37 20.69
C PHE B 61 -18.76 8.39 21.82
N PRO B 62 -17.81 9.33 21.63
CA PRO B 62 -16.94 9.50 20.47
C PRO B 62 -15.89 8.42 20.47
N VAL B 63 -15.26 8.21 19.32
CA VAL B 63 -14.24 7.17 19.23
C VAL B 63 -13.09 7.48 18.26
N ILE B 64 -11.93 6.89 18.53
CA ILE B 64 -10.78 7.04 17.65
C ILE B 64 -10.55 5.68 17.00
N VAL B 65 -10.87 5.57 15.71
CA VAL B 65 -10.69 4.32 15.00
C VAL B 65 -9.26 4.15 14.49
N GLY B 66 -9.10 3.33 13.46
CA GLY B 66 -7.80 3.05 12.91
C GLY B 66 -7.24 1.89 13.69
N HIS B 67 -6.69 0.88 13.03
CA HIS B 67 -6.15 -0.27 13.76
C HIS B 67 -4.95 -0.94 13.08
N GLU B 68 -4.82 -0.70 11.79
CA GLU B 68 -3.73 -1.26 11.00
C GLU B 68 -2.58 -0.26 11.10
N ALA B 69 -1.61 -0.49 11.99
CA ALA B 69 -0.55 0.47 12.20
C ALA B 69 0.79 -0.04 12.67
N THR B 70 1.81 0.80 12.49
CA THR B 70 3.17 0.54 12.93
C THR B 70 3.53 1.72 13.81
N GLY B 71 4.29 1.50 14.87
CA GLY B 71 4.65 2.59 15.75
C GLY B 71 5.92 2.29 16.50
N ILE B 72 6.24 3.12 17.47
CA ILE B 72 7.44 2.98 18.29
C ILE B 72 6.95 3.21 19.71
N VAL B 73 7.43 2.43 20.65
CA VAL B 73 7.02 2.58 22.04
C VAL B 73 7.57 3.82 22.68
N GLU B 74 6.67 4.74 23.03
CA GLU B 74 7.04 5.96 23.72
C GLU B 74 7.38 5.56 25.16
N SER B 75 6.51 4.76 25.78
CA SER B 75 6.78 4.28 27.14
C SER B 75 5.98 3.05 27.50
N ILE B 76 6.39 2.39 28.57
CA ILE B 76 5.75 1.18 29.05
C ILE B 76 5.26 1.36 30.48
N GLY B 77 4.08 0.81 30.76
CA GLY B 77 3.50 0.91 32.08
C GLY B 77 4.13 -0.11 33.01
N GLU B 78 3.79 -0.02 34.29
CA GLU B 78 4.32 -0.91 35.33
C GLU B 78 4.11 -2.38 34.99
N GLY B 79 5.14 -3.21 35.17
CA GLY B 79 4.99 -4.63 34.91
C GLY B 79 5.25 -5.15 33.52
N VAL B 80 5.34 -4.26 32.52
CA VAL B 80 5.61 -4.68 31.13
C VAL B 80 6.98 -5.34 31.02
N THR B 81 7.11 -6.31 30.11
CA THR B 81 8.35 -7.04 29.95
C THR B 81 8.63 -7.50 28.52
N THR B 82 7.68 -7.32 27.61
CA THR B 82 7.85 -7.75 26.22
C THR B 82 8.31 -6.68 25.25
N VAL B 83 8.24 -5.43 25.68
CA VAL B 83 8.66 -4.28 24.88
C VAL B 83 9.30 -3.26 25.82
N LYS B 84 10.12 -2.37 25.26
CA LYS B 84 10.78 -1.31 26.03
C LYS B 84 10.71 -0.03 25.20
N PRO B 85 10.89 1.14 25.82
CA PRO B 85 10.84 2.41 25.06
C PRO B 85 11.82 2.37 23.91
N GLY B 86 11.35 2.80 22.74
CA GLY B 86 12.20 2.78 21.56
C GLY B 86 11.87 1.62 20.64
N ASP B 87 11.35 0.53 21.21
CA ASP B 87 11.00 -0.63 20.41
C ASP B 87 9.98 -0.30 19.34
N LYS B 88 10.19 -0.86 18.15
CA LYS B 88 9.27 -0.68 17.03
C LYS B 88 8.19 -1.74 17.28
N VAL B 89 6.94 -1.37 17.08
CA VAL B 89 5.85 -2.31 17.35
C VAL B 89 4.66 -2.14 16.44
N ILE B 90 3.88 -3.21 16.32
CA ILE B 90 2.64 -3.21 15.55
C ILE B 90 1.53 -3.48 16.59
N PRO B 91 0.64 -2.51 16.79
CA PRO B 91 -0.44 -2.69 17.76
C PRO B 91 -1.39 -3.77 17.22
N LEU B 92 -1.84 -4.68 18.08
CA LEU B 92 -2.69 -5.83 17.68
C LEU B 92 -4.16 -5.73 18.06
N PHE B 93 -5.05 -5.57 17.09
CA PHE B 93 -6.46 -5.49 17.42
C PHE B 93 -6.92 -6.86 17.97
N LEU B 94 -6.17 -7.90 17.63
CA LEU B 94 -6.44 -9.25 18.06
C LEU B 94 -5.44 -9.61 19.15
N PRO B 95 -5.88 -9.59 20.42
CA PRO B 95 -4.93 -9.94 21.48
C PRO B 95 -4.40 -11.35 21.40
N GLN B 96 -3.49 -11.66 22.31
CA GLN B 96 -2.98 -13.01 22.47
C GLN B 96 -2.44 -13.13 23.87
N CYS B 97 -3.36 -13.14 24.83
CA CYS B 97 -3.05 -13.26 26.26
C CYS B 97 -2.30 -14.57 26.57
N ARG B 98 -2.41 -15.53 25.66
CA ARG B 98 -1.73 -16.82 25.84
C ARG B 98 -2.29 -17.70 26.99
N GLU B 99 -3.30 -17.20 27.68
CA GLU B 99 -3.91 -17.89 28.83
C GLU B 99 -5.26 -18.51 28.53
N CYS B 100 -6.09 -17.81 27.80
CA CYS B 100 -7.42 -18.29 27.49
C CYS B 100 -7.42 -19.52 26.57
N ASN B 101 -8.59 -20.14 26.41
CA ASN B 101 -8.75 -21.35 25.59
C ASN B 101 -8.37 -21.14 24.14
N ALA B 102 -8.98 -20.15 23.48
CA ALA B 102 -8.64 -19.87 22.08
C ALA B 102 -7.12 -19.65 21.96
N CYS B 103 -6.53 -18.99 22.95
CA CYS B 103 -5.07 -18.81 22.93
C CYS B 103 -4.32 -20.13 23.13
N ARG B 104 -4.79 -20.97 24.06
CA ARG B 104 -4.13 -22.25 24.31
C ARG B 104 -4.40 -23.32 23.26
N ASN B 105 -5.40 -23.10 22.41
CA ASN B 105 -5.76 -24.05 21.37
C ASN B 105 -5.07 -23.72 20.05
N PRO B 106 -4.20 -24.62 19.54
CA PRO B 106 -3.50 -24.36 18.28
C PRO B 106 -4.34 -23.99 17.06
N ASP B 107 -5.65 -24.19 17.13
CA ASP B 107 -6.54 -23.88 16.01
C ASP B 107 -7.32 -22.61 16.31
N GLY B 108 -7.26 -22.16 17.55
CA GLY B 108 -7.96 -20.94 17.88
C GLY B 108 -7.05 -19.72 17.79
N ASN B 109 -7.68 -18.55 17.68
CA ASN B 109 -6.95 -17.29 17.65
C ASN B 109 -7.74 -16.13 18.26
N LEU B 110 -9.06 -16.28 18.43
CA LEU B 110 -9.88 -15.21 19.01
C LEU B 110 -9.78 -15.23 20.53
N CYS B 111 -8.83 -14.48 21.03
CA CYS B 111 -8.56 -14.35 22.45
C CYS B 111 -9.74 -13.71 23.17
N ILE B 112 -9.96 -14.04 24.45
CA ILE B 112 -11.07 -13.44 25.18
C ILE B 112 -11.02 -11.94 25.17
N ARG B 113 -9.82 -11.38 25.08
CA ARG B 113 -9.65 -9.93 25.06
C ARG B 113 -10.06 -9.27 23.76
N SER B 114 -10.36 -10.08 22.73
CA SER B 114 -10.80 -9.51 21.47
C SER B 114 -12.07 -8.71 21.72
N ASP B 115 -12.15 -7.56 21.07
CA ASP B 115 -13.29 -6.69 21.22
C ASP B 115 -14.19 -6.98 20.05
N ILE B 116 -15.25 -7.73 20.32
CA ILE B 116 -16.21 -8.09 19.30
C ILE B 116 -17.60 -7.48 19.60
N THR B 117 -17.70 -6.76 20.71
CA THR B 117 -18.97 -6.14 21.08
C THR B 117 -18.99 -4.60 21.16
N GLY B 118 -17.93 -3.96 20.64
CA GLY B 118 -17.87 -2.52 20.66
C GLY B 118 -17.61 -1.99 22.04
N ARG B 119 -16.88 -2.77 22.84
CA ARG B 119 -16.54 -2.37 24.23
C ARG B 119 -15.85 -1.00 24.25
N GLY B 120 -14.92 -0.79 23.31
CA GLY B 120 -14.20 0.46 23.19
C GLY B 120 -13.45 0.87 24.44
N VAL B 121 -12.90 -0.09 25.16
CA VAL B 121 -12.15 0.18 26.38
C VAL B 121 -11.00 -0.80 26.48
N LEU B 122 -10.08 -0.59 27.42
CA LEU B 122 -8.94 -1.47 27.61
C LEU B 122 -9.33 -2.60 28.56
N ALA B 123 -8.39 -3.49 28.87
CA ALA B 123 -8.67 -4.63 29.75
C ALA B 123 -9.23 -4.29 31.11
N ASP B 124 -8.84 -3.15 31.67
CA ASP B 124 -9.32 -2.76 32.99
C ASP B 124 -10.67 -2.06 32.91
N GLY B 125 -11.18 -1.94 31.70
CA GLY B 125 -12.48 -1.32 31.49
C GLY B 125 -12.52 0.17 31.28
N THR B 126 -11.40 0.87 31.43
CA THR B 126 -11.39 2.31 31.23
C THR B 126 -10.76 2.80 29.91
N THR B 127 -10.96 4.08 29.63
CA THR B 127 -10.42 4.74 28.43
C THR B 127 -9.09 5.45 28.78
N ARG B 128 -8.35 5.84 27.75
CA ARG B 128 -7.07 6.54 27.94
C ARG B 128 -7.08 7.83 27.13
N PHE B 129 -8.22 8.15 26.52
CA PHE B 129 -8.35 9.33 25.69
C PHE B 129 -9.37 10.30 26.26
N THR B 130 -9.13 11.59 26.05
CA THR B 130 -10.03 12.65 26.49
C THR B 130 -10.04 13.70 25.38
N CYS B 131 -11.16 14.36 25.19
CA CYS B 131 -11.27 15.39 24.18
C CYS B 131 -12.35 16.32 24.70
N LYS B 132 -11.97 17.55 24.98
CA LYS B 132 -12.89 18.54 25.50
C LYS B 132 -13.39 18.05 26.84
N GLY B 133 -12.47 17.55 27.64
CA GLY B 133 -12.81 17.05 28.96
C GLY B 133 -13.71 15.83 29.01
N LYS B 134 -13.94 15.17 27.87
CA LYS B 134 -14.79 14.00 27.80
C LYS B 134 -14.08 12.75 27.25
N PRO B 135 -14.35 11.57 27.85
CA PRO B 135 -13.70 10.33 27.38
C PRO B 135 -14.02 9.98 25.93
N VAL B 136 -13.01 9.49 25.21
CA VAL B 136 -13.17 9.08 23.82
C VAL B 136 -12.78 7.61 23.85
N HIS B 137 -13.58 6.78 23.20
CA HIS B 137 -13.37 5.34 23.21
C HIS B 137 -12.37 4.83 22.23
N HIS B 138 -11.71 3.75 22.62
CA HIS B 138 -10.73 3.10 21.77
C HIS B 138 -11.45 2.32 20.70
N PHE B 139 -10.71 1.61 19.85
CA PHE B 139 -11.33 0.85 18.78
C PHE B 139 -10.45 -0.36 18.54
N LEU B 140 -11.10 -1.52 18.59
CA LEU B 140 -10.46 -2.79 18.41
C LEU B 140 -9.14 -2.93 19.14
N ASN B 141 -9.10 -2.55 20.41
CA ASN B 141 -7.86 -2.69 21.19
C ASN B 141 -6.66 -1.91 20.64
N THR B 142 -6.92 -0.96 19.74
CA THR B 142 -5.86 -0.21 19.11
C THR B 142 -6.08 1.30 19.08
N SER B 143 -6.79 1.78 18.06
CA SER B 143 -7.05 3.21 17.86
C SER B 143 -5.71 3.80 17.42
N THR B 144 -5.54 3.88 16.10
CA THR B 144 -4.30 4.33 15.55
C THR B 144 -4.35 5.64 14.77
N PHE B 145 -5.54 6.17 14.52
CA PHE B 145 -5.66 7.43 13.81
C PHE B 145 -5.47 8.50 14.87
N THR B 146 -4.31 8.49 15.51
CA THR B 146 -3.95 9.42 16.56
C THR B 146 -2.43 9.34 16.61
N GLU B 147 -1.77 10.37 17.10
CA GLU B 147 -0.31 10.34 17.14
C GLU B 147 0.16 9.41 18.24
N TYR B 148 -0.59 9.33 19.33
CA TYR B 148 -0.24 8.47 20.46
C TYR B 148 -1.46 7.67 20.94
N THR B 149 -1.22 6.42 21.32
CA THR B 149 -2.27 5.53 21.81
C THR B 149 -1.73 4.59 22.87
N VAL B 150 -2.63 4.03 23.66
CA VAL B 150 -2.23 3.07 24.71
C VAL B 150 -2.97 1.76 24.44
N VAL B 151 -2.23 0.65 24.55
CA VAL B 151 -2.76 -0.70 24.34
C VAL B 151 -2.31 -1.60 25.47
N ASP B 152 -3.05 -2.69 25.73
CA ASP B 152 -2.69 -3.63 26.77
C ASP B 152 -1.53 -4.38 26.21
N GLU B 153 -0.64 -4.87 27.06
CA GLU B 153 0.53 -5.59 26.58
C GLU B 153 0.17 -6.77 25.74
N SER B 154 -1.01 -7.35 25.98
CA SER B 154 -1.48 -8.51 25.23
C SER B 154 -1.77 -8.12 23.78
N SER B 155 -1.89 -6.82 23.55
CA SER B 155 -2.17 -6.28 22.23
C SER B 155 -1.02 -5.54 21.54
N VAL B 156 0.22 -5.97 21.77
CA VAL B 156 1.40 -5.35 21.12
C VAL B 156 2.38 -6.40 20.63
N ALA B 157 2.83 -6.27 19.39
CA ALA B 157 3.83 -7.19 18.87
C ALA B 157 5.12 -6.43 18.54
N LYS B 158 6.19 -6.73 19.27
CA LYS B 158 7.49 -6.12 19.03
C LYS B 158 8.02 -6.70 17.72
N ILE B 159 8.21 -5.85 16.72
CA ILE B 159 8.69 -6.31 15.41
C ILE B 159 10.11 -5.80 15.16
N ASP B 160 10.76 -6.32 14.11
CA ASP B 160 12.13 -5.91 13.79
C ASP B 160 12.27 -4.41 13.54
N ASP B 161 13.39 -3.86 13.99
CA ASP B 161 13.68 -2.44 13.90
C ASP B 161 13.86 -1.90 12.49
N ALA B 162 14.28 -2.75 11.57
CA ALA B 162 14.49 -2.33 10.19
C ALA B 162 13.22 -2.33 9.38
N ALA B 163 12.12 -2.76 9.99
CA ALA B 163 10.87 -2.82 9.28
C ALA B 163 10.33 -1.46 8.92
N PRO B 164 10.18 -1.16 7.62
CA PRO B 164 9.66 0.13 7.15
C PRO B 164 8.19 0.24 7.61
N PRO B 165 7.90 1.17 8.52
CA PRO B 165 6.58 1.42 9.08
C PRO B 165 5.44 1.56 8.09
N GLU B 166 5.63 2.37 7.07
CA GLU B 166 4.60 2.60 6.05
C GLU B 166 4.28 1.37 5.20
N LYS B 167 5.02 0.29 5.45
CA LYS B 167 4.79 -0.94 4.69
C LYS B 167 4.30 -2.05 5.61
N VAL B 168 5.08 -2.39 6.63
CA VAL B 168 4.73 -3.44 7.56
C VAL B 168 3.44 -3.16 8.36
N CYS B 169 2.84 -1.98 8.22
CA CYS B 169 1.62 -1.70 8.96
C CYS B 169 0.45 -2.57 8.45
N LEU B 170 0.56 -2.99 7.19
CA LEU B 170 -0.46 -3.85 6.55
C LEU B 170 -0.56 -5.22 7.21
N ILE B 171 0.47 -5.55 7.98
CA ILE B 171 0.58 -6.80 8.71
C ILE B 171 -0.25 -6.71 10.03
N GLY B 172 -0.77 -5.52 10.29
CA GLY B 172 -1.58 -5.29 11.48
C GLY B 172 -3.03 -5.64 11.20
N CYS B 173 -3.35 -5.93 9.93
CA CYS B 173 -4.70 -6.33 9.54
C CYS B 173 -4.76 -6.82 8.09
N GLY B 174 -5.22 -5.94 7.20
CA GLY B 174 -5.37 -6.24 5.78
C GLY B 174 -4.62 -7.38 5.13
N PHE B 175 -3.30 -7.42 5.27
CA PHE B 175 -2.51 -8.48 4.65
C PHE B 175 -2.54 -9.80 5.38
N SER B 176 -2.26 -9.75 6.68
CA SER B 176 -2.23 -10.95 7.48
C SER B 176 -3.57 -11.70 7.40
N THR B 177 -4.65 -10.93 7.43
CA THR B 177 -5.99 -11.43 7.33
C THR B 177 -6.28 -12.21 6.04
N GLY B 178 -6.28 -11.53 4.91
CA GLY B 178 -6.53 -12.21 3.65
C GLY B 178 -5.45 -13.23 3.32
N TYR B 179 -4.23 -13.03 3.78
CA TYR B 179 -3.18 -14.01 3.47
C TYR B 179 -3.43 -15.31 4.23
N GLY B 180 -3.53 -15.15 5.56
CA GLY B 180 -3.78 -16.28 6.43
C GLY B 180 -5.13 -16.92 6.13
N ALA B 181 -6.10 -16.11 5.71
CA ALA B 181 -7.42 -16.62 5.37
C ALA B 181 -7.30 -17.80 4.42
N ALA B 182 -6.29 -17.76 3.56
CA ALA B 182 -6.05 -18.81 2.57
C ALA B 182 -5.11 -19.90 3.08
N VAL B 183 -3.98 -19.47 3.61
CA VAL B 183 -2.93 -20.36 4.11
C VAL B 183 -3.25 -21.05 5.43
N LYS B 184 -3.83 -20.31 6.37
CA LYS B 184 -4.14 -20.84 7.69
C LYS B 184 -5.58 -21.30 7.94
N THR B 185 -6.56 -20.48 7.56
CA THR B 185 -7.95 -20.84 7.78
C THR B 185 -8.54 -21.81 6.77
N GLY B 186 -8.45 -21.48 5.48
CA GLY B 186 -8.97 -22.38 4.47
C GLY B 186 -8.02 -23.49 4.12
N LYS B 187 -6.79 -23.40 4.62
CA LYS B 187 -5.73 -24.38 4.34
C LYS B 187 -5.74 -24.85 2.88
N VAL B 188 -5.89 -23.89 1.96
CA VAL B 188 -5.93 -24.17 0.53
C VAL B 188 -4.80 -25.11 0.15
N LYS B 189 -5.17 -26.23 -0.47
CA LYS B 189 -4.20 -27.23 -0.87
C LYS B 189 -3.83 -27.07 -2.32
N PRO B 190 -2.60 -27.49 -2.68
CA PRO B 190 -2.07 -27.41 -4.04
C PRO B 190 -2.99 -28.02 -5.08
N GLY B 191 -3.06 -27.39 -6.25
CA GLY B 191 -3.87 -27.90 -7.33
C GLY B 191 -5.33 -27.47 -7.28
N SER B 192 -5.76 -26.90 -6.18
CA SER B 192 -7.15 -26.49 -6.05
C SER B 192 -7.53 -25.32 -6.92
N THR B 193 -8.81 -25.01 -6.87
CA THR B 193 -9.39 -23.92 -7.61
C THR B 193 -10.07 -23.02 -6.57
N CYS B 194 -9.51 -21.83 -6.36
CA CYS B 194 -10.06 -20.88 -5.38
C CYS B 194 -10.82 -19.75 -6.08
N VAL B 195 -11.73 -19.10 -5.36
CA VAL B 195 -12.52 -18.00 -5.90
C VAL B 195 -12.59 -16.94 -4.81
N VAL B 196 -12.21 -15.71 -5.16
CA VAL B 196 -12.20 -14.60 -4.21
C VAL B 196 -13.23 -13.55 -4.55
N PHE B 197 -14.19 -13.35 -3.66
CA PHE B 197 -15.25 -12.36 -3.84
C PHE B 197 -14.80 -11.07 -3.17
N GLY B 198 -14.28 -10.14 -3.96
CA GLY B 198 -13.81 -8.88 -3.41
C GLY B 198 -12.32 -8.74 -3.64
N LEU B 199 -11.94 -7.76 -4.45
CA LEU B 199 -10.54 -7.54 -4.80
C LEU B 199 -9.94 -6.24 -4.27
N GLY B 200 -10.29 -5.90 -3.04
CA GLY B 200 -9.77 -4.71 -2.42
C GLY B 200 -8.49 -5.09 -1.71
N GLY B 201 -8.21 -4.44 -0.60
CA GLY B 201 -6.98 -4.71 0.14
C GLY B 201 -6.85 -6.13 0.63
N VAL B 202 -7.87 -6.60 1.34
CA VAL B 202 -7.86 -7.93 1.90
C VAL B 202 -8.02 -9.01 0.82
N GLY B 203 -8.91 -8.76 -0.13
CA GLY B 203 -9.15 -9.70 -1.20
C GLY B 203 -7.91 -10.02 -2.01
N LEU B 204 -7.08 -9.01 -2.26
CA LEU B 204 -5.86 -9.21 -3.02
C LEU B 204 -4.90 -10.04 -2.20
N SER B 205 -4.91 -9.83 -0.90
CA SER B 205 -4.05 -10.57 0.01
C SER B 205 -4.43 -12.05 0.06
N VAL B 206 -5.74 -12.32 -0.05
CA VAL B 206 -6.25 -13.69 -0.07
C VAL B 206 -5.60 -14.37 -1.27
N ILE B 207 -5.70 -13.73 -2.44
CA ILE B 207 -5.12 -14.26 -3.66
C ILE B 207 -3.64 -14.60 -3.50
N MET B 208 -2.89 -13.74 -2.81
CA MET B 208 -1.48 -14.04 -2.60
C MET B 208 -1.37 -15.32 -1.76
N GLY B 209 -2.30 -15.48 -0.83
CA GLY B 209 -2.34 -16.66 0.02
C GLY B 209 -2.63 -17.88 -0.83
N CYS B 210 -3.65 -17.81 -1.67
CA CYS B 210 -4.01 -18.93 -2.55
C CYS B 210 -2.83 -19.30 -3.46
N LYS B 211 -2.25 -18.30 -4.11
CA LYS B 211 -1.10 -18.47 -4.99
C LYS B 211 0.00 -19.17 -4.21
N SER B 212 0.23 -18.72 -2.99
CA SER B 212 1.27 -19.26 -2.15
C SER B 212 0.99 -20.70 -1.77
N ALA B 213 -0.29 -21.01 -1.58
CA ALA B 213 -0.71 -22.35 -1.19
C ALA B 213 -0.51 -23.36 -2.33
N GLY B 214 -0.75 -22.90 -3.57
CA GLY B 214 -0.57 -23.78 -4.71
C GLY B 214 -1.79 -23.94 -5.58
N ALA B 215 -2.81 -23.13 -5.38
CA ALA B 215 -4.01 -23.23 -6.20
C ALA B 215 -3.59 -23.17 -7.67
N SER B 216 -4.30 -23.86 -8.55
CA SER B 216 -3.97 -23.85 -9.96
C SER B 216 -4.80 -22.80 -10.70
N ARG B 217 -5.89 -22.39 -10.08
CA ARG B 217 -6.78 -21.44 -10.68
C ARG B 217 -7.37 -20.56 -9.59
N ILE B 218 -7.08 -19.27 -9.66
CA ILE B 218 -7.58 -18.31 -8.69
C ILE B 218 -8.42 -17.32 -9.49
N ILE B 219 -9.72 -17.33 -9.23
CA ILE B 219 -10.68 -16.48 -9.93
C ILE B 219 -11.08 -15.32 -9.04
N GLY B 220 -10.86 -14.10 -9.52
CA GLY B 220 -11.23 -12.92 -8.76
C GLY B 220 -12.57 -12.39 -9.20
N ILE B 221 -13.32 -11.80 -8.29
CA ILE B 221 -14.64 -11.25 -8.61
C ILE B 221 -14.75 -9.87 -7.97
N ASP B 222 -15.29 -8.91 -8.72
CA ASP B 222 -15.47 -7.56 -8.22
C ASP B 222 -16.35 -6.78 -9.17
N LEU B 223 -17.22 -5.93 -8.63
CA LEU B 223 -18.09 -5.10 -9.46
C LEU B 223 -17.24 -4.01 -10.12
N ASN B 224 -16.13 -3.67 -9.47
CA ASN B 224 -15.22 -2.65 -9.96
C ASN B 224 -14.17 -3.31 -10.84
N LYS B 225 -14.43 -3.32 -12.15
CA LYS B 225 -13.52 -3.91 -13.13
C LYS B 225 -12.14 -3.25 -13.16
N ASP B 226 -11.97 -2.14 -12.45
CA ASP B 226 -10.69 -1.48 -12.41
C ASP B 226 -9.76 -2.21 -11.47
N LYS B 227 -10.33 -3.13 -10.68
CA LYS B 227 -9.56 -3.89 -9.72
C LYS B 227 -8.96 -5.16 -10.33
N PHE B 228 -9.33 -5.47 -11.57
CA PHE B 228 -8.84 -6.68 -12.22
C PHE B 228 -7.35 -6.68 -12.50
N GLU B 229 -6.86 -5.61 -13.11
CA GLU B 229 -5.46 -5.49 -13.46
C GLU B 229 -4.53 -5.91 -12.32
N LYS B 230 -4.79 -5.41 -11.12
CA LYS B 230 -3.95 -5.75 -9.98
C LYS B 230 -4.17 -7.17 -9.44
N ALA B 231 -5.42 -7.64 -9.47
CA ALA B 231 -5.72 -9.00 -9.01
C ALA B 231 -4.86 -9.96 -9.81
N MET B 232 -4.90 -9.77 -11.14
CA MET B 232 -4.16 -10.56 -12.12
C MET B 232 -2.68 -10.59 -11.81
N ALA B 233 -2.14 -9.40 -11.55
CA ALA B 233 -0.73 -9.24 -11.25
C ALA B 233 -0.34 -10.01 -10.00
N VAL B 234 -1.19 -9.86 -8.98
CA VAL B 234 -1.00 -10.48 -7.66
C VAL B 234 -1.10 -12.02 -7.68
N GLY B 235 -1.88 -12.57 -8.60
CA GLY B 235 -1.97 -14.03 -8.66
C GLY B 235 -3.18 -14.57 -9.38
N ALA B 236 -4.21 -13.74 -9.56
CA ALA B 236 -5.42 -14.17 -10.24
C ALA B 236 -5.08 -14.73 -11.61
N THR B 237 -5.95 -15.61 -12.11
CA THR B 237 -5.75 -16.22 -13.41
C THR B 237 -6.82 -15.63 -14.33
N GLU B 238 -7.91 -15.19 -13.72
CA GLU B 238 -9.02 -14.58 -14.44
C GLU B 238 -9.89 -13.91 -13.39
N CYS B 239 -10.59 -12.87 -13.81
CA CYS B 239 -11.47 -12.11 -12.93
C CYS B 239 -12.75 -11.92 -13.73
N ILE B 240 -13.85 -11.70 -13.03
CA ILE B 240 -15.13 -11.45 -13.66
C ILE B 240 -15.97 -10.60 -12.73
N SER B 241 -17.11 -10.14 -13.22
CA SER B 241 -18.00 -9.33 -12.43
C SER B 241 -19.34 -10.03 -12.38
N PRO B 242 -20.08 -9.86 -11.28
CA PRO B 242 -21.41 -10.47 -11.12
C PRO B 242 -22.32 -10.08 -12.28
N LYS B 243 -22.13 -8.86 -12.78
CA LYS B 243 -22.93 -8.32 -13.88
C LYS B 243 -22.72 -8.95 -15.26
N ASP B 244 -21.55 -9.52 -15.50
CA ASP B 244 -21.22 -10.13 -16.80
C ASP B 244 -22.26 -11.12 -17.35
N SER B 245 -23.08 -11.71 -16.45
CA SER B 245 -24.10 -12.68 -16.87
C SER B 245 -25.33 -12.57 -15.99
N THR B 246 -26.46 -13.03 -16.51
CA THR B 246 -27.72 -13.00 -15.79
C THR B 246 -27.88 -14.20 -14.84
N LYS B 247 -27.24 -15.32 -15.19
CA LYS B 247 -27.28 -16.55 -14.40
C LYS B 247 -26.58 -16.34 -13.07
N PRO B 248 -27.09 -16.96 -11.99
CA PRO B 248 -26.48 -16.82 -10.66
C PRO B 248 -24.98 -17.11 -10.72
N ILE B 249 -24.21 -16.25 -10.07
CA ILE B 249 -22.75 -16.36 -10.04
C ILE B 249 -22.24 -17.79 -9.79
N SER B 250 -22.95 -18.53 -8.95
CA SER B 250 -22.57 -19.90 -8.64
C SER B 250 -22.58 -20.77 -9.91
N GLU B 251 -23.59 -20.60 -10.75
CA GLU B 251 -23.71 -21.34 -12.00
C GLU B 251 -22.56 -20.99 -12.92
N VAL B 252 -22.26 -19.70 -12.97
CA VAL B 252 -21.17 -19.19 -13.79
C VAL B 252 -19.87 -19.87 -13.33
N LEU B 253 -19.64 -19.84 -12.04
CA LEU B 253 -18.43 -20.44 -11.49
C LEU B 253 -18.36 -21.95 -11.69
N SER B 254 -19.52 -22.61 -11.62
CA SER B 254 -19.59 -24.06 -11.82
C SER B 254 -19.25 -24.36 -13.28
N GLU B 255 -19.86 -23.60 -14.19
CA GLU B 255 -19.60 -23.80 -15.62
C GLU B 255 -18.16 -23.48 -16.03
N MET B 256 -17.57 -22.44 -15.43
CA MET B 256 -16.19 -22.10 -15.75
C MET B 256 -15.24 -23.21 -15.33
N THR B 257 -15.49 -23.77 -14.15
CA THR B 257 -14.63 -24.82 -13.62
C THR B 257 -15.15 -26.23 -13.82
N GLY B 258 -16.36 -26.36 -14.36
CA GLY B 258 -16.92 -27.68 -14.54
C GLY B 258 -17.20 -28.31 -13.17
N ASN B 259 -17.87 -27.53 -12.33
CA ASN B 259 -18.23 -27.95 -10.98
C ASN B 259 -17.04 -28.43 -10.15
N ASN B 260 -16.03 -27.57 -10.02
CA ASN B 260 -14.86 -27.97 -9.26
C ASN B 260 -14.25 -26.84 -8.41
N VAL B 261 -15.09 -25.94 -7.93
CA VAL B 261 -14.61 -24.85 -7.10
C VAL B 261 -14.29 -25.38 -5.70
N GLY B 262 -13.01 -25.62 -5.43
CA GLY B 262 -12.63 -26.09 -4.11
C GLY B 262 -12.93 -25.10 -2.99
N TYR B 263 -12.43 -23.87 -3.12
CA TYR B 263 -12.60 -22.84 -2.09
C TYR B 263 -13.17 -21.54 -2.57
N THR B 264 -13.91 -20.87 -1.71
CA THR B 264 -14.46 -19.56 -2.02
C THR B 264 -14.22 -18.69 -0.79
N PHE B 265 -13.89 -17.42 -1.01
CA PHE B 265 -13.67 -16.47 0.09
C PHE B 265 -14.53 -15.24 -0.11
N GLU B 266 -15.24 -14.82 0.92
CA GLU B 266 -16.07 -13.63 0.79
C GLU B 266 -15.30 -12.55 1.49
N VAL B 267 -14.74 -11.63 0.69
CA VAL B 267 -13.95 -10.55 1.22
C VAL B 267 -14.59 -9.20 0.87
N ILE B 268 -15.87 -9.09 1.20
CA ILE B 268 -16.64 -7.88 0.96
C ILE B 268 -17.37 -7.40 2.23
N GLY B 269 -18.35 -8.17 2.68
CA GLY B 269 -19.09 -7.77 3.88
C GLY B 269 -20.56 -7.55 3.63
N HIS B 270 -21.12 -8.31 2.70
CA HIS B 270 -22.55 -8.28 2.37
C HIS B 270 -23.04 -9.70 2.68
N LEU B 271 -24.26 -9.82 3.20
CA LEU B 271 -24.82 -11.14 3.49
C LEU B 271 -25.06 -11.86 2.16
N GLU B 272 -25.55 -11.09 1.19
CA GLU B 272 -25.85 -11.62 -0.13
C GLU B 272 -24.66 -12.29 -0.79
N THR B 273 -23.46 -11.75 -0.62
CA THR B 273 -22.25 -12.31 -1.20
C THR B 273 -21.72 -13.45 -0.35
N MET B 274 -22.13 -13.46 0.92
CA MET B 274 -21.74 -14.54 1.82
C MET B 274 -22.45 -15.81 1.34
N ILE B 275 -23.72 -15.65 0.98
CA ILE B 275 -24.51 -16.74 0.46
C ILE B 275 -23.96 -17.06 -0.93
N ASP B 276 -23.73 -16.03 -1.74
CA ASP B 276 -23.21 -16.25 -3.09
C ASP B 276 -21.93 -17.05 -3.03
N ALA B 277 -21.07 -16.71 -2.07
CA ALA B 277 -19.81 -17.41 -1.91
C ALA B 277 -20.05 -18.85 -1.46
N LEU B 278 -21.07 -19.05 -0.63
CA LEU B 278 -21.40 -20.38 -0.13
C LEU B 278 -21.81 -21.27 -1.31
N ALA B 279 -22.88 -20.87 -1.98
CA ALA B 279 -23.39 -21.60 -3.13
C ALA B 279 -22.33 -21.81 -4.22
N SER B 280 -21.26 -21.02 -4.20
CA SER B 280 -20.21 -21.12 -5.21
C SER B 280 -19.19 -22.24 -5.07
N CYS B 281 -18.96 -22.72 -3.84
CA CYS B 281 -18.00 -23.81 -3.69
C CYS B 281 -18.73 -25.10 -3.99
N HIS B 282 -17.99 -26.15 -4.27
CA HIS B 282 -18.61 -27.43 -4.56
C HIS B 282 -19.56 -27.86 -3.45
N MET B 283 -20.81 -28.14 -3.84
CA MET B 283 -21.88 -28.54 -2.94
C MET B 283 -21.60 -29.63 -1.91
N ASN B 284 -20.60 -30.48 -2.16
CA ASN B 284 -20.28 -31.55 -1.23
C ASN B 284 -18.89 -31.43 -0.60
N TYR B 285 -17.87 -31.05 -1.37
CA TYR B 285 -16.51 -30.92 -0.82
C TYR B 285 -15.91 -29.50 -0.88
N GLY B 286 -16.76 -28.50 -1.08
CA GLY B 286 -16.27 -27.14 -1.16
C GLY B 286 -16.20 -26.44 0.19
N THR B 287 -15.20 -25.58 0.36
CA THR B 287 -15.02 -24.82 1.60
C THR B 287 -15.27 -23.34 1.33
N SER B 288 -16.04 -22.68 2.19
CA SER B 288 -16.34 -21.27 2.03
C SER B 288 -15.93 -20.51 3.28
N VAL B 289 -14.93 -19.64 3.14
CA VAL B 289 -14.41 -18.83 4.25
C VAL B 289 -14.99 -17.41 4.13
N VAL B 290 -15.54 -16.93 5.24
CA VAL B 290 -16.10 -15.60 5.30
C VAL B 290 -15.02 -14.73 5.95
N VAL B 291 -14.51 -13.74 5.20
CA VAL B 291 -13.49 -12.83 5.75
C VAL B 291 -14.10 -11.46 6.00
N GLY B 292 -15.03 -11.06 5.13
CA GLY B 292 -15.68 -9.79 5.30
C GLY B 292 -16.51 -9.75 6.56
N VAL B 293 -16.61 -8.57 7.14
CA VAL B 293 -17.41 -8.40 8.35
C VAL B 293 -18.87 -8.13 8.01
N PRO B 294 -19.78 -9.00 8.52
CA PRO B 294 -21.22 -8.83 8.27
C PRO B 294 -21.72 -7.61 9.03
N PRO B 295 -22.56 -6.79 8.39
CA PRO B 295 -23.09 -5.60 9.05
C PRO B 295 -23.79 -5.96 10.36
N SER B 296 -23.63 -5.12 11.36
CA SER B 296 -24.24 -5.36 12.66
C SER B 296 -25.76 -5.47 12.57
N ALA B 297 -26.33 -6.30 13.43
CA ALA B 297 -27.77 -6.54 13.54
C ALA B 297 -28.49 -7.00 12.27
N LYS B 298 -27.81 -7.82 11.47
CA LYS B 298 -28.45 -8.32 10.27
C LYS B 298 -28.42 -9.85 10.28
N MET B 299 -29.60 -10.46 10.23
CA MET B 299 -29.69 -11.92 10.23
C MET B 299 -29.49 -12.42 8.82
N LEU B 300 -28.85 -13.57 8.68
CA LEU B 300 -28.65 -14.16 7.38
C LEU B 300 -29.62 -15.32 7.19
N THR B 301 -30.39 -15.27 6.12
CA THR B 301 -31.37 -16.29 5.77
C THR B 301 -30.86 -17.02 4.54
N TYR B 302 -30.69 -18.34 4.62
CA TYR B 302 -30.22 -19.08 3.46
C TYR B 302 -30.89 -20.45 3.31
N ASP B 303 -30.51 -21.20 2.27
CA ASP B 303 -31.06 -22.52 2.05
C ASP B 303 -30.15 -23.50 2.77
N PRO B 304 -30.65 -24.18 3.82
CA PRO B 304 -29.85 -25.16 4.57
C PRO B 304 -29.29 -26.30 3.72
N MET B 305 -29.92 -26.54 2.57
CA MET B 305 -29.46 -27.60 1.68
C MET B 305 -28.07 -27.30 1.12
N LEU B 306 -27.72 -26.02 1.08
CA LEU B 306 -26.39 -25.64 0.57
C LEU B 306 -25.40 -26.24 1.55
N LEU B 307 -25.72 -26.13 2.83
CA LEU B 307 -24.83 -26.68 3.84
C LEU B 307 -24.90 -28.20 3.94
N PHE B 308 -26.11 -28.74 4.13
CA PHE B 308 -26.31 -30.18 4.28
C PHE B 308 -25.53 -31.06 3.31
N THR B 309 -25.52 -30.70 2.04
CA THR B 309 -24.83 -31.51 1.05
C THR B 309 -23.36 -31.76 1.31
N GLY B 310 -22.78 -31.04 2.26
CA GLY B 310 -21.38 -31.29 2.59
C GLY B 310 -20.43 -30.10 2.64
N ARG B 311 -20.92 -28.93 2.24
CA ARG B 311 -20.11 -27.72 2.23
C ARG B 311 -19.66 -27.29 3.61
N THR B 312 -18.40 -26.87 3.72
CA THR B 312 -17.86 -26.39 4.99
C THR B 312 -17.93 -24.88 4.93
N TRP B 313 -18.49 -24.26 5.97
CA TRP B 313 -18.63 -22.82 6.06
C TRP B 313 -17.91 -22.42 7.33
N LYS B 314 -16.97 -21.48 7.24
CA LYS B 314 -16.23 -21.06 8.42
C LYS B 314 -15.87 -19.59 8.40
N GLY B 315 -15.91 -18.94 9.56
CA GLY B 315 -15.56 -17.53 9.65
C GLY B 315 -14.05 -17.36 9.64
N CYS B 316 -13.59 -16.13 9.76
CA CYS B 316 -12.14 -15.86 9.76
C CYS B 316 -11.77 -14.50 10.35
N VAL B 317 -11.03 -14.52 11.47
CA VAL B 317 -10.60 -13.29 12.13
C VAL B 317 -9.07 -13.20 12.01
N PHE B 318 -8.58 -12.11 11.44
CA PHE B 318 -7.15 -11.88 11.27
C PHE B 318 -6.47 -13.05 10.59
N GLY B 319 -7.15 -13.65 9.61
CA GLY B 319 -6.58 -14.79 8.88
C GLY B 319 -6.22 -15.99 9.72
N GLY B 320 -6.86 -16.12 10.89
CA GLY B 320 -6.60 -17.23 11.77
C GLY B 320 -5.25 -17.26 12.44
N LEU B 321 -4.53 -16.16 12.40
CA LEU B 321 -3.20 -16.07 12.98
C LEU B 321 -3.24 -15.82 14.45
N LYS B 322 -2.21 -16.28 15.15
CA LYS B 322 -2.07 -16.03 16.56
C LYS B 322 -1.18 -14.77 16.56
N SER B 323 -1.76 -13.63 16.92
CA SER B 323 -1.12 -12.31 16.94
C SER B 323 0.33 -12.07 17.37
N ARG B 324 0.65 -12.20 18.65
CA ARG B 324 2.01 -11.97 19.11
C ARG B 324 3.02 -13.00 18.61
N ASP B 325 2.54 -14.12 18.12
CA ASP B 325 3.41 -15.17 17.62
C ASP B 325 3.70 -14.96 16.15
N ASP B 326 2.64 -14.79 15.38
CA ASP B 326 2.74 -14.66 13.94
C ASP B 326 3.12 -13.30 13.36
N VAL B 327 2.76 -12.20 14.02
CA VAL B 327 3.10 -10.89 13.49
C VAL B 327 4.61 -10.67 13.37
N PRO B 328 5.36 -10.91 14.46
CA PRO B 328 6.81 -10.74 14.38
C PRO B 328 7.41 -11.59 13.27
N LYS B 329 6.83 -12.76 13.04
CA LYS B 329 7.33 -13.68 12.01
C LYS B 329 7.04 -13.20 10.60
N LEU B 330 5.88 -12.59 10.41
CA LEU B 330 5.53 -12.09 9.08
C LEU B 330 6.40 -10.87 8.71
N VAL B 331 6.78 -10.08 9.72
CA VAL B 331 7.63 -8.92 9.52
C VAL B 331 9.00 -9.40 9.05
N THR B 332 9.51 -10.44 9.72
CA THR B 332 10.80 -11.03 9.37
C THR B 332 10.76 -11.59 7.96
N GLU B 333 9.65 -12.26 7.61
CA GLU B 333 9.49 -12.84 6.28
C GLU B 333 9.41 -11.74 5.23
N PHE B 334 8.90 -10.58 5.63
CA PHE B 334 8.78 -9.47 4.71
C PHE B 334 10.19 -8.96 4.40
N LEU B 335 10.97 -8.76 5.45
CA LEU B 335 12.34 -8.28 5.33
C LEU B 335 13.18 -9.29 4.55
N ALA B 336 12.71 -10.53 4.47
CA ALA B 336 13.41 -11.56 3.73
C ALA B 336 12.87 -11.59 2.30
N LYS B 337 11.98 -10.65 2.00
CA LYS B 337 11.35 -10.47 0.69
C LYS B 337 10.49 -11.61 0.18
N LYS B 338 9.76 -12.27 1.08
CA LYS B 338 8.89 -13.39 0.71
C LYS B 338 7.56 -12.98 0.09
N PHE B 339 7.03 -11.84 0.50
CA PHE B 339 5.80 -11.33 -0.06
C PHE B 339 5.93 -9.82 -0.29
N ASP B 340 5.20 -9.34 -1.28
CA ASP B 340 5.23 -7.96 -1.69
C ASP B 340 4.06 -7.16 -1.14
N LEU B 341 4.32 -6.33 -0.14
CA LEU B 341 3.29 -5.51 0.47
C LEU B 341 2.98 -4.24 -0.33
N ASP B 342 3.97 -3.67 -1.02
CA ASP B 342 3.75 -2.43 -1.78
C ASP B 342 2.73 -2.54 -2.89
N GLN B 343 2.48 -3.76 -3.36
CA GLN B 343 1.49 -3.97 -4.43
C GLN B 343 0.11 -3.58 -3.92
N LEU B 344 -0.07 -3.65 -2.61
CA LEU B 344 -1.33 -3.34 -1.96
C LEU B 344 -1.52 -1.85 -1.69
N ILE B 345 -0.43 -1.18 -1.34
CA ILE B 345 -0.44 0.25 -1.03
C ILE B 345 -0.45 1.11 -2.30
N THR B 346 -1.61 1.68 -2.62
CA THR B 346 -1.70 2.53 -3.81
C THR B 346 -1.48 4.03 -3.53
N HIS B 347 -1.66 4.45 -2.28
CA HIS B 347 -1.50 5.85 -1.92
C HIS B 347 -0.86 5.97 -0.55
N VAL B 348 0.11 6.86 -0.41
CA VAL B 348 0.75 7.14 0.86
C VAL B 348 0.42 8.63 0.98
N LEU B 349 -0.27 9.01 2.06
CA LEU B 349 -0.68 10.40 2.25
C LEU B 349 -0.34 10.82 3.66
N PRO B 350 -0.33 12.13 3.92
CA PRO B 350 -0.02 12.52 5.30
C PRO B 350 -1.30 12.42 6.13
N PHE B 351 -1.15 12.10 7.40
CA PHE B 351 -2.28 11.94 8.29
C PHE B 351 -3.44 12.92 8.16
N LYS B 352 -3.13 14.19 7.88
CA LYS B 352 -4.17 15.22 7.76
C LYS B 352 -5.11 15.00 6.61
N LYS B 353 -4.68 14.23 5.63
CA LYS B 353 -5.50 13.97 4.45
C LYS B 353 -6.38 12.71 4.61
N ILE B 354 -6.74 12.39 5.85
CA ILE B 354 -7.57 11.23 6.15
C ILE B 354 -8.86 11.15 5.33
N SER B 355 -9.63 12.22 5.29
CA SER B 355 -10.88 12.26 4.54
C SER B 355 -10.63 11.85 3.10
N GLU B 356 -9.50 12.30 2.55
CA GLU B 356 -9.14 11.99 1.18
C GLU B 356 -8.85 10.50 1.04
N GLY B 357 -8.26 9.92 2.08
CA GLY B 357 -7.96 8.50 2.09
C GLY B 357 -9.27 7.72 2.01
N PHE B 358 -10.25 8.09 2.81
CA PHE B 358 -11.54 7.41 2.80
C PHE B 358 -12.31 7.60 1.52
N GLU B 359 -12.35 8.84 1.03
CA GLU B 359 -13.05 9.12 -0.22
C GLU B 359 -12.44 8.30 -1.37
N LEU B 360 -11.13 8.10 -1.35
CA LEU B 360 -10.46 7.31 -2.38
C LEU B 360 -10.89 5.83 -2.31
N LEU B 361 -11.09 5.36 -1.08
CA LEU B 361 -11.51 3.99 -0.86
C LEU B 361 -12.92 3.91 -1.36
N ASN B 362 -13.74 4.83 -0.86
CA ASN B 362 -15.15 4.89 -1.21
C ASN B 362 -15.49 5.17 -2.68
N SER B 363 -14.54 5.71 -3.43
CA SER B 363 -14.76 6.01 -4.84
C SER B 363 -14.27 4.86 -5.68
N GLY B 364 -13.58 3.91 -5.07
CA GLY B 364 -13.10 2.77 -5.81
C GLY B 364 -11.76 3.01 -6.46
N GLN B 365 -11.05 4.02 -6.00
CA GLN B 365 -9.77 4.36 -6.59
C GLN B 365 -8.55 3.82 -5.90
N SER B 366 -8.68 3.42 -4.64
CA SER B 366 -7.53 2.87 -3.93
C SER B 366 -7.76 1.46 -3.47
N ILE B 367 -6.67 0.86 -3.02
CA ILE B 367 -6.67 -0.45 -2.44
C ILE B 367 -6.39 0.04 -1.03
N ARG B 368 -5.12 0.17 -0.68
CA ARG B 368 -4.74 0.67 0.63
C ARG B 368 -4.05 2.07 0.59
N THR B 369 -4.51 2.99 1.43
CA THR B 369 -3.93 4.33 1.56
C THR B 369 -3.24 4.29 2.90
N VAL B 370 -1.94 4.55 2.93
CA VAL B 370 -1.19 4.57 4.17
C VAL B 370 -1.06 6.02 4.59
N LEU B 371 -1.46 6.33 5.82
CA LEU B 371 -1.36 7.69 6.34
C LEU B 371 -0.12 7.67 7.17
N THR B 372 0.73 8.63 6.96
CA THR B 372 2.00 8.73 7.60
C THR B 372 2.02 9.93 8.53
N PHE B 373 2.65 9.77 9.69
CA PHE B 373 2.72 10.82 10.68
C PHE B 373 4.00 11.65 10.58
N GLY C 1 10.05 74.58 9.55
CA GLY C 1 9.78 73.14 9.25
C GLY C 1 11.04 72.48 8.74
N THR C 2 11.08 71.15 8.75
CA THR C 2 12.23 70.38 8.28
C THR C 2 12.23 70.16 6.76
N ALA C 3 11.03 70.08 6.17
CA ALA C 3 10.88 69.90 4.73
C ALA C 3 11.68 70.94 3.95
N GLY C 4 12.41 70.46 2.94
CA GLY C 4 13.21 71.35 2.11
C GLY C 4 14.57 71.62 2.74
N LYS C 5 14.62 71.62 4.06
CA LYS C 5 15.87 71.89 4.79
C LYS C 5 16.73 70.65 4.93
N VAL C 6 17.92 70.85 5.47
CA VAL C 6 18.85 69.78 5.73
C VAL C 6 18.56 69.42 7.19
N ILE C 7 18.42 68.14 7.50
CA ILE C 7 18.15 67.77 8.87
C ILE C 7 19.40 67.29 9.60
N LYS C 8 19.68 67.93 10.73
CA LYS C 8 20.82 67.56 11.53
C LYS C 8 20.26 66.60 12.56
N CYS C 9 20.86 65.41 12.62
CA CYS C 9 20.39 64.38 13.53
C CYS C 9 21.56 63.48 13.79
N LYS C 10 21.43 62.60 14.77
CA LYS C 10 22.51 61.68 15.09
C LYS C 10 22.40 60.42 14.23
N ALA C 11 23.49 59.67 14.14
CA ALA C 11 23.51 58.44 13.37
C ALA C 11 24.72 57.61 13.76
N ALA C 12 24.55 56.29 13.77
CA ALA C 12 25.65 55.41 14.12
C ALA C 12 26.42 55.20 12.83
N VAL C 13 27.53 55.92 12.71
CA VAL C 13 28.40 55.87 11.53
C VAL C 13 29.56 54.89 11.71
N LEU C 14 30.00 54.33 10.60
CA LEU C 14 31.13 53.41 10.59
C LEU C 14 32.13 54.09 9.67
N TRP C 15 33.30 54.45 10.20
CA TRP C 15 34.32 55.14 9.42
C TRP C 15 35.23 54.22 8.62
N GLU C 16 35.44 53.01 9.11
CA GLU C 16 36.29 52.05 8.41
C GLU C 16 35.91 50.63 8.82
N GLN C 17 36.41 49.66 8.03
CA GLN C 17 36.16 48.24 8.25
C GLN C 17 36.69 47.75 9.60
N LYS C 18 35.96 46.83 10.22
CA LYS C 18 36.37 46.25 11.51
C LYS C 18 36.52 47.23 12.67
N GLN C 19 35.89 48.38 12.55
CA GLN C 19 35.94 49.37 13.61
C GLN C 19 34.59 49.42 14.31
N PRO C 20 34.57 49.78 15.59
CA PRO C 20 33.31 49.87 16.33
C PRO C 20 32.48 51.02 15.81
N PHE C 21 31.23 51.10 16.25
CA PHE C 21 30.38 52.18 15.81
C PHE C 21 30.82 53.48 16.45
N SER C 22 30.34 54.57 15.88
CA SER C 22 30.67 55.90 16.35
C SER C 22 29.41 56.71 16.11
N ILE C 23 28.76 57.12 17.19
CA ILE C 23 27.55 57.91 17.07
C ILE C 23 27.89 59.38 16.82
N GLU C 24 27.91 59.76 15.55
CA GLU C 24 28.24 61.11 15.13
C GLU C 24 26.99 61.96 15.04
N GLU C 25 27.18 63.20 14.60
CA GLU C 25 26.10 64.15 14.39
C GLU C 25 26.27 64.31 12.89
N ILE C 26 25.20 64.08 12.13
CA ILE C 26 25.27 64.17 10.68
C ILE C 26 24.16 65.04 10.12
N GLU C 27 24.26 65.30 8.82
CA GLU C 27 23.27 66.15 8.12
C GLU C 27 22.71 65.35 6.92
N VAL C 28 21.39 65.22 6.91
CA VAL C 28 20.69 64.48 5.88
C VAL C 28 20.10 65.46 4.86
N ALA C 29 20.55 65.34 3.61
CA ALA C 29 20.08 66.21 2.54
C ALA C 29 18.58 65.98 2.28
N PRO C 30 17.87 67.01 1.81
CA PRO C 30 16.45 66.82 1.56
C PRO C 30 16.26 65.87 0.37
N PRO C 31 15.09 65.24 0.25
CA PRO C 31 14.83 64.32 -0.85
C PRO C 31 14.74 64.96 -2.23
N LYS C 32 15.53 64.45 -3.17
CA LYS C 32 15.49 64.96 -4.56
C LYS C 32 14.30 64.29 -5.25
N THR C 33 14.26 64.37 -6.57
CA THR C 33 13.15 63.77 -7.33
C THR C 33 12.88 62.28 -7.05
N LYS C 34 11.61 61.98 -6.76
CA LYS C 34 11.13 60.63 -6.48
C LYS C 34 11.81 59.95 -5.31
N GLU C 35 12.24 60.74 -4.32
CA GLU C 35 12.89 60.20 -3.13
C GLU C 35 12.00 60.47 -1.90
N VAL C 36 12.27 59.82 -0.79
CA VAL C 36 11.46 60.02 0.41
C VAL C 36 12.35 60.02 1.65
N ARG C 37 12.30 61.10 2.43
CA ARG C 37 13.07 61.20 3.67
C ARG C 37 12.19 60.67 4.80
N ILE C 38 12.73 59.69 5.51
CA ILE C 38 12.04 58.99 6.58
C ILE C 38 12.68 59.14 7.95
N LYS C 39 11.84 59.31 8.95
CA LYS C 39 12.25 59.41 10.34
C LYS C 39 12.12 58.00 10.87
N ILE C 40 13.22 57.43 11.32
CA ILE C 40 13.22 56.06 11.82
C ILE C 40 12.61 55.96 13.23
N LEU C 41 11.64 55.05 13.39
CA LEU C 41 10.99 54.83 14.67
C LEU C 41 11.60 53.67 15.45
N ALA C 42 12.07 52.65 14.74
CA ALA C 42 12.70 51.48 15.37
C ALA C 42 13.38 50.68 14.29
N THR C 43 14.54 50.14 14.62
CA THR C 43 15.32 49.39 13.66
C THR C 43 15.97 48.21 14.37
N GLY C 44 15.86 47.02 13.78
CA GLY C 44 16.42 45.84 14.38
C GLY C 44 17.83 45.55 13.92
N ILE C 45 18.53 44.73 14.68
CA ILE C 45 19.91 44.39 14.35
C ILE C 45 20.02 43.03 13.63
N CYS C 46 20.06 43.07 12.29
CA CYS C 46 20.20 41.86 11.45
C CYS C 46 21.66 41.45 11.40
N ARG C 47 21.92 40.15 11.25
CA ARG C 47 23.29 39.60 11.18
C ARG C 47 24.09 40.20 10.00
N THR C 48 23.38 40.60 8.94
CA THR C 48 24.01 41.19 7.74
C THR C 48 24.77 42.48 8.07
N ASP C 49 24.20 43.33 8.90
CA ASP C 49 24.84 44.58 9.29
C ASP C 49 26.19 44.26 9.90
N ASP C 50 26.23 43.18 10.65
CA ASP C 50 27.44 42.75 11.32
C ASP C 50 28.46 42.28 10.32
N HIS C 51 27.99 41.85 9.15
CA HIS C 51 28.90 41.38 8.09
C HIS C 51 29.78 42.54 7.65
N VAL C 52 29.19 43.71 7.51
CA VAL C 52 29.90 44.91 7.07
C VAL C 52 30.99 45.24 8.06
N ILE C 53 30.66 45.12 9.35
CA ILE C 53 31.63 45.41 10.41
C ILE C 53 32.76 44.39 10.34
N LYS C 54 32.40 43.14 10.11
CA LYS C 54 33.39 42.08 10.02
C LYS C 54 34.19 42.16 8.71
N GLY C 55 33.57 42.72 7.67
CA GLY C 55 34.24 42.83 6.38
C GLY C 55 33.92 41.67 5.45
N THR C 56 32.88 40.91 5.77
CA THR C 56 32.44 39.78 4.94
C THR C 56 31.34 40.22 4.00
N MET C 57 31.03 41.51 4.05
CA MET C 57 30.00 42.12 3.23
C MET C 57 30.67 43.34 2.61
N VAL C 58 30.70 43.38 1.28
CA VAL C 58 31.31 44.49 0.55
C VAL C 58 30.60 45.83 0.80
N SER C 59 31.37 46.84 1.18
CA SER C 59 30.81 48.16 1.45
C SER C 59 31.83 49.29 1.36
N LYS C 60 31.33 50.46 0.99
CA LYS C 60 32.16 51.66 0.89
C LYS C 60 32.02 52.32 2.25
N PHE C 61 33.08 53.04 2.64
CA PHE C 61 33.12 53.73 3.92
C PHE C 61 33.39 55.22 3.73
N PRO C 62 32.87 56.08 4.63
CA PRO C 62 32.04 55.66 5.78
C PRO C 62 30.65 55.24 5.32
N VAL C 63 29.93 54.52 6.18
CA VAL C 63 28.61 54.03 5.84
C VAL C 63 27.71 53.93 7.06
N ILE C 64 26.43 54.19 6.85
CA ILE C 64 25.43 54.09 7.91
C ILE C 64 24.60 52.83 7.64
N VAL C 65 24.97 51.72 8.29
CA VAL C 65 24.25 50.47 8.09
C VAL C 65 22.87 50.47 8.75
N GLY C 66 22.21 49.32 8.70
CA GLY C 66 20.87 49.19 9.25
C GLY C 66 19.97 49.21 8.03
N HIS C 67 19.00 48.30 7.98
CA HIS C 67 18.07 48.20 6.84
C HIS C 67 16.73 47.63 7.26
N GLU C 68 16.66 47.11 8.48
CA GLU C 68 15.43 46.52 9.01
C GLU C 68 14.78 47.54 9.95
N ALA C 69 13.77 48.26 9.47
CA ALA C 69 13.14 49.26 10.31
C ALA C 69 11.77 49.72 9.85
N THR C 70 11.13 50.49 10.72
CA THR C 70 9.82 51.08 10.45
C THR C 70 10.00 52.58 10.74
N GLY C 71 9.26 53.43 10.04
CA GLY C 71 9.39 54.87 10.25
C GLY C 71 8.25 55.70 9.68
N ILE C 72 8.36 57.01 9.80
CA ILE C 72 7.32 57.92 9.30
C ILE C 72 7.91 58.85 8.21
N VAL C 73 7.11 59.12 7.19
CA VAL C 73 7.54 60.00 6.11
C VAL C 73 7.61 61.45 6.59
N GLU C 74 8.82 61.98 6.70
CA GLU C 74 9.01 63.35 7.15
C GLU C 74 8.78 64.36 6.01
N SER C 75 9.06 63.94 4.78
CA SER C 75 8.86 64.77 3.60
C SER C 75 9.06 63.92 2.33
N ILE C 76 8.29 64.24 1.30
CA ILE C 76 8.40 63.52 0.03
C ILE C 76 9.17 64.36 -0.98
N GLY C 77 9.82 63.70 -1.92
CA GLY C 77 10.56 64.41 -2.95
C GLY C 77 9.66 64.85 -4.07
N GLU C 78 10.24 65.47 -5.10
CA GLU C 78 9.47 65.92 -6.26
C GLU C 78 9.04 64.72 -7.11
N GLY C 79 7.75 64.61 -7.37
CA GLY C 79 7.24 63.52 -8.18
C GLY C 79 6.80 62.30 -7.41
N VAL C 80 6.86 62.34 -6.08
CA VAL C 80 6.43 61.22 -5.26
C VAL C 80 4.90 61.15 -5.25
N THR C 81 4.36 59.98 -5.54
CA THR C 81 2.91 59.78 -5.58
C THR C 81 2.42 58.60 -4.71
N THR C 82 3.35 57.81 -4.19
CA THR C 82 2.95 56.65 -3.39
C THR C 82 2.84 56.89 -1.88
N VAL C 83 3.41 58.01 -1.41
CA VAL C 83 3.38 58.36 0.01
C VAL C 83 3.32 59.87 0.20
N LYS C 84 2.85 60.28 1.37
CA LYS C 84 2.74 61.69 1.73
C LYS C 84 3.28 61.84 3.16
N PRO C 85 3.68 63.07 3.54
CA PRO C 85 4.22 63.31 4.89
C PRO C 85 3.29 62.81 5.99
N GLY C 86 3.84 62.03 6.91
CA GLY C 86 3.03 61.51 8.00
C GLY C 86 2.73 60.02 7.89
N ASP C 87 2.80 59.48 6.67
CA ASP C 87 2.55 58.05 6.44
C ASP C 87 3.56 57.18 7.17
N LYS C 88 3.11 56.04 7.67
CA LYS C 88 4.02 55.11 8.33
C LYS C 88 4.54 54.27 7.16
N VAL C 89 5.82 53.90 7.20
CA VAL C 89 6.40 53.13 6.11
C VAL C 89 7.50 52.19 6.58
N ILE C 90 7.98 51.36 5.66
CA ILE C 90 9.08 50.43 5.94
C ILE C 90 10.05 50.54 4.77
N PRO C 91 11.29 50.98 5.03
CA PRO C 91 12.32 51.11 3.99
C PRO C 91 12.65 49.75 3.38
N LEU C 92 12.78 49.72 2.05
CA LEU C 92 13.04 48.46 1.36
C LEU C 92 14.46 48.31 0.80
N PHE C 93 15.27 47.45 1.41
CA PHE C 93 16.60 47.22 0.93
C PHE C 93 16.47 46.54 -0.42
N LEU C 94 15.40 45.75 -0.56
CA LEU C 94 15.08 45.08 -1.81
C LEU C 94 13.97 45.93 -2.40
N PRO C 95 14.27 46.66 -3.46
CA PRO C 95 13.30 47.54 -4.11
C PRO C 95 12.34 46.88 -5.11
N GLN C 96 11.43 47.68 -5.66
CA GLN C 96 10.50 47.20 -6.66
C GLN C 96 10.10 48.33 -7.60
N CYS C 97 10.92 48.51 -8.63
CA CYS C 97 10.68 49.54 -9.60
C CYS C 97 9.43 49.29 -10.45
N ARG C 98 9.02 48.03 -10.54
CA ARG C 98 7.85 47.63 -11.36
C ARG C 98 8.09 47.84 -12.86
N GLU C 99 9.34 48.07 -13.24
CA GLU C 99 9.66 48.32 -14.64
C GLU C 99 10.71 47.39 -15.21
N CYS C 100 11.57 46.88 -14.37
CA CYS C 100 12.60 46.00 -14.86
C CYS C 100 12.13 44.55 -15.06
N ASN C 101 12.92 43.80 -15.84
CA ASN C 101 12.68 42.40 -16.12
C ASN C 101 12.25 41.62 -14.89
N ALA C 102 13.13 41.54 -13.90
CA ALA C 102 12.83 40.82 -12.66
C ALA C 102 11.55 41.30 -11.98
N CYS C 103 11.19 42.56 -12.16
CA CYS C 103 9.97 43.10 -11.55
C CYS C 103 8.73 42.73 -12.34
N ARG C 104 8.87 42.73 -13.66
CA ARG C 104 7.78 42.40 -14.58
C ARG C 104 7.49 40.88 -14.56
N ASN C 105 8.43 40.11 -14.01
CA ASN C 105 8.31 38.65 -13.93
C ASN C 105 7.79 38.18 -12.58
N PRO C 106 6.61 37.53 -12.55
CA PRO C 106 6.02 37.02 -11.31
C PRO C 106 6.95 36.13 -10.48
N ASP C 107 7.90 35.48 -11.15
CA ASP C 107 8.85 34.61 -10.46
C ASP C 107 10.17 35.32 -10.11
N GLY C 108 10.24 36.62 -10.37
CA GLY C 108 11.44 37.38 -10.07
C GLY C 108 11.13 38.49 -9.08
N ASN C 109 12.08 38.76 -8.18
CA ASN C 109 11.91 39.82 -7.18
C ASN C 109 13.18 40.67 -7.00
N LEU C 110 14.29 40.25 -7.59
CA LEU C 110 15.55 41.00 -7.44
C LEU C 110 15.56 42.19 -8.37
N CYS C 111 14.94 43.27 -7.93
CA CYS C 111 14.87 44.50 -8.69
C CYS C 111 16.25 44.92 -9.19
N ILE C 112 16.27 45.54 -10.36
CA ILE C 112 17.50 46.01 -10.99
C ILE C 112 18.22 47.04 -10.10
N ARG C 113 17.46 47.77 -9.29
CA ARG C 113 18.04 48.76 -8.38
C ARG C 113 18.58 48.17 -7.10
N SER C 114 18.67 46.86 -7.03
CA SER C 114 19.17 46.22 -5.83
C SER C 114 20.64 46.42 -5.69
N ASP C 115 21.04 46.90 -4.53
CA ASP C 115 22.44 47.15 -4.28
C ASP C 115 23.09 45.82 -3.91
N ILE C 116 23.54 45.10 -4.92
CA ILE C 116 24.19 43.82 -4.70
C ILE C 116 25.69 43.91 -4.85
N THR C 117 26.17 45.08 -5.28
CA THR C 117 27.61 45.29 -5.49
C THR C 117 28.29 46.25 -4.51
N GLY C 118 27.54 46.79 -3.56
CA GLY C 118 28.14 47.71 -2.59
C GLY C 118 28.30 49.12 -3.14
N ARG C 119 27.36 49.54 -3.98
CA ARG C 119 27.34 50.87 -4.57
C ARG C 119 27.24 51.91 -3.46
N GLY C 120 26.39 51.63 -2.49
CA GLY C 120 26.21 52.54 -1.36
C GLY C 120 25.70 53.92 -1.71
N VAL C 121 24.95 54.04 -2.79
CA VAL C 121 24.41 55.33 -3.24
C VAL C 121 22.98 55.15 -3.77
N LEU C 122 22.23 56.25 -3.91
CA LEU C 122 20.87 56.16 -4.40
C LEU C 122 20.82 56.00 -5.92
N ALA C 123 19.62 55.89 -6.48
CA ALA C 123 19.44 55.70 -7.92
C ALA C 123 20.21 56.68 -8.81
N ASP C 124 20.33 57.94 -8.40
CA ASP C 124 21.06 58.91 -9.23
C ASP C 124 22.58 58.82 -9.06
N GLY C 125 23.03 57.90 -8.20
CA GLY C 125 24.44 57.70 -7.99
C GLY C 125 25.09 58.51 -6.90
N THR C 126 24.33 59.32 -6.17
CA THR C 126 24.92 60.12 -5.11
C THR C 126 24.50 59.71 -3.70
N THR C 127 25.10 60.37 -2.71
CA THR C 127 24.78 60.14 -1.31
C THR C 127 23.91 61.30 -0.81
N ARG C 128 23.20 61.06 0.29
CA ARG C 128 22.34 62.05 0.91
C ARG C 128 22.80 62.28 2.33
N PHE C 129 23.93 61.70 2.69
CA PHE C 129 24.48 61.83 4.04
C PHE C 129 25.82 62.53 4.05
N THR C 130 25.99 63.41 5.04
CA THR C 130 27.20 64.17 5.25
C THR C 130 27.52 64.13 6.74
N CYS C 131 28.82 64.14 7.04
CA CYS C 131 29.31 64.12 8.42
C CYS C 131 30.72 64.71 8.42
N LYS C 132 30.87 65.88 9.04
CA LYS C 132 32.16 66.56 9.10
C LYS C 132 32.69 66.83 7.69
N GLY C 133 31.86 67.46 6.87
CA GLY C 133 32.26 67.73 5.51
C GLY C 133 32.13 66.54 4.58
N LYS C 134 32.90 65.49 4.86
CA LYS C 134 32.88 64.24 4.07
C LYS C 134 31.51 63.53 4.01
N PRO C 135 31.18 62.94 2.84
CA PRO C 135 29.91 62.21 2.64
C PRO C 135 29.89 60.77 3.14
N VAL C 136 28.78 60.40 3.77
CA VAL C 136 28.59 59.05 4.30
C VAL C 136 27.70 58.25 3.35
N HIS C 137 28.07 57.00 3.11
CA HIS C 137 27.33 56.14 2.20
C HIS C 137 26.06 55.52 2.75
N HIS C 138 25.33 54.91 1.84
CA HIS C 138 24.10 54.22 2.16
C HIS C 138 24.37 52.72 2.30
N PHE C 139 23.41 52.02 2.86
CA PHE C 139 23.52 50.58 3.00
C PHE C 139 22.28 49.95 2.40
N LEU C 140 22.50 49.07 1.43
CA LEU C 140 21.42 48.35 0.76
C LEU C 140 20.16 49.17 0.57
N ASN C 141 20.25 50.25 -0.20
CA ASN C 141 19.09 51.11 -0.46
C ASN C 141 18.34 51.60 0.77
N THR C 142 18.96 51.57 1.94
CA THR C 142 18.29 52.04 3.14
C THR C 142 19.07 52.93 4.12
N SER C 143 19.80 52.30 5.05
CA SER C 143 20.54 53.00 6.10
C SER C 143 19.48 53.42 7.13
N THR C 144 19.40 52.66 8.22
CA THR C 144 18.39 52.92 9.27
C THR C 144 18.93 53.20 10.66
N PHE C 145 20.23 53.06 10.85
CA PHE C 145 20.84 53.33 12.15
C PHE C 145 21.11 54.84 12.19
N THR C 146 20.05 55.59 11.96
CA THR C 146 20.09 57.04 11.91
C THR C 146 18.68 57.54 12.20
N GLU C 147 18.58 58.72 12.79
CA GLU C 147 17.26 59.27 13.11
C GLU C 147 16.48 59.51 11.82
N TYR C 148 17.18 59.80 10.75
CA TYR C 148 16.53 60.07 9.49
C TYR C 148 17.33 59.46 8.36
N THR C 149 16.62 59.07 7.29
CA THR C 149 17.24 58.47 6.12
C THR C 149 16.49 58.94 4.88
N VAL C 150 17.11 58.79 3.72
CA VAL C 150 16.47 59.15 2.46
C VAL C 150 16.65 57.96 1.53
N VAL C 151 15.53 57.45 1.06
CA VAL C 151 15.48 56.29 0.19
C VAL C 151 14.71 56.62 -1.07
N ASP C 152 14.93 55.86 -2.14
CA ASP C 152 14.20 56.07 -3.39
C ASP C 152 12.77 55.63 -3.17
N GLU C 153 11.83 56.22 -3.90
CA GLU C 153 10.42 55.85 -3.77
C GLU C 153 10.28 54.34 -4.02
N SER C 154 11.02 53.82 -5.00
CA SER C 154 10.99 52.41 -5.33
C SER C 154 11.40 51.50 -4.16
N SER C 155 11.86 52.11 -3.07
CA SER C 155 12.26 51.36 -1.88
C SER C 155 11.48 51.84 -0.66
N VAL C 156 10.25 52.31 -0.90
CA VAL C 156 9.38 52.76 0.17
C VAL C 156 8.09 51.96 0.14
N ALA C 157 7.73 51.38 1.28
CA ALA C 157 6.51 50.59 1.41
C ALA C 157 5.54 51.20 2.43
N LYS C 158 4.44 51.76 1.93
CA LYS C 158 3.43 52.38 2.81
C LYS C 158 2.67 51.28 3.55
N ILE C 159 2.74 51.29 4.87
CA ILE C 159 2.06 50.30 5.68
C ILE C 159 0.96 50.91 6.57
N ASP C 160 0.20 50.04 7.23
CA ASP C 160 -0.91 50.47 8.09
C ASP C 160 -0.49 51.23 9.36
N ASP C 161 -1.13 52.38 9.58
CA ASP C 161 -0.85 53.26 10.72
C ASP C 161 -0.84 52.63 12.11
N ALA C 162 -1.69 51.63 12.33
CA ALA C 162 -1.80 50.97 13.63
C ALA C 162 -0.72 49.91 13.88
N ALA C 163 0.22 49.78 12.95
CA ALA C 163 1.28 48.77 13.09
C ALA C 163 2.40 49.19 14.04
N PRO C 164 2.61 48.39 15.10
CA PRO C 164 3.66 48.65 16.11
C PRO C 164 5.07 48.63 15.48
N PRO C 165 5.68 49.82 15.31
CA PRO C 165 7.02 50.04 14.73
C PRO C 165 8.12 49.10 15.23
N GLU C 166 8.15 48.88 16.54
CA GLU C 166 9.15 47.99 17.17
C GLU C 166 8.96 46.51 16.85
N LYS C 167 7.83 46.16 16.25
CA LYS C 167 7.54 44.77 15.90
C LYS C 167 7.56 44.56 14.39
N VAL C 168 6.67 45.25 13.67
CA VAL C 168 6.61 45.11 12.22
C VAL C 168 7.92 45.44 11.50
N CYS C 169 8.87 46.04 12.22
CA CYS C 169 10.16 46.36 11.62
C CYS C 169 10.86 45.07 11.14
N LEU C 170 10.48 43.94 11.76
CA LEU C 170 11.05 42.63 11.40
C LEU C 170 10.64 42.22 9.97
N ILE C 171 9.55 42.82 9.47
CA ILE C 171 9.03 42.59 8.13
C ILE C 171 9.99 43.21 7.08
N GLY C 172 10.86 44.11 7.54
CA GLY C 172 11.81 44.79 6.67
C GLY C 172 13.00 43.93 6.30
N CYS C 173 13.12 42.77 6.94
CA CYS C 173 14.21 41.83 6.65
C CYS C 173 14.01 40.46 7.31
N GLY C 174 14.63 40.25 8.47
CA GLY C 174 14.56 38.99 9.20
C GLY C 174 13.38 38.04 9.02
N PHE C 175 12.19 38.46 9.44
CA PHE C 175 11.00 37.62 9.32
C PHE C 175 10.65 37.31 7.88
N SER C 176 10.28 38.35 7.14
CA SER C 176 9.90 38.17 5.74
C SER C 176 10.85 37.29 4.94
N THR C 177 12.12 37.32 5.30
CA THR C 177 13.12 36.53 4.61
C THR C 177 12.96 35.04 4.93
N GLY C 178 12.95 34.69 6.22
CA GLY C 178 12.82 33.29 6.60
C GLY C 178 11.48 32.68 6.24
N TYR C 179 10.41 33.43 6.51
CA TYR C 179 9.05 33.00 6.22
C TYR C 179 8.92 32.79 4.72
N GLY C 180 9.13 33.84 3.95
CA GLY C 180 9.03 33.77 2.50
C GLY C 180 9.95 32.70 1.92
N ALA C 181 11.05 32.42 2.61
CA ALA C 181 11.99 31.39 2.14
C ALA C 181 11.23 30.06 1.96
N ALA C 182 10.43 29.71 2.95
CA ALA C 182 9.65 28.49 2.93
C ALA C 182 8.44 28.64 2.02
N VAL C 183 7.56 29.56 2.39
CA VAL C 183 6.33 29.82 1.63
C VAL C 183 6.46 30.12 0.14
N LYS C 184 7.33 31.07 -0.21
CA LYS C 184 7.48 31.50 -1.61
C LYS C 184 8.68 31.03 -2.41
N THR C 185 9.76 30.63 -1.76
CA THR C 185 10.93 30.20 -2.51
C THR C 185 10.96 28.69 -2.70
N GLY C 186 11.05 27.96 -1.59
CA GLY C 186 11.06 26.51 -1.67
C GLY C 186 9.65 25.99 -1.88
N LYS C 187 8.67 26.79 -1.46
CA LYS C 187 7.26 26.44 -1.55
C LYS C 187 7.02 25.10 -0.86
N VAL C 188 7.31 25.07 0.44
CA VAL C 188 7.14 23.85 1.23
C VAL C 188 5.69 23.36 1.10
N LYS C 189 5.55 22.05 1.04
CA LYS C 189 4.26 21.40 0.87
C LYS C 189 3.78 20.75 2.16
N PRO C 190 2.45 20.54 2.27
CA PRO C 190 1.84 19.91 3.45
C PRO C 190 2.40 18.50 3.67
N GLY C 191 2.60 18.14 4.94
CA GLY C 191 3.11 16.82 5.26
C GLY C 191 4.60 16.63 5.03
N SER C 192 5.26 17.64 4.47
CA SER C 192 6.70 17.59 4.19
C SER C 192 7.62 17.51 5.38
N THR C 193 8.87 17.12 5.12
CA THR C 193 9.90 17.02 6.13
C THR C 193 10.96 18.05 5.73
N CYS C 194 11.08 19.10 6.54
CA CYS C 194 12.03 20.16 6.30
C CYS C 194 13.15 20.09 7.32
N VAL C 195 14.25 20.75 6.99
CA VAL C 195 15.40 20.85 7.88
C VAL C 195 15.81 22.33 7.82
N VAL C 196 16.26 22.87 8.95
CA VAL C 196 16.65 24.27 9.02
C VAL C 196 18.01 24.43 9.68
N PHE C 197 19.02 24.74 8.88
CA PHE C 197 20.35 24.97 9.42
C PHE C 197 20.37 26.42 9.92
N GLY C 198 20.75 26.60 11.18
CA GLY C 198 20.79 27.94 11.74
C GLY C 198 19.46 28.30 12.37
N LEU C 199 19.48 28.51 13.69
CA LEU C 199 18.25 28.84 14.42
C LEU C 199 18.16 30.30 14.86
N GLY C 200 18.86 31.18 14.16
CA GLY C 200 18.83 32.59 14.48
C GLY C 200 17.48 33.18 14.09
N GLY C 201 17.40 34.49 14.06
CA GLY C 201 16.14 35.15 13.73
C GLY C 201 15.51 34.80 12.39
N VAL C 202 16.34 34.57 11.39
CA VAL C 202 15.84 34.21 10.07
C VAL C 202 15.51 32.70 10.08
N GLY C 203 16.37 31.94 10.77
CA GLY C 203 16.16 30.50 10.88
C GLY C 203 14.80 30.24 11.53
N LEU C 204 14.57 30.82 12.70
CA LEU C 204 13.31 30.68 13.42
C LEU C 204 12.14 31.14 12.56
N SER C 205 12.39 32.04 11.61
CA SER C 205 11.33 32.53 10.74
C SER C 205 11.01 31.55 9.63
N VAL C 206 11.99 30.74 9.24
CA VAL C 206 11.75 29.77 8.19
C VAL C 206 10.89 28.65 8.80
N ILE C 207 11.24 28.25 10.01
CA ILE C 207 10.49 27.23 10.74
C ILE C 207 9.01 27.65 10.76
N MET C 208 8.76 28.88 11.18
CA MET C 208 7.40 29.41 11.20
C MET C 208 6.73 29.26 9.83
N GLY C 209 7.49 29.59 8.79
CA GLY C 209 7.00 29.48 7.43
C GLY C 209 6.64 28.08 7.02
N CYS C 210 7.53 27.14 7.32
CA CYS C 210 7.31 25.73 7.01
C CYS C 210 6.06 25.23 7.73
N LYS C 211 5.99 25.50 9.04
CA LYS C 211 4.86 25.09 9.87
C LYS C 211 3.55 25.65 9.30
N SER C 212 3.59 26.89 8.86
CA SER C 212 2.38 27.50 8.30
C SER C 212 2.08 26.95 6.92
N ALA C 213 2.99 26.11 6.42
CA ALA C 213 2.84 25.52 5.10
C ALA C 213 2.43 24.05 5.21
N GLY C 214 2.13 23.62 6.43
CA GLY C 214 1.71 22.26 6.66
C GLY C 214 2.79 21.21 6.86
N ALA C 215 4.06 21.60 6.85
CA ALA C 215 5.11 20.61 7.06
C ALA C 215 4.87 19.87 8.38
N SER C 216 4.85 18.55 8.30
CA SER C 216 4.61 17.73 9.48
C SER C 216 5.84 17.47 10.31
N ARG C 217 7.02 17.53 9.70
CA ARG C 217 8.25 17.32 10.45
C ARG C 217 9.27 18.40 10.08
N ILE C 218 9.72 19.15 11.07
CA ILE C 218 10.69 20.23 10.89
C ILE C 218 11.81 20.04 11.89
N ILE C 219 12.96 19.64 11.38
CA ILE C 219 14.12 19.41 12.24
C ILE C 219 15.05 20.63 12.23
N GLY C 220 15.25 21.24 13.40
CA GLY C 220 16.12 22.40 13.49
C GLY C 220 17.56 22.04 13.81
N ILE C 221 18.51 22.68 13.14
CA ILE C 221 19.93 22.42 13.39
C ILE C 221 20.65 23.67 13.86
N ASP C 222 21.58 23.49 14.80
CA ASP C 222 22.35 24.59 15.35
C ASP C 222 23.43 23.99 16.24
N LEU C 223 24.51 24.75 16.45
CA LEU C 223 25.58 24.31 17.33
C LEU C 223 25.19 24.78 18.72
N ASN C 224 24.60 25.97 18.77
CA ASN C 224 24.15 26.62 20.00
C ASN C 224 22.82 26.03 20.47
N LYS C 225 22.92 25.03 21.34
CA LYS C 225 21.74 24.36 21.86
C LYS C 225 20.75 25.27 22.58
N ASP C 226 21.25 26.40 23.08
CA ASP C 226 20.40 27.37 23.78
C ASP C 226 19.27 27.86 22.88
N LYS C 227 19.50 27.79 21.57
CA LYS C 227 18.51 28.23 20.59
C LYS C 227 17.37 27.23 20.41
N PHE C 228 17.61 25.97 20.83
CA PHE C 228 16.61 24.91 20.70
C PHE C 228 15.27 25.22 21.35
N GLU C 229 15.28 25.60 22.63
CA GLU C 229 14.04 25.91 23.33
C GLU C 229 13.13 26.82 22.49
N LYS C 230 13.72 27.83 21.84
CA LYS C 230 12.99 28.75 20.99
C LYS C 230 12.51 28.00 19.73
N ALA C 231 13.43 27.24 19.16
CA ALA C 231 13.16 26.47 17.95
C ALA C 231 12.00 25.51 18.13
N MET C 232 12.13 24.62 19.11
CA MET C 232 11.07 23.64 19.39
C MET C 232 9.72 24.37 19.56
N ALA C 233 9.73 25.50 20.25
CA ALA C 233 8.51 26.26 20.49
C ALA C 233 7.96 26.98 19.26
N VAL C 234 8.82 27.18 18.25
CA VAL C 234 8.40 27.87 17.03
C VAL C 234 7.71 26.92 16.05
N GLY C 235 8.14 25.66 16.07
CA GLY C 235 7.55 24.67 15.17
C GLY C 235 8.45 23.48 14.96
N ALA C 236 9.63 23.50 15.57
CA ALA C 236 10.57 22.42 15.42
C ALA C 236 10.12 21.20 16.21
N THR C 237 9.77 20.16 15.48
CA THR C 237 9.35 18.91 16.07
C THR C 237 10.55 18.27 16.75
N GLU C 238 11.74 18.80 16.45
CA GLU C 238 12.99 18.32 17.06
C GLU C 238 14.14 19.25 16.65
N CYS C 239 15.28 19.08 17.31
CA CYS C 239 16.46 19.89 17.04
C CYS C 239 17.69 19.10 17.38
N ILE C 240 18.70 19.15 16.52
CA ILE C 240 19.94 18.43 16.77
C ILE C 240 21.16 19.31 16.53
N SER C 241 22.34 18.74 16.66
CA SER C 241 23.56 19.49 16.44
C SER C 241 24.55 18.66 15.65
N PRO C 242 25.31 19.31 14.76
CA PRO C 242 26.32 18.63 13.95
C PRO C 242 27.26 17.81 14.83
N LYS C 243 27.61 18.38 15.98
CA LYS C 243 28.53 17.74 16.92
C LYS C 243 28.02 16.53 17.69
N ASP C 244 26.71 16.28 17.65
CA ASP C 244 26.11 15.14 18.34
C ASP C 244 26.57 13.80 17.75
N SER C 245 27.12 13.84 16.54
CA SER C 245 27.59 12.63 15.85
C SER C 245 28.88 12.91 15.07
N THR C 246 29.58 11.84 14.73
CA THR C 246 30.83 11.94 13.97
C THR C 246 30.58 11.65 12.49
N LYS C 247 29.38 11.12 12.20
CA LYS C 247 29.00 10.83 10.83
C LYS C 247 28.34 12.07 10.23
N PRO C 248 28.50 12.28 8.91
CA PRO C 248 27.93 13.43 8.19
C PRO C 248 26.49 13.76 8.58
N ILE C 249 26.23 15.03 8.82
CA ILE C 249 24.90 15.50 9.19
C ILE C 249 23.86 15.04 8.15
N SER C 250 24.32 14.86 6.91
CA SER C 250 23.46 14.40 5.82
C SER C 250 22.97 12.98 6.10
N GLU C 251 23.92 12.11 6.47
CA GLU C 251 23.60 10.72 6.79
C GLU C 251 22.65 10.67 7.96
N VAL C 252 22.95 11.44 9.01
CA VAL C 252 22.12 11.48 10.20
C VAL C 252 20.69 11.82 9.82
N LEU C 253 20.52 12.93 9.11
CA LEU C 253 19.20 13.36 8.68
C LEU C 253 18.52 12.31 7.81
N SER C 254 19.29 11.63 6.98
CA SER C 254 18.72 10.59 6.13
C SER C 254 18.12 9.55 7.07
N GLU C 255 18.97 8.95 7.91
CA GLU C 255 18.55 7.94 8.87
C GLU C 255 17.35 8.37 9.71
N MET C 256 17.34 9.64 10.10
CA MET C 256 16.25 10.16 10.92
C MET C 256 14.93 10.14 10.17
N THR C 257 14.98 10.31 8.86
CA THR C 257 13.78 10.36 8.03
C THR C 257 13.62 9.17 7.09
N GLY C 258 14.55 8.24 7.16
CA GLY C 258 14.50 7.08 6.29
C GLY C 258 14.61 7.55 4.86
N ASN C 259 15.54 8.48 4.65
CA ASN C 259 15.81 9.07 3.34
C ASN C 259 14.61 9.74 2.65
N ASN C 260 13.96 10.65 3.38
CA ASN C 260 12.82 11.37 2.83
C ASN C 260 12.78 12.87 3.14
N VAL C 261 13.96 13.50 3.23
CA VAL C 261 14.04 14.94 3.48
C VAL C 261 13.70 15.70 2.19
N GLY C 262 12.55 16.34 2.16
CA GLY C 262 12.16 17.07 0.97
C GLY C 262 12.68 18.50 0.90
N TYR C 263 13.07 19.04 2.04
CA TYR C 263 13.56 20.41 2.09
C TYR C 263 14.67 20.63 3.12
N THR C 264 15.61 21.50 2.78
CA THR C 264 16.70 21.90 3.64
C THR C 264 16.89 23.38 3.39
N PHE C 265 17.18 24.12 4.44
CA PHE C 265 17.40 25.55 4.32
C PHE C 265 18.72 25.87 5.00
N GLU C 266 19.57 26.64 4.31
CA GLU C 266 20.84 27.07 4.88
C GLU C 266 20.53 28.50 5.31
N VAL C 267 20.58 28.73 6.63
CA VAL C 267 20.27 30.04 7.18
C VAL C 267 21.36 30.45 8.16
N ILE C 268 22.60 30.30 7.73
CA ILE C 268 23.75 30.65 8.56
C ILE C 268 24.57 31.70 7.77
N GLY C 269 25.25 31.22 6.73
CA GLY C 269 26.08 32.08 5.90
C GLY C 269 27.42 31.42 5.69
N HIS C 270 27.50 30.12 5.93
CA HIS C 270 28.74 29.36 5.76
C HIS C 270 28.62 28.56 4.48
N LEU C 271 29.72 28.40 3.76
CA LEU C 271 29.73 27.63 2.53
C LEU C 271 29.68 26.15 2.88
N GLU C 272 30.39 25.80 3.94
CA GLU C 272 30.44 24.42 4.41
C GLU C 272 29.03 23.88 4.72
N THR C 273 28.17 24.72 5.29
CA THR C 273 26.81 24.32 5.60
C THR C 273 25.87 24.44 4.42
N MET C 274 26.36 24.98 3.30
CA MET C 274 25.54 25.09 2.10
C MET C 274 25.65 23.73 1.42
N ILE C 275 26.86 23.17 1.45
CA ILE C 275 27.09 21.87 0.90
C ILE C 275 26.31 20.88 1.77
N ASP C 276 26.35 21.10 3.09
CA ASP C 276 25.65 20.27 4.07
C ASP C 276 24.16 20.21 3.80
N ALA C 277 23.51 21.36 3.69
CA ALA C 277 22.09 21.40 3.43
C ALA C 277 21.73 20.79 2.07
N LEU C 278 22.63 20.90 1.08
CA LEU C 278 22.36 20.33 -0.23
C LEU C 278 22.35 18.81 -0.09
N ALA C 279 23.45 18.30 0.46
CA ALA C 279 23.64 16.89 0.68
C ALA C 279 22.52 16.27 1.50
N SER C 280 21.85 17.08 2.31
CA SER C 280 20.80 16.63 3.21
C SER C 280 19.38 16.44 2.66
N CYS C 281 19.04 17.16 1.59
CA CYS C 281 17.70 17.01 1.00
C CYS C 281 17.79 15.76 0.15
N HIS C 282 16.64 15.20 -0.22
CA HIS C 282 16.64 13.98 -1.01
C HIS C 282 17.32 14.16 -2.34
N MET C 283 18.21 13.22 -2.64
CA MET C 283 18.99 13.23 -3.87
C MET C 283 18.31 13.32 -5.23
N ASN C 284 16.98 13.35 -5.26
CA ASN C 284 16.28 13.37 -6.52
C ASN C 284 15.10 14.33 -6.53
N TYR C 285 14.41 14.45 -5.40
CA TYR C 285 13.28 15.37 -5.34
C TYR C 285 13.46 16.38 -4.21
N GLY C 286 14.58 16.30 -3.53
CA GLY C 286 14.80 17.24 -2.44
C GLY C 286 15.24 18.61 -2.96
N THR C 287 14.73 19.66 -2.34
CA THR C 287 15.06 21.04 -2.68
C THR C 287 15.84 21.65 -1.52
N SER C 288 16.96 22.30 -1.82
CA SER C 288 17.81 22.94 -0.81
C SER C 288 17.85 24.44 -1.10
N VAL C 289 17.30 25.23 -0.19
CA VAL C 289 17.26 26.68 -0.33
C VAL C 289 18.36 27.36 0.49
N VAL C 290 19.08 28.29 -0.15
CA VAL C 290 20.15 29.04 0.52
C VAL C 290 19.65 30.44 0.88
N VAL C 291 19.52 30.67 2.19
CA VAL C 291 19.04 31.96 2.70
C VAL C 291 20.21 32.79 3.25
N GLY C 292 21.18 32.10 3.85
CA GLY C 292 22.33 32.77 4.41
C GLY C 292 23.24 33.33 3.33
N VAL C 293 23.66 34.59 3.51
CA VAL C 293 24.52 35.26 2.55
C VAL C 293 25.94 34.74 2.65
N PRO C 294 26.50 34.23 1.54
CA PRO C 294 27.87 33.73 1.61
C PRO C 294 28.88 34.88 1.76
N PRO C 295 30.02 34.61 2.41
CA PRO C 295 31.06 35.63 2.60
C PRO C 295 31.58 36.12 1.25
N SER C 296 31.96 37.39 1.18
CA SER C 296 32.46 37.95 -0.06
C SER C 296 33.73 37.28 -0.61
N ALA C 297 33.80 37.17 -1.93
CA ALA C 297 34.93 36.57 -2.63
C ALA C 297 35.31 35.13 -2.27
N LYS C 298 34.35 34.35 -1.81
CA LYS C 298 34.64 32.96 -1.46
C LYS C 298 34.05 31.98 -2.47
N MET C 299 34.90 31.11 -3.00
CA MET C 299 34.46 30.12 -3.98
C MET C 299 34.00 28.82 -3.32
N LEU C 300 32.94 28.24 -3.87
CA LEU C 300 32.43 26.98 -3.34
C LEU C 300 32.89 25.83 -4.20
N THR C 301 33.25 24.74 -3.53
CA THR C 301 33.69 23.52 -4.18
C THR C 301 32.93 22.36 -3.54
N TYR C 302 32.08 21.71 -4.35
CA TYR C 302 31.28 20.55 -3.91
C TYR C 302 31.29 19.45 -4.99
N ASP C 303 30.57 18.36 -4.71
CA ASP C 303 30.46 17.23 -5.63
C ASP C 303 29.22 17.45 -6.51
N PRO C 304 29.41 17.65 -7.84
CA PRO C 304 28.30 17.88 -8.76
C PRO C 304 27.30 16.70 -8.87
N MET C 305 27.75 15.50 -8.50
CA MET C 305 26.86 14.35 -8.54
C MET C 305 25.67 14.57 -7.60
N LEU C 306 25.91 15.30 -6.50
CA LEU C 306 24.85 15.59 -5.56
C LEU C 306 23.74 16.37 -6.25
N LEU C 307 24.07 17.03 -7.35
CA LEU C 307 23.06 17.81 -8.05
C LEU C 307 22.50 17.05 -9.23
N PHE C 308 23.35 16.30 -9.90
CA PHE C 308 22.92 15.55 -11.07
C PHE C 308 21.73 14.62 -10.86
N THR C 309 21.71 13.94 -9.72
CA THR C 309 20.65 13.01 -9.41
C THR C 309 19.24 13.60 -9.35
N GLY C 310 19.12 14.92 -9.40
CA GLY C 310 17.79 15.50 -9.37
C GLY C 310 17.52 16.59 -8.37
N ARG C 311 18.41 16.78 -7.39
CA ARG C 311 18.22 17.86 -6.40
C ARG C 311 18.03 19.23 -7.05
N THR C 312 17.35 20.13 -6.33
CA THR C 312 17.13 21.50 -6.78
C THR C 312 17.85 22.36 -5.75
N TRP C 313 18.69 23.26 -6.23
CA TRP C 313 19.49 24.17 -5.39
C TRP C 313 19.16 25.57 -5.87
N LYS C 314 18.65 26.40 -4.97
CA LYS C 314 18.30 27.76 -5.30
C LYS C 314 18.67 28.69 -4.16
N GLY C 315 18.85 29.98 -4.49
CA GLY C 315 19.18 30.98 -3.50
C GLY C 315 17.93 31.75 -3.16
N CYS C 316 18.01 32.63 -2.18
CA CYS C 316 16.82 33.40 -1.79
C CYS C 316 17.14 34.85 -1.38
N VAL C 317 16.29 35.77 -1.81
CA VAL C 317 16.46 37.19 -1.48
C VAL C 317 15.18 37.80 -0.95
N PHE C 318 15.19 38.10 0.35
CA PHE C 318 14.06 38.71 1.05
C PHE C 318 12.87 37.72 0.94
N GLY C 319 13.18 36.45 1.19
CA GLY C 319 12.18 35.41 1.12
C GLY C 319 11.37 35.31 -0.16
N GLY C 320 11.89 35.80 -1.27
CA GLY C 320 11.17 35.75 -2.53
C GLY C 320 10.04 36.74 -2.65
N LEU C 321 9.96 37.69 -1.71
CA LEU C 321 8.89 38.68 -1.76
C LEU C 321 9.12 39.79 -2.78
N LYS C 322 8.03 40.40 -3.22
CA LYS C 322 8.08 41.51 -4.15
C LYS C 322 7.75 42.70 -3.24
N SER C 323 8.79 43.19 -2.57
CA SER C 323 8.76 44.27 -1.60
C SER C 323 7.58 45.22 -1.51
N ARG C 324 7.39 46.07 -2.52
CA ARG C 324 6.30 47.02 -2.46
C ARG C 324 4.90 46.39 -2.43
N ASP C 325 4.78 45.17 -2.95
CA ASP C 325 3.52 44.46 -3.00
C ASP C 325 3.23 43.69 -1.72
N ASP C 326 4.12 42.76 -1.42
CA ASP C 326 3.99 41.90 -0.27
C ASP C 326 4.16 42.51 1.12
N VAL C 327 5.04 43.51 1.24
CA VAL C 327 5.28 44.09 2.55
C VAL C 327 4.04 44.71 3.21
N PRO C 328 3.30 45.57 2.49
CA PRO C 328 2.12 46.13 3.17
C PRO C 328 1.13 45.03 3.56
N LYS C 329 1.04 43.99 2.74
CA LYS C 329 0.15 42.85 3.00
C LYS C 329 0.59 42.12 4.26
N LEU C 330 1.88 41.81 4.37
CA LEU C 330 2.41 41.11 5.54
C LEU C 330 2.18 41.89 6.84
N VAL C 331 2.04 43.21 6.72
CA VAL C 331 1.80 44.05 7.88
C VAL C 331 0.34 43.81 8.28
N THR C 332 -0.55 43.82 7.29
CA THR C 332 -1.97 43.58 7.50
C THR C 332 -2.16 42.20 8.15
N GLU C 333 -1.42 41.20 7.67
CA GLU C 333 -1.51 39.85 8.20
C GLU C 333 -1.07 39.78 9.67
N PHE C 334 -0.19 40.69 10.08
CA PHE C 334 0.25 40.72 11.48
C PHE C 334 -0.86 41.32 12.32
N LEU C 335 -1.42 42.43 11.84
CA LEU C 335 -2.51 43.10 12.55
C LEU C 335 -3.68 42.15 12.78
N ALA C 336 -3.89 41.24 11.85
CA ALA C 336 -4.96 40.25 11.96
C ALA C 336 -4.48 39.04 12.79
N LYS C 337 -3.53 39.29 13.69
CA LYS C 337 -2.99 38.26 14.58
C LYS C 337 -2.51 36.96 13.93
N LYS C 338 -2.25 36.99 12.63
CA LYS C 338 -1.82 35.78 11.93
C LYS C 338 -0.46 35.24 12.36
N PHE C 339 0.51 36.12 12.61
CA PHE C 339 1.83 35.67 13.05
C PHE C 339 2.36 36.46 14.25
N ASP C 340 3.16 35.79 15.07
CA ASP C 340 3.71 36.41 16.26
C ASP C 340 5.17 36.74 16.09
N LEU C 341 5.46 38.04 15.97
CA LEU C 341 6.82 38.54 15.83
C LEU C 341 7.50 38.65 17.19
N ASP C 342 6.69 38.82 18.24
CA ASP C 342 7.18 38.95 19.61
C ASP C 342 8.12 37.84 20.02
N GLN C 343 7.94 36.66 19.44
CA GLN C 343 8.78 35.54 19.80
C GLN C 343 10.22 35.80 19.33
N LEU C 344 10.35 36.60 18.27
CA LEU C 344 11.64 36.89 17.69
C LEU C 344 12.47 37.96 18.39
N ILE C 345 11.80 39.00 18.89
CA ILE C 345 12.43 40.14 19.56
C ILE C 345 12.88 39.85 21.00
N THR C 346 14.15 39.48 21.16
CA THR C 346 14.66 39.18 22.49
C THR C 346 15.17 40.39 23.28
N HIS C 347 15.29 41.54 22.63
CA HIS C 347 15.76 42.75 23.30
C HIS C 347 15.26 44.02 22.61
N VAL C 348 14.74 44.94 23.40
CA VAL C 348 14.27 46.23 22.90
C VAL C 348 15.11 47.22 23.70
N LEU C 349 15.97 47.97 23.00
CA LEU C 349 16.85 48.92 23.67
C LEU C 349 16.84 50.26 22.95
N PRO C 350 17.33 51.33 23.62
CA PRO C 350 17.37 52.66 23.00
C PRO C 350 18.54 52.69 22.00
N PHE C 351 18.37 53.42 20.91
CA PHE C 351 19.41 53.51 19.87
C PHE C 351 20.86 53.55 20.39
N LYS C 352 21.11 54.40 21.37
CA LYS C 352 22.46 54.55 21.94
C LYS C 352 23.11 53.22 22.36
N LYS C 353 22.30 52.27 22.80
CA LYS C 353 22.82 50.98 23.23
C LYS C 353 23.21 50.05 22.06
N ILE C 354 23.21 50.60 20.84
CA ILE C 354 23.57 49.84 19.64
C ILE C 354 24.80 48.96 19.85
N SER C 355 25.84 49.51 20.48
CA SER C 355 27.06 48.74 20.73
C SER C 355 26.76 47.49 21.57
N GLU C 356 25.84 47.61 22.53
CA GLU C 356 25.46 46.49 23.37
C GLU C 356 24.78 45.46 22.47
N GLY C 357 23.91 45.95 21.59
CA GLY C 357 23.19 45.10 20.66
C GLY C 357 24.11 44.18 19.87
N PHE C 358 25.18 44.75 19.32
CA PHE C 358 26.15 43.98 18.53
C PHE C 358 27.07 43.13 19.40
N GLU C 359 26.87 43.22 20.70
CA GLU C 359 27.63 42.45 21.67
C GLU C 359 26.80 41.20 21.99
N LEU C 360 25.48 41.42 22.08
CA LEU C 360 24.50 40.38 22.37
C LEU C 360 24.37 39.40 21.20
N LEU C 361 24.12 39.95 20.02
CA LEU C 361 23.97 39.15 18.82
C LEU C 361 25.18 38.25 18.70
N ASN C 362 26.37 38.85 18.74
CA ASN C 362 27.61 38.10 18.62
C ASN C 362 27.91 37.07 19.73
N SER C 363 27.08 37.02 20.77
CA SER C 363 27.28 36.06 21.85
C SER C 363 26.19 34.98 21.85
N GLY C 364 25.22 35.13 20.94
CA GLY C 364 24.13 34.17 20.82
C GLY C 364 23.05 34.36 21.87
N GLN C 365 23.18 35.41 22.67
CA GLN C 365 22.20 35.67 23.71
C GLN C 365 20.98 36.41 23.18
N SER C 366 20.87 36.52 21.87
CA SER C 366 19.74 37.21 21.31
C SER C 366 19.37 36.74 19.93
N ILE C 367 18.11 36.97 19.60
CA ILE C 367 17.57 36.64 18.31
C ILE C 367 17.50 38.02 17.66
N ARG C 368 16.42 38.74 17.89
CA ARG C 368 16.29 40.07 17.33
C ARG C 368 16.34 41.12 18.42
N THR C 369 17.06 42.20 18.13
CA THR C 369 17.21 43.32 19.05
C THR C 369 16.64 44.54 18.32
N VAL C 370 15.59 45.13 18.87
CA VAL C 370 15.01 46.30 18.24
C VAL C 370 15.50 47.56 18.93
N LEU C 371 16.21 48.39 18.15
CA LEU C 371 16.70 49.66 18.64
C LEU C 371 15.56 50.63 18.41
N THR C 372 15.18 51.33 19.48
CA THR C 372 14.08 52.28 19.43
C THR C 372 14.60 53.72 19.49
N PHE C 373 13.89 54.60 18.77
CA PHE C 373 14.22 56.01 18.72
C PHE C 373 13.18 56.76 19.57
N GLY D 1 12.38 -24.48 -29.29
CA GLY D 1 12.21 -23.03 -29.03
C GLY D 1 13.40 -22.60 -28.20
N THR D 2 13.47 -21.32 -27.87
CA THR D 2 14.58 -20.78 -27.09
C THR D 2 14.20 -20.50 -25.64
N ALA D 3 12.90 -20.43 -25.38
CA ALA D 3 12.42 -20.17 -24.04
C ALA D 3 12.86 -21.24 -23.05
N GLY D 4 13.41 -20.80 -21.92
CA GLY D 4 13.86 -21.71 -20.89
C GLY D 4 15.29 -22.12 -21.04
N LYS D 5 15.85 -21.91 -22.23
CA LYS D 5 17.24 -22.29 -22.51
C LYS D 5 18.19 -21.09 -22.59
N VAL D 6 19.48 -21.39 -22.45
CA VAL D 6 20.55 -20.39 -22.56
C VAL D 6 20.70 -20.04 -24.04
N ILE D 7 20.74 -18.74 -24.36
CA ILE D 7 20.90 -18.33 -25.74
C ILE D 7 22.35 -17.99 -26.06
N LYS D 8 22.84 -18.48 -27.18
CA LYS D 8 24.19 -18.18 -27.61
C LYS D 8 24.05 -17.13 -28.72
N CYS D 9 24.70 -15.99 -28.56
CA CYS D 9 24.59 -14.94 -29.57
C CYS D 9 25.80 -14.04 -29.55
N LYS D 10 25.75 -13.02 -30.42
CA LYS D 10 26.82 -12.05 -30.56
C LYS D 10 26.54 -10.76 -29.78
N ALA D 11 27.58 -10.28 -29.10
CA ALA D 11 27.48 -9.07 -28.28
C ALA D 11 28.77 -8.28 -28.33
N ALA D 12 28.66 -6.96 -28.44
CA ALA D 12 29.85 -6.11 -28.48
C ALA D 12 30.34 -6.00 -27.06
N VAL D 13 31.42 -6.72 -26.75
CA VAL D 13 31.99 -6.71 -25.40
C VAL D 13 33.13 -5.69 -25.24
N LEU D 14 33.33 -5.25 -24.00
CA LEU D 14 34.39 -4.32 -23.64
C LEU D 14 35.12 -5.01 -22.52
N TRP D 15 36.20 -5.71 -22.85
CA TRP D 15 36.99 -6.44 -21.88
C TRP D 15 37.63 -5.57 -20.81
N GLU D 16 38.01 -4.35 -21.20
CA GLU D 16 38.66 -3.42 -20.29
C GLU D 16 38.43 -2.00 -20.81
N GLN D 17 38.72 -0.99 -19.98
CA GLN D 17 38.54 0.40 -20.38
C GLN D 17 39.62 0.79 -21.36
N LYS D 18 39.36 1.84 -22.13
CA LYS D 18 40.29 2.35 -23.12
C LYS D 18 40.72 1.24 -24.06
N GLN D 19 39.73 0.52 -24.57
CA GLN D 19 39.91 -0.58 -25.51
C GLN D 19 38.71 -0.57 -26.42
N PRO D 20 38.88 -1.07 -27.64
CA PRO D 20 37.75 -1.09 -28.57
C PRO D 20 36.75 -2.21 -28.24
N PHE D 21 35.70 -2.30 -29.05
CA PHE D 21 34.71 -3.33 -28.84
C PHE D 21 35.19 -4.62 -29.42
N SER D 22 34.80 -5.73 -28.79
CA SER D 22 35.15 -7.04 -29.26
C SER D 22 33.83 -7.76 -29.40
N ILE D 23 33.44 -8.07 -30.62
CA ILE D 23 32.19 -8.77 -30.86
C ILE D 23 32.43 -10.26 -30.64
N GLU D 24 32.03 -10.72 -29.46
CA GLU D 24 32.21 -12.10 -29.09
C GLU D 24 30.90 -12.90 -29.20
N GLU D 25 31.02 -14.19 -28.91
CA GLU D 25 29.86 -15.08 -28.87
C GLU D 25 29.73 -15.18 -27.34
N ILE D 26 28.56 -14.85 -26.83
CA ILE D 26 28.30 -14.89 -25.40
C ILE D 26 27.05 -15.75 -25.15
N GLU D 27 26.81 -16.05 -23.88
CA GLU D 27 25.65 -16.84 -23.46
C GLU D 27 24.73 -15.99 -22.59
N VAL D 28 23.46 -15.95 -22.97
CA VAL D 28 22.45 -15.19 -22.22
C VAL D 28 21.53 -16.19 -21.52
N ALA D 29 21.72 -16.34 -20.23
CA ALA D 29 20.93 -17.24 -19.42
C ALA D 29 19.47 -16.81 -19.51
N PRO D 30 18.53 -17.75 -19.34
CA PRO D 30 17.10 -17.44 -19.40
C PRO D 30 16.68 -16.56 -18.22
N PRO D 31 15.56 -15.82 -18.38
CA PRO D 31 15.00 -14.93 -17.37
C PRO D 31 14.48 -15.56 -16.09
N LYS D 32 15.07 -15.20 -14.96
CA LYS D 32 14.62 -15.72 -13.70
C LYS D 32 13.32 -14.99 -13.36
N THR D 33 12.94 -15.06 -12.09
CA THR D 33 11.71 -14.44 -11.62
C THR D 33 11.62 -12.96 -11.98
N LYS D 34 10.48 -12.59 -12.55
CA LYS D 34 10.19 -11.22 -12.93
C LYS D 34 11.28 -10.53 -13.77
N GLU D 35 11.87 -11.30 -14.69
CA GLU D 35 12.90 -10.82 -15.59
C GLU D 35 12.35 -11.05 -16.99
N VAL D 36 12.86 -10.30 -17.95
CA VAL D 36 12.38 -10.40 -19.32
C VAL D 36 13.58 -10.53 -20.26
N ARG D 37 13.54 -11.48 -21.17
CA ARG D 37 14.66 -11.65 -22.11
C ARG D 37 14.21 -11.04 -23.41
N ILE D 38 15.00 -10.07 -23.88
CA ILE D 38 14.66 -9.32 -25.05
C ILE D 38 15.60 -9.47 -26.22
N LYS D 39 15.01 -9.54 -27.41
CA LYS D 39 15.74 -9.63 -28.66
C LYS D 39 15.87 -8.18 -29.14
N ILE D 40 17.10 -7.69 -29.22
CA ILE D 40 17.32 -6.30 -29.64
C ILE D 40 17.14 -6.11 -31.13
N LEU D 41 16.29 -5.16 -31.51
CA LEU D 41 16.02 -4.87 -32.91
C LEU D 41 16.86 -3.67 -33.41
N ALA D 42 17.00 -2.64 -32.58
CA ALA D 42 17.75 -1.44 -32.95
C ALA D 42 18.24 -0.75 -31.69
N THR D 43 19.49 -0.27 -31.71
CA THR D 43 20.07 0.41 -30.56
C THR D 43 20.92 1.63 -30.97
N GLY D 44 20.72 2.74 -30.27
CA GLY D 44 21.44 3.94 -30.59
C GLY D 44 22.73 4.06 -29.83
N ILE D 45 23.67 4.82 -30.39
CA ILE D 45 24.96 5.08 -29.76
C ILE D 45 24.86 6.40 -29.00
N CYS D 46 24.86 6.32 -27.67
CA CYS D 46 24.77 7.47 -26.80
C CYS D 46 26.13 7.83 -26.21
N ARG D 47 26.39 9.14 -26.05
CA ARG D 47 27.66 9.60 -25.49
C ARG D 47 28.01 8.92 -24.16
N THR D 48 27.02 8.65 -23.32
CA THR D 48 27.29 7.98 -22.04
C THR D 48 28.00 6.64 -22.25
N ASP D 49 27.74 5.97 -23.36
CA ASP D 49 28.39 4.71 -23.65
C ASP D 49 29.86 4.92 -23.87
N ASP D 50 30.19 6.00 -24.57
CA ASP D 50 31.57 6.33 -24.87
C ASP D 50 32.33 6.60 -23.59
N HIS D 51 31.66 7.17 -22.60
CA HIS D 51 32.29 7.46 -21.31
C HIS D 51 32.85 6.17 -20.69
N VAL D 52 32.19 5.05 -20.94
CA VAL D 52 32.65 3.78 -20.38
C VAL D 52 34.00 3.48 -21.00
N ILE D 53 34.07 3.62 -22.33
CA ILE D 53 35.28 3.38 -23.10
C ILE D 53 36.38 4.33 -22.63
N LYS D 54 36.10 5.64 -22.67
CA LYS D 54 37.06 6.69 -22.26
C LYS D 54 37.55 6.52 -20.82
N GLY D 55 36.74 5.88 -19.99
CA GLY D 55 37.12 5.67 -18.61
C GLY D 55 36.59 6.70 -17.66
N THR D 56 35.76 7.63 -18.14
CA THR D 56 35.22 8.67 -17.27
C THR D 56 33.90 8.30 -16.60
N MET D 57 33.48 7.06 -16.79
CA MET D 57 32.26 6.56 -16.16
C MET D 57 32.60 5.24 -15.53
N VAL D 58 32.20 5.10 -14.27
CA VAL D 58 32.44 3.90 -13.46
C VAL D 58 31.76 2.68 -14.06
N SER D 59 32.50 1.58 -14.10
CA SER D 59 31.98 0.33 -14.64
C SER D 59 32.93 -0.81 -14.31
N LYS D 60 32.37 -2.02 -14.20
CA LYS D 60 33.15 -3.21 -13.94
C LYS D 60 33.44 -3.79 -15.32
N PHE D 61 34.44 -4.64 -15.43
CA PHE D 61 34.78 -5.22 -16.72
C PHE D 61 35.04 -6.71 -16.60
N PRO D 62 34.75 -7.48 -17.67
CA PRO D 62 34.19 -7.01 -18.93
C PRO D 62 32.74 -6.55 -18.76
N VAL D 63 32.23 -5.84 -19.75
CA VAL D 63 30.88 -5.31 -19.70
C VAL D 63 30.30 -5.10 -21.09
N ILE D 64 28.97 -5.14 -21.17
CA ILE D 64 28.28 -4.93 -22.43
C ILE D 64 27.50 -3.66 -22.20
N VAL D 65 27.76 -2.67 -23.05
CA VAL D 65 27.07 -1.40 -22.88
C VAL D 65 25.91 -1.28 -23.84
N GLY D 66 25.46 -0.06 -24.06
CA GLY D 66 24.30 0.15 -24.90
C GLY D 66 23.19 0.25 -23.88
N HIS D 67 22.24 1.13 -24.09
CA HIS D 67 21.13 1.30 -23.15
C HIS D 67 19.97 2.04 -23.80
N GLU D 68 20.12 2.34 -25.08
CA GLU D 68 19.12 3.05 -25.86
C GLU D 68 18.73 2.05 -26.94
N ALA D 69 17.53 1.47 -26.82
CA ALA D 69 17.11 0.45 -27.79
C ALA D 69 15.63 0.15 -27.87
N THR D 70 15.26 -0.59 -28.90
CA THR D 70 13.88 -1.06 -29.09
C THR D 70 14.03 -2.57 -29.33
N GLY D 71 13.20 -3.37 -28.67
CA GLY D 71 13.29 -4.81 -28.83
C GLY D 71 11.96 -5.53 -28.81
N ILE D 72 12.04 -6.86 -28.83
CA ILE D 72 10.86 -7.74 -28.81
C ILE D 72 11.10 -8.76 -27.69
N VAL D 73 10.09 -8.97 -26.85
CA VAL D 73 10.22 -9.95 -25.76
C VAL D 73 10.35 -11.37 -26.33
N GLU D 74 11.45 -12.03 -26.02
CA GLU D 74 11.66 -13.38 -26.52
C GLU D 74 10.98 -14.35 -25.56
N SER D 75 11.13 -14.09 -24.27
CA SER D 75 10.52 -14.92 -23.27
C SER D 75 10.50 -14.17 -21.94
N ILE D 76 9.41 -14.37 -21.19
CA ILE D 76 9.24 -13.75 -19.87
C ILE D 76 9.61 -14.76 -18.78
N GLY D 77 10.02 -14.25 -17.63
CA GLY D 77 10.37 -15.12 -16.52
C GLY D 77 9.15 -15.36 -15.67
N GLU D 78 9.29 -16.17 -14.63
CA GLU D 78 8.16 -16.45 -13.75
C GLU D 78 7.64 -15.19 -13.04
N GLY D 79 6.34 -14.99 -13.06
CA GLY D 79 5.75 -13.85 -12.39
C GLY D 79 5.56 -12.60 -13.22
N VAL D 80 6.07 -12.59 -14.45
CA VAL D 80 5.93 -11.41 -15.29
C VAL D 80 4.51 -11.23 -15.81
N THR D 81 3.92 -10.05 -15.56
CA THR D 81 2.54 -9.79 -15.99
C THR D 81 2.38 -8.66 -17.00
N THR D 82 3.32 -7.72 -17.04
CA THR D 82 3.22 -6.56 -17.95
C THR D 82 3.53 -6.80 -19.43
N VAL D 83 4.22 -7.90 -19.73
CA VAL D 83 4.60 -8.24 -21.11
C VAL D 83 4.49 -9.74 -21.39
N LYS D 84 4.44 -10.09 -22.66
CA LYS D 84 4.37 -11.49 -23.07
C LYS D 84 5.25 -11.60 -24.31
N PRO D 85 5.65 -12.83 -24.69
CA PRO D 85 6.50 -12.97 -25.89
C PRO D 85 5.95 -12.27 -27.13
N GLY D 86 6.85 -11.69 -27.92
CA GLY D 86 6.44 -11.01 -29.13
C GLY D 86 6.02 -9.56 -28.92
N ASP D 87 5.95 -9.13 -27.66
CA ASP D 87 5.59 -7.76 -27.33
C ASP D 87 6.74 -6.81 -27.70
N LYS D 88 6.39 -5.63 -28.22
CA LYS D 88 7.40 -4.61 -28.54
C LYS D 88 7.74 -3.86 -27.28
N VAL D 89 9.02 -3.78 -26.97
CA VAL D 89 9.45 -3.12 -25.74
C VAL D 89 10.66 -2.20 -25.90
N ILE D 90 10.85 -1.35 -24.89
CA ILE D 90 11.99 -0.47 -24.82
C ILE D 90 12.56 -0.73 -23.43
N PRO D 91 13.76 -1.33 -23.35
CA PRO D 91 14.42 -1.62 -22.07
C PRO D 91 14.77 -0.26 -21.46
N LEU D 92 14.57 -0.12 -20.16
CA LEU D 92 14.80 1.12 -19.43
C LEU D 92 16.00 1.17 -18.51
N PHE D 93 16.93 2.12 -18.73
CA PHE D 93 18.10 2.23 -17.83
C PHE D 93 17.63 2.86 -16.51
N LEU D 94 16.61 3.70 -16.59
CA LEU D 94 16.02 4.33 -15.41
C LEU D 94 14.74 3.50 -15.13
N PRO D 95 14.77 2.60 -14.15
CA PRO D 95 13.61 1.77 -13.82
C PRO D 95 12.46 2.56 -13.22
N GLN D 96 11.34 1.88 -13.01
CA GLN D 96 10.19 2.49 -12.34
C GLN D 96 9.49 1.40 -11.55
N CYS D 97 10.05 1.02 -10.41
CA CYS D 97 9.45 -0.05 -9.62
C CYS D 97 8.06 0.30 -9.07
N ARG D 98 7.65 1.56 -9.23
CA ARG D 98 6.35 2.06 -8.77
C ARG D 98 6.06 1.97 -7.27
N GLU D 99 7.02 1.49 -6.50
CA GLU D 99 6.83 1.30 -5.08
C GLU D 99 7.71 2.10 -4.10
N CYS D 100 8.90 2.51 -4.56
CA CYS D 100 9.84 3.26 -3.73
C CYS D 100 9.41 4.71 -3.61
N ASN D 101 10.06 5.45 -2.69
CA ASN D 101 9.75 6.88 -2.46
C ASN D 101 9.78 7.79 -3.69
N ALA D 102 10.82 7.65 -4.53
CA ALA D 102 10.96 8.46 -5.75
C ALA D 102 9.85 8.10 -6.73
N CYS D 103 9.59 6.80 -6.85
CA CYS D 103 8.53 6.29 -7.72
C CYS D 103 7.18 6.78 -7.22
N ARG D 104 6.96 6.70 -5.91
CA ARG D 104 5.69 7.15 -5.34
C ARG D 104 5.52 8.67 -5.39
N ASN D 105 6.65 9.36 -5.34
CA ASN D 105 6.69 10.83 -5.41
C ASN D 105 6.33 11.35 -6.81
N PRO D 106 5.32 12.22 -6.91
CA PRO D 106 4.97 12.72 -8.25
C PRO D 106 6.07 13.59 -8.86
N ASP D 107 6.98 14.06 -8.01
CA ASP D 107 8.12 14.90 -8.41
C ASP D 107 9.43 14.09 -8.31
N GLY D 108 9.35 12.77 -8.44
CA GLY D 108 10.56 11.97 -8.35
C GLY D 108 10.63 11.10 -9.57
N ASN D 109 11.72 10.37 -9.73
CA ASN D 109 11.80 9.50 -10.87
C ASN D 109 13.00 8.57 -10.78
N LEU D 110 13.96 8.89 -9.92
CA LEU D 110 15.14 8.06 -9.79
C LEU D 110 14.79 6.87 -8.92
N CYS D 111 14.20 5.86 -9.55
CA CYS D 111 13.78 4.64 -8.87
C CYS D 111 14.95 4.05 -8.09
N ILE D 112 14.67 3.51 -6.91
CA ILE D 112 15.74 2.93 -6.09
C ILE D 112 16.47 1.78 -6.77
N ARG D 113 15.89 1.22 -7.82
CA ARG D 113 16.57 0.11 -8.46
C ARG D 113 17.60 0.57 -9.49
N SER D 114 17.69 1.88 -9.70
CA SER D 114 18.64 2.49 -10.64
C SER D 114 20.08 2.09 -10.30
N ASP D 115 20.84 1.70 -11.31
CA ASP D 115 22.22 1.29 -11.15
C ASP D 115 23.07 2.55 -11.22
N ILE D 116 22.97 3.36 -10.16
CA ILE D 116 23.69 4.62 -10.04
C ILE D 116 25.15 4.49 -9.56
N THR D 117 25.53 3.27 -9.17
CA THR D 117 26.89 3.03 -8.68
C THR D 117 27.72 2.09 -9.54
N GLY D 118 27.23 1.74 -10.73
CA GLY D 118 27.98 0.86 -11.60
C GLY D 118 28.16 -0.57 -11.11
N ARG D 119 27.13 -1.13 -10.49
CA ARG D 119 27.15 -2.51 -10.00
C ARG D 119 27.18 -3.52 -11.15
N GLY D 120 26.51 -3.18 -12.25
CA GLY D 120 26.48 -4.04 -13.42
C GLY D 120 25.79 -5.38 -13.26
N VAL D 121 24.74 -5.40 -12.45
CA VAL D 121 23.99 -6.62 -12.18
C VAL D 121 22.50 -6.25 -12.20
N LEU D 122 21.65 -7.26 -12.08
CA LEU D 122 20.21 -7.01 -12.03
C LEU D 122 19.80 -6.89 -10.54
N ALA D 123 18.51 -6.71 -10.27
CA ALA D 123 18.05 -6.55 -8.90
C ALA D 123 18.50 -7.63 -7.90
N ASP D 124 18.63 -8.87 -8.35
CA ASP D 124 19.06 -9.96 -7.46
C ASP D 124 20.57 -9.97 -7.24
N GLY D 125 21.28 -9.03 -7.87
CA GLY D 125 22.71 -8.94 -7.72
C GLY D 125 23.56 -9.86 -8.58
N THR D 126 23.02 -10.36 -9.67
CA THR D 126 23.77 -11.28 -10.54
C THR D 126 23.67 -10.94 -12.03
N THR D 127 24.59 -11.49 -12.81
CA THR D 127 24.64 -11.26 -14.24
C THR D 127 24.06 -12.43 -15.02
N ARG D 128 23.59 -12.14 -16.24
CA ARG D 128 22.99 -13.15 -17.11
C ARG D 128 23.89 -13.42 -18.31
N PHE D 129 25.04 -12.74 -18.37
CA PHE D 129 25.94 -12.90 -19.49
C PHE D 129 27.19 -13.67 -19.12
N THR D 130 27.72 -14.38 -20.10
CA THR D 130 28.93 -15.14 -19.91
C THR D 130 29.60 -15.16 -21.27
N CYS D 131 30.92 -15.10 -21.28
CA CYS D 131 31.69 -15.16 -22.53
C CYS D 131 33.02 -15.75 -22.13
N LYS D 132 33.48 -16.75 -22.87
CA LYS D 132 34.77 -17.39 -22.56
C LYS D 132 34.79 -17.87 -21.10
N GLY D 133 33.67 -18.41 -20.63
CA GLY D 133 33.60 -18.91 -19.25
C GLY D 133 33.75 -17.86 -18.17
N LYS D 134 33.53 -16.60 -18.54
CA LYS D 134 33.62 -15.48 -17.60
C LYS D 134 32.30 -14.73 -17.61
N PRO D 135 31.86 -14.27 -16.43
CA PRO D 135 30.61 -13.51 -16.30
C PRO D 135 30.77 -12.07 -16.78
N VAL D 136 29.96 -11.67 -17.76
CA VAL D 136 30.00 -10.30 -18.30
C VAL D 136 28.97 -9.42 -17.58
N HIS D 137 29.37 -8.22 -17.19
CA HIS D 137 28.48 -7.29 -16.49
C HIS D 137 27.46 -6.60 -17.37
N HIS D 138 26.38 -6.19 -16.71
CA HIS D 138 25.28 -5.49 -17.36
C HIS D 138 25.58 -4.00 -17.24
N PHE D 139 24.91 -3.20 -18.05
CA PHE D 139 25.14 -1.77 -18.00
C PHE D 139 23.83 -1.04 -17.80
N LEU D 140 23.73 -0.31 -16.68
CA LEU D 140 22.55 0.46 -16.34
C LEU D 140 21.22 -0.27 -16.59
N ASN D 141 21.08 -1.45 -15.98
CA ASN D 141 19.85 -2.24 -16.10
C ASN D 141 19.42 -2.49 -17.55
N THR D 142 20.36 -2.53 -18.47
CA THR D 142 19.99 -2.72 -19.87
C THR D 142 20.93 -3.56 -20.73
N SER D 143 22.04 -2.97 -21.20
CA SER D 143 23.00 -3.65 -22.08
C SER D 143 22.28 -3.95 -23.39
N THR D 144 22.46 -3.11 -24.40
CA THR D 144 21.78 -3.32 -25.68
C THR D 144 22.67 -3.61 -26.89
N PHE D 145 23.99 -3.56 -26.71
CA PHE D 145 24.91 -3.86 -27.81
C PHE D 145 25.07 -5.39 -27.81
N THR D 146 23.95 -6.09 -27.91
CA THR D 146 23.88 -7.54 -27.88
C THR D 146 22.55 -8.00 -28.48
N GLU D 147 22.58 -9.12 -29.19
CA GLU D 147 21.37 -9.64 -29.82
C GLU D 147 20.23 -9.85 -28.83
N TYR D 148 20.57 -10.29 -27.63
CA TYR D 148 19.58 -10.56 -26.57
C TYR D 148 20.14 -10.06 -25.25
N THR D 149 19.25 -9.64 -24.36
CA THR D 149 19.63 -9.19 -23.02
C THR D 149 18.48 -9.57 -22.07
N VAL D 150 18.73 -9.55 -20.76
CA VAL D 150 17.69 -9.87 -19.80
C VAL D 150 17.66 -8.72 -18.82
N VAL D 151 16.49 -8.12 -18.64
CA VAL D 151 16.31 -7.01 -17.71
C VAL D 151 15.26 -7.38 -16.66
N ASP D 152 15.07 -6.52 -15.67
CA ASP D 152 14.05 -6.76 -14.68
C ASP D 152 12.75 -6.20 -15.24
N GLU D 153 11.61 -6.68 -14.77
CA GLU D 153 10.34 -6.21 -15.29
C GLU D 153 10.15 -4.70 -15.03
N SER D 154 10.68 -4.22 -13.92
CA SER D 154 10.59 -2.78 -13.60
C SER D 154 11.34 -1.92 -14.64
N SER D 155 12.23 -2.55 -15.40
CA SER D 155 13.01 -1.90 -16.45
C SER D 155 12.55 -2.29 -17.85
N VAL D 156 11.25 -2.41 -18.05
CA VAL D 156 10.71 -2.79 -19.37
C VAL D 156 9.47 -1.97 -19.55
N ALA D 157 9.29 -1.42 -20.76
CA ALA D 157 8.13 -0.62 -21.11
C ALA D 157 7.55 -1.25 -22.36
N LYS D 158 6.27 -1.56 -22.30
CA LYS D 158 5.58 -2.15 -23.43
C LYS D 158 5.14 -0.95 -24.27
N ILE D 159 5.49 -0.97 -25.55
CA ILE D 159 5.18 0.12 -26.45
C ILE D 159 4.35 -0.38 -27.63
N ASP D 160 3.77 0.56 -28.38
CA ASP D 160 2.94 0.25 -29.52
C ASP D 160 3.64 -0.70 -30.49
N ASP D 161 2.90 -1.68 -30.99
CA ASP D 161 3.47 -2.68 -31.91
C ASP D 161 3.90 -2.12 -33.25
N ALA D 162 3.27 -1.03 -33.65
CA ALA D 162 3.54 -0.36 -34.93
C ALA D 162 4.76 0.58 -34.93
N ALA D 163 5.42 0.71 -33.79
CA ALA D 163 6.56 1.59 -33.65
C ALA D 163 7.83 1.20 -34.40
N PRO D 164 8.31 2.09 -35.32
CA PRO D 164 9.53 1.80 -36.08
C PRO D 164 10.65 1.71 -35.04
N PRO D 165 11.14 0.49 -34.76
CA PRO D 165 12.20 0.32 -33.78
C PRO D 165 13.47 1.13 -34.05
N GLU D 166 13.82 1.31 -35.32
CA GLU D 166 15.03 2.06 -35.68
C GLU D 166 14.90 3.59 -35.53
N LYS D 167 13.77 4.02 -34.96
CA LYS D 167 13.49 5.43 -34.70
C LYS D 167 13.14 5.63 -33.24
N VAL D 168 12.15 4.88 -32.75
CA VAL D 168 11.72 5.01 -31.35
C VAL D 168 12.76 4.52 -30.36
N CYS D 169 13.85 3.93 -30.82
CA CYS D 169 14.88 3.53 -29.86
C CYS D 169 15.45 4.75 -29.15
N LEU D 170 15.42 5.92 -29.78
CA LEU D 170 15.96 7.13 -29.16
C LEU D 170 15.15 7.48 -27.93
N ILE D 171 13.94 6.94 -27.86
CA ILE D 171 13.06 7.18 -26.72
C ILE D 171 13.59 6.48 -25.48
N GLY D 172 14.61 5.63 -25.66
CA GLY D 172 15.22 4.93 -24.55
C GLY D 172 16.29 5.71 -23.78
N CYS D 173 16.64 6.90 -24.26
CA CYS D 173 17.65 7.76 -23.61
C CYS D 173 17.71 9.15 -24.23
N GLY D 174 18.43 9.25 -25.34
CA GLY D 174 18.63 10.50 -26.06
C GLY D 174 17.50 11.47 -26.22
N PHE D 175 16.47 11.10 -26.96
CA PHE D 175 15.34 12.01 -27.13
C PHE D 175 14.57 12.30 -25.85
N SER D 176 14.18 11.26 -25.12
CA SER D 176 13.41 11.43 -23.89
C SER D 176 14.11 12.35 -22.90
N THR D 177 15.41 12.16 -22.73
CA THR D 177 16.19 12.97 -21.78
C THR D 177 16.14 14.45 -22.18
N GLY D 178 16.49 14.74 -23.44
CA GLY D 178 16.50 16.11 -23.90
C GLY D 178 15.16 16.80 -23.85
N TYR D 179 14.18 16.14 -24.44
CA TYR D 179 12.82 16.64 -24.52
C TYR D 179 12.23 16.77 -23.11
N GLY D 180 12.48 15.76 -22.28
CA GLY D 180 11.97 15.79 -20.92
C GLY D 180 12.64 16.90 -20.12
N ALA D 181 13.95 17.04 -20.28
CA ALA D 181 14.72 18.07 -19.57
C ALA D 181 14.05 19.44 -19.66
N ALA D 182 13.52 19.78 -20.83
CA ALA D 182 12.86 21.04 -21.03
C ALA D 182 11.39 21.07 -20.58
N VAL D 183 10.59 20.11 -21.03
CA VAL D 183 9.17 20.08 -20.66
C VAL D 183 8.86 19.63 -19.23
N LYS D 184 9.67 18.74 -18.68
CA LYS D 184 9.41 18.21 -17.35
C LYS D 184 10.32 18.66 -16.23
N THR D 185 11.64 18.55 -16.41
CA THR D 185 12.54 18.97 -15.35
C THR D 185 12.55 20.49 -15.23
N GLY D 186 12.69 21.17 -16.37
CA GLY D 186 12.75 22.61 -16.41
C GLY D 186 11.43 23.33 -16.44
N LYS D 187 10.43 22.73 -17.09
CA LYS D 187 9.12 23.36 -17.16
C LYS D 187 9.14 24.71 -17.89
N VAL D 188 9.84 24.72 -19.01
CA VAL D 188 9.98 25.91 -19.84
C VAL D 188 8.61 26.51 -20.12
N LYS D 189 8.45 27.77 -19.78
CA LYS D 189 7.20 28.50 -20.01
C LYS D 189 7.16 29.06 -21.42
N PRO D 190 5.94 29.20 -21.99
CA PRO D 190 5.85 29.74 -23.34
C PRO D 190 6.28 31.21 -23.40
N GLY D 191 6.89 31.59 -24.51
CA GLY D 191 7.34 32.97 -24.67
C GLY D 191 8.70 33.31 -24.06
N SER D 192 9.28 32.39 -23.30
CA SER D 192 10.57 32.62 -22.66
C SER D 192 11.78 32.41 -23.59
N THR D 193 12.98 32.53 -23.00
CA THR D 193 14.22 32.37 -23.74
C THR D 193 15.05 31.26 -23.14
N CYS D 194 15.53 30.38 -24.01
CA CYS D 194 16.29 29.24 -23.56
C CYS D 194 17.63 29.20 -24.23
N VAL D 195 18.62 28.63 -23.54
CA VAL D 195 19.95 28.51 -24.12
C VAL D 195 20.41 27.08 -23.93
N VAL D 196 20.76 26.43 -25.03
CA VAL D 196 21.21 25.05 -24.99
C VAL D 196 22.71 24.91 -25.26
N PHE D 197 23.44 24.49 -24.23
CA PHE D 197 24.87 24.27 -24.34
C PHE D 197 25.07 22.82 -24.76
N GLY D 198 25.35 22.58 -26.04
CA GLY D 198 25.57 21.22 -26.52
C GLY D 198 24.49 20.84 -27.52
N LEU D 199 24.89 20.65 -28.78
CA LEU D 199 23.94 20.35 -29.82
C LEU D 199 24.15 18.98 -30.44
N GLY D 200 24.37 17.97 -29.59
CA GLY D 200 24.50 16.61 -30.06
C GLY D 200 23.07 16.08 -30.07
N GLY D 201 22.93 14.76 -29.88
CA GLY D 201 21.62 14.13 -29.87
C GLY D 201 20.70 14.59 -28.74
N VAL D 202 21.22 14.69 -27.53
CA VAL D 202 20.39 15.13 -26.41
C VAL D 202 20.10 16.63 -26.54
N GLY D 203 21.15 17.38 -26.85
CA GLY D 203 21.02 18.82 -27.01
C GLY D 203 19.92 19.18 -27.97
N LEU D 204 19.95 18.58 -29.15
CA LEU D 204 18.94 18.86 -30.16
C LEU D 204 17.56 18.50 -29.64
N SER D 205 17.48 17.45 -28.81
CA SER D 205 16.21 17.01 -28.23
C SER D 205 15.64 18.07 -27.29
N VAL D 206 16.52 18.70 -26.50
CA VAL D 206 16.11 19.77 -25.59
C VAL D 206 15.51 20.94 -26.37
N ILE D 207 16.04 21.19 -27.57
CA ILE D 207 15.54 22.26 -28.42
C ILE D 207 14.11 21.95 -28.79
N MET D 208 13.86 20.68 -29.13
CA MET D 208 12.51 20.21 -29.48
C MET D 208 11.59 20.37 -28.27
N GLY D 209 12.14 20.13 -27.09
CA GLY D 209 11.37 20.28 -25.87
C GLY D 209 10.98 21.71 -25.71
N CYS D 210 11.97 22.61 -25.69
CA CYS D 210 11.75 24.07 -25.56
C CYS D 210 10.78 24.55 -26.62
N LYS D 211 10.93 24.05 -27.84
CA LYS D 211 10.04 24.41 -28.94
C LYS D 211 8.61 23.88 -28.66
N SER D 212 8.52 22.70 -28.04
CA SER D 212 7.20 22.15 -27.74
C SER D 212 6.60 22.97 -26.59
N ALA D 213 7.46 23.51 -25.76
CA ALA D 213 7.02 24.33 -24.63
C ALA D 213 6.66 25.76 -25.01
N GLY D 214 6.77 26.12 -26.29
CA GLY D 214 6.43 27.47 -26.73
C GLY D 214 7.48 28.59 -26.57
N ALA D 215 8.71 28.29 -26.18
CA ALA D 215 9.73 29.34 -26.00
C ALA D 215 9.87 30.16 -27.27
N SER D 216 10.00 31.49 -27.14
CA SER D 216 10.14 32.36 -28.31
C SER D 216 11.58 32.41 -28.83
N ARG D 217 12.54 32.12 -27.97
CA ARG D 217 13.94 32.14 -28.39
C ARG D 217 14.65 30.96 -27.76
N ILE D 218 15.34 30.21 -28.60
CA ILE D 218 16.10 29.03 -28.19
C ILE D 218 17.43 29.16 -28.91
N ILE D 219 18.46 29.57 -28.15
CA ILE D 219 19.81 29.79 -28.65
C ILE D 219 20.67 28.58 -28.42
N GLY D 220 21.21 28.02 -29.50
CA GLY D 220 22.08 26.86 -29.37
C GLY D 220 23.51 27.30 -29.29
N ILE D 221 24.30 26.56 -28.52
CA ILE D 221 25.72 26.84 -28.33
C ILE D 221 26.53 25.58 -28.51
N ASP D 222 27.49 25.61 -29.43
CA ASP D 222 28.36 24.46 -29.67
C ASP D 222 29.64 24.99 -30.30
N LEU D 223 30.78 24.39 -29.97
CA LEU D 223 32.04 24.77 -30.58
C LEU D 223 32.07 24.27 -32.02
N ASN D 224 31.32 23.21 -32.28
CA ASN D 224 31.28 22.65 -33.63
C ASN D 224 30.17 23.33 -34.40
N LYS D 225 30.53 24.28 -35.24
CA LYS D 225 29.57 25.01 -36.05
C LYS D 225 28.84 24.15 -37.08
N ASP D 226 29.31 22.92 -37.27
CA ASP D 226 28.67 22.00 -38.21
C ASP D 226 27.35 21.47 -37.62
N LYS D 227 27.18 21.69 -36.33
CA LYS D 227 25.99 21.26 -35.62
C LYS D 227 24.86 22.28 -35.75
N PHE D 228 25.21 23.51 -36.10
CA PHE D 228 24.22 24.59 -36.19
C PHE D 228 23.09 24.38 -37.17
N GLU D 229 23.39 23.83 -38.33
CA GLU D 229 22.35 23.64 -39.32
C GLU D 229 21.22 22.79 -38.78
N LYS D 230 21.59 21.67 -38.15
CA LYS D 230 20.65 20.76 -37.55
C LYS D 230 19.90 21.47 -36.44
N ALA D 231 20.64 22.14 -35.56
CA ALA D 231 20.02 22.87 -34.46
C ALA D 231 18.94 23.82 -34.94
N MET D 232 19.13 24.43 -36.12
CA MET D 232 18.15 25.36 -36.66
C MET D 232 16.96 24.62 -37.23
N ALA D 233 17.22 23.48 -37.86
CA ALA D 233 16.16 22.69 -38.46
C ALA D 233 15.18 22.17 -37.41
N VAL D 234 15.68 21.88 -36.21
CA VAL D 234 14.82 21.38 -35.13
C VAL D 234 14.21 22.46 -34.22
N GLY D 235 14.32 23.74 -34.58
CA GLY D 235 13.74 24.79 -33.75
C GLY D 235 14.56 25.91 -33.12
N ALA D 236 15.88 25.82 -33.12
CA ALA D 236 16.69 26.89 -32.54
C ALA D 236 16.45 28.20 -33.32
N THR D 237 16.35 29.31 -32.59
CA THR D 237 16.13 30.59 -33.25
C THR D 237 17.47 31.13 -33.80
N GLU D 238 18.58 30.77 -33.14
CA GLU D 238 19.93 31.14 -33.56
C GLU D 238 20.95 30.31 -32.81
N CYS D 239 22.17 30.24 -33.35
CA CYS D 239 23.26 29.48 -32.71
C CYS D 239 24.53 30.30 -32.69
N ILE D 240 25.39 30.05 -31.70
CA ILE D 240 26.67 30.75 -31.60
C ILE D 240 27.69 29.83 -30.94
N SER D 241 28.96 30.22 -30.98
CA SER D 241 30.05 29.44 -30.42
C SER D 241 30.74 30.31 -29.39
N PRO D 242 31.28 29.71 -28.32
CA PRO D 242 31.97 30.55 -27.33
C PRO D 242 33.18 31.23 -28.00
N LYS D 243 33.82 30.50 -28.93
CA LYS D 243 34.99 31.01 -29.64
C LYS D 243 34.72 32.24 -30.50
N ASP D 244 33.46 32.65 -30.61
CA ASP D 244 33.12 33.80 -31.44
C ASP D 244 33.48 35.15 -30.80
N SER D 245 33.58 35.17 -29.48
CA SER D 245 33.90 36.41 -28.76
C SER D 245 34.82 36.10 -27.59
N THR D 246 35.51 37.12 -27.09
CA THR D 246 36.42 36.92 -25.97
C THR D 246 35.73 37.18 -24.63
N LYS D 247 34.66 37.94 -24.63
CA LYS D 247 33.96 38.21 -23.39
C LYS D 247 33.23 36.95 -22.93
N PRO D 248 32.91 36.86 -21.63
CA PRO D 248 32.20 35.71 -21.08
C PRO D 248 30.91 35.42 -21.85
N ILE D 249 30.64 34.12 -22.06
CA ILE D 249 29.43 33.69 -22.76
C ILE D 249 28.19 34.22 -22.06
N SER D 250 28.21 34.23 -20.73
CA SER D 250 27.09 34.74 -19.95
C SER D 250 26.79 36.21 -20.29
N GLU D 251 27.84 36.99 -20.55
CA GLU D 251 27.70 38.40 -20.91
C GLU D 251 27.11 38.49 -22.30
N VAL D 252 27.64 37.70 -23.22
CA VAL D 252 27.15 37.70 -24.58
C VAL D 252 25.67 37.39 -24.58
N LEU D 253 25.28 36.33 -23.85
CA LEU D 253 23.88 35.92 -23.78
C LEU D 253 23.01 36.98 -23.16
N SER D 254 23.46 37.52 -22.04
CA SER D 254 22.68 38.56 -21.40
C SER D 254 22.43 39.68 -22.41
N GLU D 255 23.48 40.11 -23.11
CA GLU D 255 23.35 41.19 -24.07
C GLU D 255 22.44 40.81 -25.23
N MET D 256 22.64 39.62 -25.76
CA MET D 256 21.82 39.14 -26.86
C MET D 256 20.35 39.14 -26.50
N THR D 257 20.04 39.06 -25.20
CA THR D 257 18.66 38.99 -24.75
C THR D 257 18.09 40.13 -23.93
N GLY D 258 18.93 41.07 -23.48
CA GLY D 258 18.42 42.16 -22.67
C GLY D 258 18.26 41.67 -21.25
N ASN D 259 19.21 40.82 -20.84
CA ASN D 259 19.24 40.18 -19.53
C ASN D 259 17.91 39.45 -19.27
N ASN D 260 17.62 38.46 -20.12
CA ASN D 260 16.38 37.70 -20.00
C ASN D 260 16.51 36.21 -20.32
N VAL D 261 17.65 35.62 -20.00
CA VAL D 261 17.83 34.20 -20.25
C VAL D 261 17.03 33.42 -19.20
N GLY D 262 15.83 32.98 -19.62
CA GLY D 262 14.94 32.25 -18.74
C GLY D 262 15.46 30.89 -18.30
N TYR D 263 15.98 30.10 -19.24
CA TYR D 263 16.50 28.77 -18.90
C TYR D 263 17.74 28.41 -19.69
N THR D 264 18.68 27.70 -19.06
CA THR D 264 19.85 27.21 -19.78
C THR D 264 19.97 25.70 -19.53
N PHE D 265 20.57 24.99 -20.47
CA PHE D 265 20.71 23.56 -20.31
C PHE D 265 22.11 23.13 -20.65
N GLU D 266 22.78 22.47 -19.72
CA GLU D 266 24.12 21.97 -19.97
C GLU D 266 23.90 20.58 -20.54
N VAL D 267 24.11 20.42 -21.83
CA VAL D 267 23.91 19.14 -22.47
C VAL D 267 25.22 18.65 -23.07
N ILE D 268 26.29 18.70 -22.27
CA ILE D 268 27.62 18.29 -22.73
C ILE D 268 28.34 17.32 -21.79
N GLY D 269 28.54 17.74 -20.57
CA GLY D 269 29.28 16.89 -19.66
C GLY D 269 30.61 17.53 -19.27
N HIS D 270 30.65 18.85 -19.11
CA HIS D 270 31.88 19.55 -18.68
C HIS D 270 31.47 20.46 -17.52
N LEU D 271 32.22 20.37 -16.43
CA LEU D 271 31.98 21.18 -15.26
C LEU D 271 32.03 22.65 -15.63
N GLU D 272 32.99 23.00 -16.47
CA GLU D 272 33.20 24.37 -16.92
C GLU D 272 31.93 24.89 -17.59
N THR D 273 31.34 24.11 -18.49
CA THR D 273 30.10 24.52 -19.16
C THR D 273 28.93 24.47 -18.17
N MET D 274 29.02 23.65 -17.13
CA MET D 274 27.95 23.59 -16.12
C MET D 274 27.86 24.93 -15.44
N ILE D 275 29.03 25.49 -15.10
CA ILE D 275 29.15 26.81 -14.46
C ILE D 275 28.76 27.91 -15.47
N ASP D 276 29.16 27.75 -16.73
CA ASP D 276 28.82 28.73 -17.76
C ASP D 276 27.32 28.79 -17.93
N ALA D 277 26.69 27.61 -17.89
CA ALA D 277 25.24 27.51 -18.03
C ALA D 277 24.57 28.18 -16.83
N LEU D 278 25.03 27.83 -15.62
CA LEU D 278 24.46 28.43 -14.41
C LEU D 278 24.52 29.93 -14.56
N ALA D 279 25.72 30.46 -14.73
CA ALA D 279 25.96 31.91 -14.87
C ALA D 279 25.22 32.56 -16.02
N SER D 280 24.96 31.82 -17.09
CA SER D 280 24.25 32.39 -18.22
C SER D 280 22.75 32.62 -18.03
N CYS D 281 22.14 32.07 -16.99
CA CYS D 281 20.72 32.29 -16.81
C CYS D 281 20.55 33.49 -15.91
N HIS D 282 19.45 34.22 -16.09
CA HIS D 282 19.17 35.40 -15.30
C HIS D 282 19.39 35.15 -13.82
N MET D 283 20.32 35.88 -13.23
CA MET D 283 20.67 35.75 -11.81
C MET D 283 19.57 35.54 -10.77
N ASN D 284 18.40 36.14 -10.98
CA ASN D 284 17.30 36.00 -10.01
C ASN D 284 16.21 34.99 -10.36
N TYR D 285 15.66 35.09 -11.58
CA TYR D 285 14.60 34.19 -11.99
C TYR D 285 14.98 33.18 -13.07
N GLY D 286 16.27 32.87 -13.19
CA GLY D 286 16.70 31.94 -14.21
C GLY D 286 16.83 30.53 -13.65
N THR D 287 16.69 29.55 -14.53
CA THR D 287 16.81 28.14 -14.14
C THR D 287 17.86 27.52 -15.05
N SER D 288 18.72 26.70 -14.49
CA SER D 288 19.74 26.02 -15.27
C SER D 288 19.69 24.51 -14.93
N VAL D 289 19.45 23.68 -15.94
CA VAL D 289 19.34 22.22 -15.78
C VAL D 289 20.59 21.49 -16.22
N VAL D 290 21.15 20.70 -15.32
CA VAL D 290 22.35 19.97 -15.68
C VAL D 290 21.96 18.61 -16.27
N VAL D 291 22.02 18.52 -17.59
CA VAL D 291 21.69 17.29 -18.30
C VAL D 291 22.95 16.46 -18.51
N GLY D 292 24.05 17.12 -18.83
CA GLY D 292 25.30 16.44 -19.08
C GLY D 292 25.81 15.69 -17.89
N VAL D 293 26.47 14.56 -18.14
CA VAL D 293 26.97 13.78 -17.04
C VAL D 293 28.38 14.16 -16.67
N PRO D 294 28.56 14.69 -15.46
CA PRO D 294 29.88 15.09 -15.00
C PRO D 294 30.79 13.89 -14.97
N PRO D 295 32.05 14.07 -15.33
CA PRO D 295 33.04 12.98 -15.34
C PRO D 295 33.34 12.49 -13.92
N SER D 296 33.55 11.19 -13.79
CA SER D 296 33.82 10.57 -12.50
C SER D 296 34.84 11.25 -11.61
N ALA D 297 34.49 11.33 -10.33
CA ALA D 297 35.33 11.88 -9.26
C ALA D 297 35.93 13.28 -9.43
N LYS D 298 35.17 14.21 -10.01
CA LYS D 298 35.67 15.57 -10.19
C LYS D 298 34.79 16.55 -9.43
N MET D 299 35.42 17.33 -8.56
CA MET D 299 34.68 18.31 -7.77
C MET D 299 34.44 19.57 -8.61
N LEU D 300 33.37 20.30 -8.28
CA LEU D 300 33.02 21.52 -9.01
C LEU D 300 33.16 22.72 -8.09
N THR D 301 33.90 23.72 -8.57
CA THR D 301 34.16 24.96 -7.84
C THR D 301 33.51 26.05 -8.65
N TYR D 302 32.64 26.83 -8.03
CA TYR D 302 31.96 27.91 -8.73
C TYR D 302 31.73 29.01 -7.70
N ASP D 303 31.34 30.19 -8.17
CA ASP D 303 31.06 31.28 -7.25
C ASP D 303 29.65 31.19 -6.68
N PRO D 304 29.53 30.91 -5.38
CA PRO D 304 28.27 30.78 -4.62
C PRO D 304 27.30 31.89 -4.93
N MET D 305 27.83 33.11 -5.03
CA MET D 305 27.01 34.30 -5.30
C MET D 305 26.10 34.13 -6.52
N LEU D 306 26.56 33.31 -7.48
CA LEU D 306 25.78 33.07 -8.69
C LEU D 306 24.43 32.45 -8.26
N LEU D 307 24.48 31.60 -7.25
CA LEU D 307 23.30 30.93 -6.74
C LEU D 307 22.40 31.88 -5.93
N PHE D 308 22.95 32.41 -4.82
CA PHE D 308 22.22 33.30 -3.91
C PHE D 308 21.26 34.30 -4.51
N THR D 309 21.64 34.91 -5.63
CA THR D 309 20.78 35.90 -6.24
C THR D 309 19.41 35.38 -6.64
N GLY D 310 19.19 34.06 -6.56
CA GLY D 310 17.90 33.49 -6.89
C GLY D 310 17.87 32.45 -8.00
N ARG D 311 19.03 32.16 -8.57
CA ARG D 311 19.12 31.17 -9.64
C ARG D 311 18.70 29.78 -9.12
N THR D 312 18.06 28.99 -9.98
CA THR D 312 17.64 27.62 -9.64
C THR D 312 18.51 26.69 -10.46
N TRP D 313 19.22 25.81 -9.77
CA TRP D 313 20.12 24.88 -10.40
C TRP D 313 19.57 23.50 -10.04
N LYS D 314 19.29 22.65 -11.03
CA LYS D 314 18.73 21.33 -10.74
C LYS D 314 19.25 20.26 -11.72
N GLY D 315 19.38 19.03 -11.21
CA GLY D 315 19.86 17.91 -12.03
C GLY D 315 18.81 17.31 -12.95
N CYS D 316 19.18 16.32 -13.75
CA CYS D 316 18.20 15.71 -14.67
C CYS D 316 18.55 14.29 -15.07
N VAL D 317 17.73 13.33 -14.69
CA VAL D 317 17.94 11.94 -15.05
C VAL D 317 16.76 11.51 -15.95
N PHE D 318 17.09 11.04 -17.14
CA PHE D 318 16.12 10.59 -18.14
C PHE D 318 15.01 11.58 -18.43
N GLY D 319 15.34 12.88 -18.41
CA GLY D 319 14.36 13.91 -18.72
C GLY D 319 13.32 14.14 -17.66
N GLY D 320 13.54 13.58 -16.47
CA GLY D 320 12.59 13.73 -15.38
C GLY D 320 11.38 12.84 -15.57
N LEU D 321 11.52 11.85 -16.44
CA LEU D 321 10.44 10.93 -16.75
C LEU D 321 10.36 9.73 -15.81
N LYS D 322 9.14 9.26 -15.61
CA LYS D 322 8.86 8.06 -14.83
C LYS D 322 8.75 7.10 -15.99
N SER D 323 9.86 6.40 -16.22
CA SER D 323 10.02 5.49 -17.34
C SER D 323 8.84 4.66 -17.84
N ARG D 324 8.28 3.79 -16.98
CA ARG D 324 7.17 2.94 -17.43
C ARG D 324 5.91 3.67 -17.83
N ASP D 325 5.64 4.81 -17.23
CA ASP D 325 4.45 5.59 -17.59
C ASP D 325 4.71 6.48 -18.79
N ASP D 326 5.88 7.14 -18.82
CA ASP D 326 6.16 8.09 -19.91
C ASP D 326 6.71 7.56 -21.25
N VAL D 327 7.57 6.55 -21.23
CA VAL D 327 8.11 6.01 -22.49
C VAL D 327 6.99 5.61 -23.48
N PRO D 328 5.96 4.85 -23.02
CA PRO D 328 4.88 4.45 -23.94
C PRO D 328 4.09 5.63 -24.48
N LYS D 329 4.01 6.69 -23.68
CA LYS D 329 3.32 7.90 -24.08
C LYS D 329 4.12 8.65 -25.12
N LEU D 330 5.45 8.64 -25.01
CA LEU D 330 6.29 9.31 -25.98
C LEU D 330 6.18 8.54 -27.31
N VAL D 331 6.15 7.21 -27.24
CA VAL D 331 6.00 6.39 -28.45
C VAL D 331 4.64 6.74 -29.05
N THR D 332 3.61 6.78 -28.22
CA THR D 332 2.28 7.11 -28.72
C THR D 332 2.30 8.49 -29.38
N GLU D 333 2.94 9.45 -28.74
CA GLU D 333 3.03 10.78 -29.31
C GLU D 333 3.85 10.79 -30.62
N PHE D 334 4.89 9.96 -30.70
CA PHE D 334 5.67 9.87 -31.92
C PHE D 334 4.76 9.38 -33.03
N LEU D 335 3.96 8.34 -32.74
CA LEU D 335 3.05 7.80 -33.73
C LEU D 335 1.91 8.75 -34.02
N ALA D 336 1.68 9.70 -33.11
CA ALA D 336 0.65 10.70 -33.31
C ALA D 336 1.25 11.89 -34.11
N LYS D 337 2.51 11.73 -34.56
CA LYS D 337 3.20 12.71 -35.38
C LYS D 337 3.50 14.04 -34.66
N LYS D 338 3.61 13.97 -33.34
CA LYS D 338 3.87 15.15 -32.53
C LYS D 338 5.30 15.69 -32.59
N PHE D 339 6.20 14.89 -33.13
CA PHE D 339 7.59 15.27 -33.28
C PHE D 339 8.28 14.26 -34.19
N ASP D 340 9.39 14.68 -34.79
CA ASP D 340 10.12 13.83 -35.70
C ASP D 340 11.46 13.40 -35.12
N LEU D 341 11.78 12.11 -35.23
CA LEU D 341 13.04 11.64 -34.71
C LEU D 341 14.05 11.45 -35.81
N ASP D 342 13.59 11.48 -37.06
CA ASP D 342 14.48 11.31 -38.22
C ASP D 342 15.60 12.36 -38.25
N GLN D 343 15.28 13.57 -37.83
CA GLN D 343 16.25 14.66 -37.79
C GLN D 343 17.43 14.37 -36.88
N LEU D 344 17.22 13.45 -35.93
CA LEU D 344 18.27 13.09 -34.99
C LEU D 344 19.09 11.89 -35.45
N ILE D 345 18.58 11.10 -36.37
CA ILE D 345 19.30 9.91 -36.83
C ILE D 345 20.02 10.23 -38.11
N THR D 346 21.33 10.41 -38.01
CA THR D 346 22.13 10.75 -39.17
C THR D 346 22.79 9.54 -39.85
N HIS D 347 22.78 8.40 -39.16
CA HIS D 347 23.34 7.17 -39.69
C HIS D 347 22.58 5.97 -39.16
N VAL D 348 22.44 4.94 -40.01
CA VAL D 348 21.79 3.69 -39.64
C VAL D 348 22.72 2.67 -40.24
N LEU D 349 23.43 1.96 -39.37
CA LEU D 349 24.41 0.96 -39.77
C LEU D 349 24.13 -0.43 -39.18
N PRO D 350 24.67 -1.48 -39.80
CA PRO D 350 24.49 -2.84 -39.29
C PRO D 350 25.18 -2.88 -37.94
N PHE D 351 24.79 -3.77 -37.06
CA PHE D 351 25.43 -3.83 -35.75
C PHE D 351 26.95 -4.03 -35.78
N LYS D 352 27.43 -4.86 -36.70
CA LYS D 352 28.87 -5.16 -36.81
C LYS D 352 29.75 -3.94 -37.04
N LYS D 353 29.15 -2.88 -37.57
CA LYS D 353 29.82 -1.62 -37.85
C LYS D 353 29.74 -0.63 -36.68
N ILE D 354 29.70 -1.15 -35.47
CA ILE D 354 29.61 -0.33 -34.27
C ILE D 354 30.79 0.63 -34.07
N SER D 355 32.01 0.16 -34.32
CA SER D 355 33.20 0.99 -34.18
C SER D 355 33.15 2.23 -35.08
N GLU D 356 32.58 2.10 -36.27
CA GLU D 356 32.45 3.24 -37.16
C GLU D 356 31.41 4.16 -36.54
N GLY D 357 30.40 3.59 -35.89
CA GLY D 357 29.39 4.39 -35.23
C GLY D 357 30.05 5.23 -34.16
N PHE D 358 30.99 4.64 -33.44
CA PHE D 358 31.68 5.36 -32.38
C PHE D 358 32.67 6.38 -32.90
N GLU D 359 33.20 6.13 -34.09
CA GLU D 359 34.15 7.01 -34.72
C GLU D 359 33.41 8.29 -35.09
N LEU D 360 32.28 8.14 -35.77
CA LEU D 360 31.46 9.28 -36.19
C LEU D 360 30.97 10.09 -35.00
N LEU D 361 30.62 9.41 -33.92
CA LEU D 361 30.17 10.11 -32.74
C LEU D 361 31.31 11.02 -32.26
N ASN D 362 32.46 10.42 -32.01
CA ASN D 362 33.62 11.16 -31.53
C ASN D 362 34.15 12.23 -32.49
N SER D 363 34.11 11.97 -33.78
CA SER D 363 34.58 12.92 -34.79
C SER D 363 33.58 14.04 -35.07
N GLY D 364 32.50 14.11 -34.29
CA GLY D 364 31.50 15.14 -34.48
C GLY D 364 30.71 15.03 -35.77
N GLN D 365 30.90 13.93 -36.50
CA GLN D 365 30.20 13.77 -37.78
C GLN D 365 28.91 12.96 -37.79
N SER D 366 28.21 12.96 -36.66
CA SER D 366 26.96 12.20 -36.51
C SER D 366 26.22 12.63 -35.26
N ILE D 367 24.90 12.73 -35.35
CA ILE D 367 24.09 13.06 -34.17
C ILE D 367 23.90 11.67 -33.53
N ARG D 368 22.85 10.98 -33.95
CA ARG D 368 22.61 9.65 -33.43
C ARG D 368 22.84 8.66 -34.54
N THR D 369 23.63 7.65 -34.23
CA THR D 369 23.88 6.56 -35.16
C THR D 369 23.07 5.38 -34.55
N VAL D 370 22.20 4.79 -35.35
CA VAL D 370 21.39 3.66 -34.91
C VAL D 370 21.95 2.41 -35.53
N LEU D 371 22.22 1.41 -34.68
CA LEU D 371 22.74 0.11 -35.09
C LEU D 371 21.56 -0.87 -35.22
N THR D 372 21.53 -1.64 -36.30
CA THR D 372 20.44 -2.59 -36.53
C THR D 372 20.86 -4.06 -36.47
N PHE D 373 19.91 -4.93 -36.10
CA PHE D 373 20.17 -6.37 -36.00
C PHE D 373 19.46 -7.17 -37.10
#